data_5QS3
# 
_entry.id   5QS3 
# 
_audit_conform.dict_name       mmcif_pdbx.dic 
_audit_conform.dict_version    5.387 
_audit_conform.dict_location   http://mmcif.pdb.org/dictionaries/ascii/mmcif_pdbx.dic 
# 
loop_
_database_2.database_id 
_database_2.database_code 
_database_2.pdbx_database_accession 
_database_2.pdbx_DOI 
PDB   5QS3         pdb_00005qs3 10.2210/pdb5qs3/pdb 
WWPDB D_1001402336 ?            ?                   
# 
loop_
_pdbx_audit_revision_history.ordinal 
_pdbx_audit_revision_history.data_content_type 
_pdbx_audit_revision_history.major_revision 
_pdbx_audit_revision_history.minor_revision 
_pdbx_audit_revision_history.revision_date 
1 'Structure model' 1 0 2019-07-10 
2 'Structure model' 1 1 2019-08-07 
3 'Structure model' 1 2 2024-03-06 
# 
_pdbx_audit_revision_details.ordinal             1 
_pdbx_audit_revision_details.revision_ordinal    1 
_pdbx_audit_revision_details.data_content_type   'Structure model' 
_pdbx_audit_revision_details.provider            repository 
_pdbx_audit_revision_details.type                'Initial release' 
_pdbx_audit_revision_details.description         ? 
_pdbx_audit_revision_details.details             ? 
# 
loop_
_pdbx_audit_revision_group.ordinal 
_pdbx_audit_revision_group.revision_ordinal 
_pdbx_audit_revision_group.data_content_type 
_pdbx_audit_revision_group.group 
1 2 'Structure model' 'Author supporting evidence' 
2 2 'Structure model' 'Data collection'            
3 2 'Structure model' 'Structure summary'          
4 3 'Structure model' 'Data collection'            
5 3 'Structure model' 'Database references'        
6 3 'Structure model' 'Derived calculations'       
# 
loop_
_pdbx_audit_revision_category.ordinal 
_pdbx_audit_revision_category.revision_ordinal 
_pdbx_audit_revision_category.data_content_type 
_pdbx_audit_revision_category.category 
1 2 'Structure model' pdbx_entity_instance_feature 
2 2 'Structure model' pdbx_entry_details           
3 3 'Structure model' chem_comp_atom               
4 3 'Structure model' chem_comp_bond               
5 3 'Structure model' database_2                   
6 3 'Structure model' pdbx_struct_conn_angle       
7 3 'Structure model' struct_conn                  
# 
loop_
_pdbx_audit_revision_item.ordinal 
_pdbx_audit_revision_item.revision_ordinal 
_pdbx_audit_revision_item.data_content_type 
_pdbx_audit_revision_item.item 
1  3 'Structure model' '_database_2.pdbx_DOI'                        
2  3 'Structure model' '_database_2.pdbx_database_accession'         
3  3 'Structure model' '_pdbx_struct_conn_angle.ptnr1_auth_comp_id'  
4  3 'Structure model' '_pdbx_struct_conn_angle.ptnr1_auth_seq_id'   
5  3 'Structure model' '_pdbx_struct_conn_angle.ptnr1_label_alt_id'  
6  3 'Structure model' '_pdbx_struct_conn_angle.ptnr1_label_asym_id' 
7  3 'Structure model' '_pdbx_struct_conn_angle.ptnr1_label_atom_id' 
8  3 'Structure model' '_pdbx_struct_conn_angle.ptnr1_label_comp_id' 
9  3 'Structure model' '_pdbx_struct_conn_angle.ptnr1_label_seq_id'  
10 3 'Structure model' '_pdbx_struct_conn_angle.ptnr1_symmetry'      
11 3 'Structure model' '_pdbx_struct_conn_angle.ptnr3_auth_comp_id'  
12 3 'Structure model' '_pdbx_struct_conn_angle.ptnr3_auth_seq_id'   
13 3 'Structure model' '_pdbx_struct_conn_angle.ptnr3_label_alt_id'  
14 3 'Structure model' '_pdbx_struct_conn_angle.ptnr3_label_asym_id' 
15 3 'Structure model' '_pdbx_struct_conn_angle.ptnr3_label_atom_id' 
16 3 'Structure model' '_pdbx_struct_conn_angle.ptnr3_label_comp_id' 
17 3 'Structure model' '_pdbx_struct_conn_angle.ptnr3_label_seq_id'  
18 3 'Structure model' '_pdbx_struct_conn_angle.ptnr3_symmetry'      
19 3 'Structure model' '_pdbx_struct_conn_angle.value'               
20 3 'Structure model' '_struct_conn.pdbx_dist_value'                
21 3 'Structure model' '_struct_conn.pdbx_ptnr1_label_alt_id'        
22 3 'Structure model' '_struct_conn.ptnr1_auth_comp_id'             
23 3 'Structure model' '_struct_conn.ptnr1_auth_seq_id'              
24 3 'Structure model' '_struct_conn.ptnr1_label_asym_id'            
25 3 'Structure model' '_struct_conn.ptnr1_label_atom_id'            
26 3 'Structure model' '_struct_conn.ptnr1_label_comp_id'            
27 3 'Structure model' '_struct_conn.ptnr1_label_seq_id'             
28 3 'Structure model' '_struct_conn.ptnr2_auth_comp_id'             
29 3 'Structure model' '_struct_conn.ptnr2_auth_seq_id'              
30 3 'Structure model' '_struct_conn.ptnr2_label_asym_id'            
31 3 'Structure model' '_struct_conn.ptnr2_label_atom_id'            
32 3 'Structure model' '_struct_conn.ptnr2_label_comp_id'            
33 3 'Structure model' '_struct_conn.ptnr2_symmetry'                 
# 
_pdbx_database_status.entry_id                        5QS3 
_pdbx_database_status.status_code                     REL 
_pdbx_database_status.status_code_sf                  REL 
_pdbx_database_status.status_code_mr                  ? 
_pdbx_database_status.status_code_cs                  ? 
_pdbx_database_status.recvd_initial_deposition_date   2019-05-25 
_pdbx_database_status.deposit_site                    RCSB 
_pdbx_database_status.process_site                    RCSB 
_pdbx_database_status.SG_entry                        ? 
_pdbx_database_status.pdb_format_compatible           Y 
_pdbx_database_status.methods_development_category    ? 
_pdbx_database_status.status_code_nmr_data            ? 
# 
loop_
_audit_author.name 
_audit_author.pdbx_ordinal 
'Newman, J.A.'        1  
'Gavard, A.E.'        2  
'Fernandez-Cid, A.'   3  
'Sherestha, L.'       4  
'Burgess-Brown, N.A.' 5  
'von Delft, F.'       6  
'Arrowsmith, C.H.'    7  
'Edwards, A.'         8  
'Bountra, C.'         9  
'Gileadi, O.'         10 
# 
_citation.id                        primary 
_citation.title                     'PanDDA analysis group deposition' 
_citation.journal_abbrev            'To Be Published' 
_citation.journal_volume            ? 
_citation.page_first                ? 
_citation.page_last                 ? 
_citation.year                      ? 
_citation.journal_id_ASTM           ? 
_citation.country                   ? 
_citation.journal_id_ISSN           ? 
_citation.journal_id_CSD            0353 
_citation.book_publisher            ? 
_citation.pdbx_database_id_PubMed   ? 
_citation.pdbx_database_id_DOI      ? 
# 
loop_
_citation_author.citation_id 
_citation_author.name 
_citation_author.identifier_ORCID 
_citation_author.ordinal 
primary 'Newman, J.A.'        ? 1  
primary 'Gavard, A.E.'        ? 2  
primary 'Fernandez-Cid, A.'   ? 3  
primary 'Sherestha, L.'       ? 4  
primary 'Burgess-Brown, N.A.' ? 5  
primary 'von Delft, F.'       ? 6  
primary 'Arrowsmith, C.H.'    ? 7  
primary 'Edwards, A.'         ? 8  
primary 'Bountra, C.'         ? 9  
primary 'Gileadi, O.'         ? 10 
# 
loop_
_entity.id 
_entity.type 
_entity.src_method 
_entity.pdbx_description 
_entity.formula_weight 
_entity.pdbx_number_of_molecules 
_entity.pdbx_ec 
_entity.pdbx_mutation 
_entity.pdbx_fragment 
_entity.details 
1 polymer     man 'T-box transcription factor T'          19597.586 1  ? ? ? ? 
2 non-polymer syn 'CADMIUM ION'                           112.411   5  ? ? ? ? 
3 non-polymer syn 'N-[3-(carbamoylamino)phenyl]acetamide' 193.203   1  ? ? ? ? 
4 water       nat water                                   18.015    70 ? ? ? ? 
# 
_entity_name_com.entity_id   1 
_entity_name_com.name        'Brachyury protein,Protein T' 
# 
_entity_poly.entity_id                      1 
_entity_poly.type                           'polypeptide(L)' 
_entity_poly.nstd_linkage                   no 
_entity_poly.nstd_monomer                   no 
_entity_poly.pdbx_seq_one_letter_code       
;GELRVGLEESELWLRFKELTNEMIVTKNGRRMFPVLKVNVSGLDPNAMYSFLLDFVAADNHRWKYVNGEWVPGGKPEPQA
PSCVYIHPDSPNFGAHWMKAPVSFSKVKLTNKLNGGGQIMLNSLHKYEPRIHIVRVGGPQRMITSHCFPETQFIAVTAYQ
NEEITALKIKYN
;
_entity_poly.pdbx_seq_one_letter_code_can   
;GELRVGLEESELWLRFKELTNEMIVTKNGRRMFPVLKVNVSGLDPNAMYSFLLDFVAADNHRWKYVNGEWVPGGKPEPQA
PSCVYIHPDSPNFGAHWMKAPVSFSKVKLTNKLNGGGQIMLNSLHKYEPRIHIVRVGGPQRMITSHCFPETQFIAVTAYQ
NEEITALKIKYN
;
_entity_poly.pdbx_strand_id                 A 
_entity_poly.pdbx_target_identifier         ? 
# 
loop_
_pdbx_entity_nonpoly.entity_id 
_pdbx_entity_nonpoly.name 
_pdbx_entity_nonpoly.comp_id 
2 'CADMIUM ION'                           CD  
3 'N-[3-(carbamoylamino)phenyl]acetamide' LJA 
4 water                                   HOH 
# 
loop_
_entity_poly_seq.entity_id 
_entity_poly_seq.num 
_entity_poly_seq.mon_id 
_entity_poly_seq.hetero 
1 1   GLY n 
1 2   GLU n 
1 3   LEU n 
1 4   ARG n 
1 5   VAL n 
1 6   GLY n 
1 7   LEU n 
1 8   GLU n 
1 9   GLU n 
1 10  SER n 
1 11  GLU n 
1 12  LEU n 
1 13  TRP n 
1 14  LEU n 
1 15  ARG n 
1 16  PHE n 
1 17  LYS n 
1 18  GLU n 
1 19  LEU n 
1 20  THR n 
1 21  ASN n 
1 22  GLU n 
1 23  MET n 
1 24  ILE n 
1 25  VAL n 
1 26  THR n 
1 27  LYS n 
1 28  ASN n 
1 29  GLY n 
1 30  ARG n 
1 31  ARG n 
1 32  MET n 
1 33  PHE n 
1 34  PRO n 
1 35  VAL n 
1 36  LEU n 
1 37  LYS n 
1 38  VAL n 
1 39  ASN n 
1 40  VAL n 
1 41  SER n 
1 42  GLY n 
1 43  LEU n 
1 44  ASP n 
1 45  PRO n 
1 46  ASN n 
1 47  ALA n 
1 48  MET n 
1 49  TYR n 
1 50  SER n 
1 51  PHE n 
1 52  LEU n 
1 53  LEU n 
1 54  ASP n 
1 55  PHE n 
1 56  VAL n 
1 57  ALA n 
1 58  ALA n 
1 59  ASP n 
1 60  ASN n 
1 61  HIS n 
1 62  ARG n 
1 63  TRP n 
1 64  LYS n 
1 65  TYR n 
1 66  VAL n 
1 67  ASN n 
1 68  GLY n 
1 69  GLU n 
1 70  TRP n 
1 71  VAL n 
1 72  PRO n 
1 73  GLY n 
1 74  GLY n 
1 75  LYS n 
1 76  PRO n 
1 77  GLU n 
1 78  PRO n 
1 79  GLN n 
1 80  ALA n 
1 81  PRO n 
1 82  SER n 
1 83  CYS n 
1 84  VAL n 
1 85  TYR n 
1 86  ILE n 
1 87  HIS n 
1 88  PRO n 
1 89  ASP n 
1 90  SER n 
1 91  PRO n 
1 92  ASN n 
1 93  PHE n 
1 94  GLY n 
1 95  ALA n 
1 96  HIS n 
1 97  TRP n 
1 98  MET n 
1 99  LYS n 
1 100 ALA n 
1 101 PRO n 
1 102 VAL n 
1 103 SER n 
1 104 PHE n 
1 105 SER n 
1 106 LYS n 
1 107 VAL n 
1 108 LYS n 
1 109 LEU n 
1 110 THR n 
1 111 ASN n 
1 112 LYS n 
1 113 LEU n 
1 114 ASN n 
1 115 GLY n 
1 116 GLY n 
1 117 GLY n 
1 118 GLN n 
1 119 ILE n 
1 120 MET n 
1 121 LEU n 
1 122 ASN n 
1 123 SER n 
1 124 LEU n 
1 125 HIS n 
1 126 LYS n 
1 127 TYR n 
1 128 GLU n 
1 129 PRO n 
1 130 ARG n 
1 131 ILE n 
1 132 HIS n 
1 133 ILE n 
1 134 VAL n 
1 135 ARG n 
1 136 VAL n 
1 137 GLY n 
1 138 GLY n 
1 139 PRO n 
1 140 GLN n 
1 141 ARG n 
1 142 MET n 
1 143 ILE n 
1 144 THR n 
1 145 SER n 
1 146 HIS n 
1 147 CYS n 
1 148 PHE n 
1 149 PRO n 
1 150 GLU n 
1 151 THR n 
1 152 GLN n 
1 153 PHE n 
1 154 ILE n 
1 155 ALA n 
1 156 VAL n 
1 157 THR n 
1 158 ALA n 
1 159 TYR n 
1 160 GLN n 
1 161 ASN n 
1 162 GLU n 
1 163 GLU n 
1 164 ILE n 
1 165 THR n 
1 166 ALA n 
1 167 LEU n 
1 168 LYS n 
1 169 ILE n 
1 170 LYS n 
1 171 TYR n 
1 172 ASN n 
# 
_entity_src_gen.entity_id                          1 
_entity_src_gen.pdbx_src_id                        1 
_entity_src_gen.pdbx_alt_source_flag               sample 
_entity_src_gen.pdbx_seq_type                      'Biological sequence' 
_entity_src_gen.pdbx_beg_seq_num                   1 
_entity_src_gen.pdbx_end_seq_num                   172 
_entity_src_gen.gene_src_common_name               Human 
_entity_src_gen.gene_src_genus                     ? 
_entity_src_gen.pdbx_gene_src_gene                 'TBXT, T' 
_entity_src_gen.gene_src_species                   ? 
_entity_src_gen.gene_src_strain                    ? 
_entity_src_gen.gene_src_tissue                    ? 
_entity_src_gen.gene_src_tissue_fraction           ? 
_entity_src_gen.gene_src_details                   ? 
_entity_src_gen.pdbx_gene_src_fragment             ? 
_entity_src_gen.pdbx_gene_src_scientific_name      'Homo sapiens' 
_entity_src_gen.pdbx_gene_src_ncbi_taxonomy_id     9606 
_entity_src_gen.pdbx_gene_src_variant              ? 
_entity_src_gen.pdbx_gene_src_cell_line            ? 
_entity_src_gen.pdbx_gene_src_atcc                 ? 
_entity_src_gen.pdbx_gene_src_organ                ? 
_entity_src_gen.pdbx_gene_src_organelle            ? 
_entity_src_gen.pdbx_gene_src_cell                 ? 
_entity_src_gen.pdbx_gene_src_cellular_location    ? 
_entity_src_gen.host_org_common_name               ? 
_entity_src_gen.pdbx_host_org_scientific_name      'Escherichia coli' 
_entity_src_gen.pdbx_host_org_ncbi_taxonomy_id     562 
_entity_src_gen.host_org_genus                     ? 
_entity_src_gen.pdbx_host_org_gene                 ? 
_entity_src_gen.pdbx_host_org_organ                ? 
_entity_src_gen.host_org_species                   ? 
_entity_src_gen.pdbx_host_org_tissue               ? 
_entity_src_gen.pdbx_host_org_tissue_fraction      ? 
_entity_src_gen.pdbx_host_org_strain               ? 
_entity_src_gen.pdbx_host_org_variant              ? 
_entity_src_gen.pdbx_host_org_cell_line            ? 
_entity_src_gen.pdbx_host_org_atcc                 ? 
_entity_src_gen.pdbx_host_org_culture_collection   ? 
_entity_src_gen.pdbx_host_org_cell                 ? 
_entity_src_gen.pdbx_host_org_organelle            ? 
_entity_src_gen.pdbx_host_org_cellular_location    ? 
_entity_src_gen.pdbx_host_org_vector_type          ? 
_entity_src_gen.pdbx_host_org_vector               ? 
_entity_src_gen.host_org_details                   ? 
_entity_src_gen.expression_system_id               ? 
_entity_src_gen.plasmid_name                       ? 
_entity_src_gen.plasmid_details                    ? 
_entity_src_gen.pdbx_description                   ? 
# 
loop_
_chem_comp.id 
_chem_comp.type 
_chem_comp.mon_nstd_flag 
_chem_comp.name 
_chem_comp.pdbx_synonyms 
_chem_comp.formula 
_chem_comp.formula_weight 
ALA 'L-peptide linking' y ALANINE                                 ? 'C3 H7 N O2'     89.093  
ARG 'L-peptide linking' y ARGININE                                ? 'C6 H15 N4 O2 1' 175.209 
ASN 'L-peptide linking' y ASPARAGINE                              ? 'C4 H8 N2 O3'    132.118 
ASP 'L-peptide linking' y 'ASPARTIC ACID'                         ? 'C4 H7 N O4'     133.103 
CD  non-polymer         . 'CADMIUM ION'                           ? 'Cd 2'           112.411 
CYS 'L-peptide linking' y CYSTEINE                                ? 'C3 H7 N O2 S'   121.158 
GLN 'L-peptide linking' y GLUTAMINE                               ? 'C5 H10 N2 O3'   146.144 
GLU 'L-peptide linking' y 'GLUTAMIC ACID'                         ? 'C5 H9 N O4'     147.129 
GLY 'peptide linking'   y GLYCINE                                 ? 'C2 H5 N O2'     75.067  
HIS 'L-peptide linking' y HISTIDINE                               ? 'C6 H10 N3 O2 1' 156.162 
HOH non-polymer         . WATER                                   ? 'H2 O'           18.015  
ILE 'L-peptide linking' y ISOLEUCINE                              ? 'C6 H13 N O2'    131.173 
LEU 'L-peptide linking' y LEUCINE                                 ? 'C6 H13 N O2'    131.173 
LJA non-polymer         . 'N-[3-(carbamoylamino)phenyl]acetamide' ? 'C9 H11 N3 O2'   193.203 
LYS 'L-peptide linking' y LYSINE                                  ? 'C6 H15 N2 O2 1' 147.195 
MET 'L-peptide linking' y METHIONINE                              ? 'C5 H11 N O2 S'  149.211 
PHE 'L-peptide linking' y PHENYLALANINE                           ? 'C9 H11 N O2'    165.189 
PRO 'L-peptide linking' y PROLINE                                 ? 'C5 H9 N O2'     115.130 
SER 'L-peptide linking' y SERINE                                  ? 'C3 H7 N O3'     105.093 
THR 'L-peptide linking' y THREONINE                               ? 'C4 H9 N O3'     119.119 
TRP 'L-peptide linking' y TRYPTOPHAN                              ? 'C11 H12 N2 O2'  204.225 
TYR 'L-peptide linking' y TYROSINE                                ? 'C9 H11 N O3'    181.189 
VAL 'L-peptide linking' y VALINE                                  ? 'C5 H11 N O2'    117.146 
# 
loop_
_pdbx_poly_seq_scheme.asym_id 
_pdbx_poly_seq_scheme.entity_id 
_pdbx_poly_seq_scheme.seq_id 
_pdbx_poly_seq_scheme.mon_id 
_pdbx_poly_seq_scheme.ndb_seq_num 
_pdbx_poly_seq_scheme.pdb_seq_num 
_pdbx_poly_seq_scheme.auth_seq_num 
_pdbx_poly_seq_scheme.pdb_mon_id 
_pdbx_poly_seq_scheme.auth_mon_id 
_pdbx_poly_seq_scheme.pdb_strand_id 
_pdbx_poly_seq_scheme.pdb_ins_code 
_pdbx_poly_seq_scheme.hetero 
A 1 1   GLY 1   40  ?   ?   ?   A . n 
A 1 2   GLU 2   41  41  GLU GLU A . n 
A 1 3   LEU 3   42  42  LEU LEU A . n 
A 1 4   ARG 4   43  43  ARG ARG A . n 
A 1 5   VAL 5   44  44  VAL VAL A . n 
A 1 6   GLY 6   45  45  GLY GLY A . n 
A 1 7   LEU 7   46  46  LEU LEU A . n 
A 1 8   GLU 8   47  47  GLU GLU A . n 
A 1 9   GLU 9   48  48  GLU GLU A . n 
A 1 10  SER 10  49  49  SER SER A . n 
A 1 11  GLU 11  50  50  GLU GLU A . n 
A 1 12  LEU 12  51  51  LEU LEU A . n 
A 1 13  TRP 13  52  52  TRP TRP A . n 
A 1 14  LEU 14  53  53  LEU LEU A . n 
A 1 15  ARG 15  54  54  ARG ARG A . n 
A 1 16  PHE 16  55  55  PHE PHE A . n 
A 1 17  LYS 17  56  56  LYS LYS A . n 
A 1 18  GLU 18  57  57  GLU GLU A . n 
A 1 19  LEU 19  58  58  LEU LEU A . n 
A 1 20  THR 20  59  59  THR THR A . n 
A 1 21  ASN 21  60  60  ASN ASN A . n 
A 1 22  GLU 22  61  61  GLU GLU A . n 
A 1 23  MET 23  62  62  MET MET A . n 
A 1 24  ILE 24  63  63  ILE ILE A . n 
A 1 25  VAL 25  64  64  VAL VAL A . n 
A 1 26  THR 26  65  65  THR THR A . n 
A 1 27  LYS 27  66  66  LYS LYS A . n 
A 1 28  ASN 28  67  67  ASN ASN A . n 
A 1 29  GLY 29  68  68  GLY GLY A . n 
A 1 30  ARG 30  69  69  ARG ARG A . n 
A 1 31  ARG 31  70  70  ARG ARG A . n 
A 1 32  MET 32  71  71  MET MET A . n 
A 1 33  PHE 33  72  72  PHE PHE A . n 
A 1 34  PRO 34  73  73  PRO PRO A . n 
A 1 35  VAL 35  74  74  VAL VAL A . n 
A 1 36  LEU 36  75  75  LEU LEU A . n 
A 1 37  LYS 37  76  76  LYS LYS A . n 
A 1 38  VAL 38  77  77  VAL VAL A . n 
A 1 39  ASN 39  78  78  ASN ASN A . n 
A 1 40  VAL 40  79  79  VAL VAL A . n 
A 1 41  SER 41  80  80  SER SER A . n 
A 1 42  GLY 42  81  81  GLY GLY A . n 
A 1 43  LEU 43  82  82  LEU LEU A . n 
A 1 44  ASP 44  83  83  ASP ASP A . n 
A 1 45  PRO 45  84  84  PRO PRO A . n 
A 1 46  ASN 46  85  85  ASN ASN A . n 
A 1 47  ALA 47  86  86  ALA ALA A . n 
A 1 48  MET 48  87  87  MET MET A . n 
A 1 49  TYR 49  88  88  TYR TYR A . n 
A 1 50  SER 50  89  89  SER SER A . n 
A 1 51  PHE 51  90  90  PHE PHE A . n 
A 1 52  LEU 52  91  91  LEU LEU A . n 
A 1 53  LEU 53  92  92  LEU LEU A . n 
A 1 54  ASP 54  93  93  ASP ASP A . n 
A 1 55  PHE 55  94  94  PHE PHE A . n 
A 1 56  VAL 56  95  95  VAL VAL A . n 
A 1 57  ALA 57  96  96  ALA ALA A . n 
A 1 58  ALA 58  97  97  ALA ALA A . n 
A 1 59  ASP 59  98  98  ASP ASP A . n 
A 1 60  ASN 60  99  99  ASN ASN A . n 
A 1 61  HIS 61  100 100 HIS HIS A . n 
A 1 62  ARG 62  101 101 ARG ARG A . n 
A 1 63  TRP 63  102 102 TRP TRP A . n 
A 1 64  LYS 64  103 103 LYS LYS A . n 
A 1 65  TYR 65  104 104 TYR TYR A . n 
A 1 66  VAL 66  105 105 VAL VAL A . n 
A 1 67  ASN 67  106 106 ASN ASN A . n 
A 1 68  GLY 68  107 107 GLY GLY A . n 
A 1 69  GLU 69  108 108 GLU GLU A . n 
A 1 70  TRP 70  109 109 TRP TRP A . n 
A 1 71  VAL 71  110 110 VAL VAL A . n 
A 1 72  PRO 72  111 111 PRO PRO A . n 
A 1 73  GLY 73  112 112 GLY GLY A . n 
A 1 74  GLY 74  113 113 GLY GLY A . n 
A 1 75  LYS 75  114 114 LYS LYS A . n 
A 1 76  PRO 76  115 115 PRO PRO A . n 
A 1 77  GLU 77  116 116 GLU GLU A . n 
A 1 78  PRO 78  117 117 PRO PRO A . n 
A 1 79  GLN 79  118 118 GLN GLN A . n 
A 1 80  ALA 80  119 119 ALA ALA A . n 
A 1 81  PRO 81  120 120 PRO PRO A . n 
A 1 82  SER 82  121 121 SER SER A . n 
A 1 83  CYS 83  122 122 CYS CYS A . n 
A 1 84  VAL 84  123 123 VAL VAL A . n 
A 1 85  TYR 85  124 124 TYR TYR A . n 
A 1 86  ILE 86  125 125 ILE ILE A . n 
A 1 87  HIS 87  126 126 HIS HIS A . n 
A 1 88  PRO 88  127 127 PRO PRO A . n 
A 1 89  ASP 89  128 128 ASP ASP A . n 
A 1 90  SER 90  129 129 SER SER A . n 
A 1 91  PRO 91  130 130 PRO PRO A . n 
A 1 92  ASN 92  131 131 ASN ASN A . n 
A 1 93  PHE 93  132 132 PHE PHE A . n 
A 1 94  GLY 94  133 133 GLY GLY A . n 
A 1 95  ALA 95  134 134 ALA ALA A . n 
A 1 96  HIS 96  135 135 HIS HIS A . n 
A 1 97  TRP 97  136 136 TRP TRP A . n 
A 1 98  MET 98  137 137 MET MET A . n 
A 1 99  LYS 99  138 138 LYS LYS A . n 
A 1 100 ALA 100 139 139 ALA ALA A . n 
A 1 101 PRO 101 140 140 PRO PRO A . n 
A 1 102 VAL 102 141 141 VAL VAL A . n 
A 1 103 SER 103 142 142 SER SER A . n 
A 1 104 PHE 104 143 143 PHE PHE A . n 
A 1 105 SER 105 144 144 SER SER A . n 
A 1 106 LYS 106 145 145 LYS LYS A . n 
A 1 107 VAL 107 146 146 VAL VAL A . n 
A 1 108 LYS 108 147 147 LYS LYS A . n 
A 1 109 LEU 109 148 148 LEU LEU A . n 
A 1 110 THR 110 149 149 THR THR A . n 
A 1 111 ASN 111 150 150 ASN ASN A . n 
A 1 112 LYS 112 151 151 LYS LYS A . n 
A 1 113 LEU 113 152 152 LEU LEU A . n 
A 1 114 ASN 114 153 153 ASN ASN A . n 
A 1 115 GLY 115 154 154 GLY GLY A . n 
A 1 116 GLY 116 155 155 GLY GLY A . n 
A 1 117 GLY 117 156 156 GLY GLY A . n 
A 1 118 GLN 118 157 157 GLN GLN A . n 
A 1 119 ILE 119 158 158 ILE ILE A . n 
A 1 120 MET 120 159 159 MET MET A . n 
A 1 121 LEU 121 160 160 LEU LEU A . n 
A 1 122 ASN 122 161 161 ASN ASN A . n 
A 1 123 SER 123 162 162 SER SER A . n 
A 1 124 LEU 124 163 163 LEU LEU A . n 
A 1 125 HIS 125 164 164 HIS HIS A . n 
A 1 126 LYS 126 165 165 LYS LYS A . n 
A 1 127 TYR 127 166 166 TYR TYR A . n 
A 1 128 GLU 128 167 167 GLU GLU A . n 
A 1 129 PRO 129 168 168 PRO PRO A . n 
A 1 130 ARG 130 169 169 ARG ARG A . n 
A 1 131 ILE 131 170 170 ILE ILE A . n 
A 1 132 HIS 132 171 171 HIS HIS A . n 
A 1 133 ILE 133 172 172 ILE ILE A . n 
A 1 134 VAL 134 173 173 VAL VAL A . n 
A 1 135 ARG 135 174 174 ARG ARG A . n 
A 1 136 VAL 136 175 175 VAL VAL A . n 
A 1 137 GLY 137 176 176 GLY GLY A . n 
A 1 138 GLY 138 177 177 GLY GLY A . n 
A 1 139 PRO 139 178 178 PRO PRO A . n 
A 1 140 GLN 140 179 179 GLN GLN A . n 
A 1 141 ARG 141 180 180 ARG ARG A . n 
A 1 142 MET 142 181 181 MET MET A . n 
A 1 143 ILE 143 182 182 ILE ILE A . n 
A 1 144 THR 144 183 183 THR THR A . n 
A 1 145 SER 145 184 184 SER SER A . n 
A 1 146 HIS 146 185 185 HIS HIS A . n 
A 1 147 CYS 147 186 186 CYS CYS A . n 
A 1 148 PHE 148 187 187 PHE PHE A . n 
A 1 149 PRO 149 188 188 PRO PRO A . n 
A 1 150 GLU 150 189 189 GLU GLU A . n 
A 1 151 THR 151 190 190 THR THR A . n 
A 1 152 GLN 152 191 191 GLN GLN A . n 
A 1 153 PHE 153 192 192 PHE PHE A . n 
A 1 154 ILE 154 193 193 ILE ILE A . n 
A 1 155 ALA 155 194 194 ALA ALA A . n 
A 1 156 VAL 156 195 195 VAL VAL A . n 
A 1 157 THR 157 196 196 THR THR A . n 
A 1 158 ALA 158 197 197 ALA ALA A . n 
A 1 159 TYR 159 198 198 TYR TYR A . n 
A 1 160 GLN 160 199 199 GLN GLN A . n 
A 1 161 ASN 161 200 200 ASN ASN A . n 
A 1 162 GLU 162 201 201 GLU GLU A . n 
A 1 163 GLU 163 202 202 GLU GLU A . n 
A 1 164 ILE 164 203 203 ILE ILE A . n 
A 1 165 THR 165 204 204 THR THR A . n 
A 1 166 ALA 166 205 205 ALA ALA A . n 
A 1 167 LEU 167 206 206 LEU LEU A . n 
A 1 168 LYS 168 207 207 LYS LYS A . n 
A 1 169 ILE 169 208 208 ILE ILE A . n 
A 1 170 LYS 170 209 209 LYS LYS A . n 
A 1 171 TYR 171 210 210 TYR TYR A . n 
A 1 172 ASN 172 211 211 ASN ASN A . n 
# 
loop_
_pdbx_nonpoly_scheme.asym_id 
_pdbx_nonpoly_scheme.entity_id 
_pdbx_nonpoly_scheme.mon_id 
_pdbx_nonpoly_scheme.ndb_seq_num 
_pdbx_nonpoly_scheme.pdb_seq_num 
_pdbx_nonpoly_scheme.auth_seq_num 
_pdbx_nonpoly_scheme.pdb_mon_id 
_pdbx_nonpoly_scheme.auth_mon_id 
_pdbx_nonpoly_scheme.pdb_strand_id 
_pdbx_nonpoly_scheme.pdb_ins_code 
B 2 CD  1  301 1  CD  CD  A . 
C 2 CD  1  302 2  CD  CD  A . 
D 2 CD  1  303 3  CD  CD  A . 
E 2 CD  1  304 4  CD  CD  A . 
F 2 CD  1  305 5  CD  CD  A . 
G 3 LJA 1  306 1  LJA LIG A . 
H 4 HOH 1  401 48 HOH HOH A . 
H 4 HOH 2  402 71 HOH HOH A . 
H 4 HOH 3  403 68 HOH HOH A . 
H 4 HOH 4  404 53 HOH HOH A . 
H 4 HOH 5  405 79 HOH HOH A . 
H 4 HOH 6  406 58 HOH HOH A . 
H 4 HOH 7  407 44 HOH HOH A . 
H 4 HOH 8  408 24 HOH HOH A . 
H 4 HOH 9  409 21 HOH HOH A . 
H 4 HOH 10 410 50 HOH HOH A . 
H 4 HOH 11 411 54 HOH HOH A . 
H 4 HOH 12 412 14 HOH HOH A . 
H 4 HOH 13 413 51 HOH HOH A . 
H 4 HOH 14 414 41 HOH HOH A . 
H 4 HOH 15 415 16 HOH HOH A . 
H 4 HOH 16 416 56 HOH HOH A . 
H 4 HOH 17 417 70 HOH HOH A . 
H 4 HOH 18 418 19 HOH HOH A . 
H 4 HOH 19 419 61 HOH HOH A . 
H 4 HOH 20 420 52 HOH HOH A . 
H 4 HOH 21 421 33 HOH HOH A . 
H 4 HOH 22 422 31 HOH HOH A . 
H 4 HOH 23 423 1  HOH HOH A . 
H 4 HOH 24 424 32 HOH HOH A . 
H 4 HOH 25 425 4  HOH HOH A . 
H 4 HOH 26 426 47 HOH HOH A . 
H 4 HOH 27 427 52 HOH HOH A . 
H 4 HOH 28 428 45 HOH HOH A . 
H 4 HOH 29 429 6  HOH HOH A . 
H 4 HOH 30 430 10 HOH HOH A . 
H 4 HOH 31 431 75 HOH HOH A . 
H 4 HOH 32 432 17 HOH HOH A . 
H 4 HOH 33 433 69 HOH HOH A . 
H 4 HOH 34 434 49 HOH HOH A . 
H 4 HOH 35 435 67 HOH HOH A . 
H 4 HOH 36 436 55 HOH HOH A . 
H 4 HOH 37 437 7  HOH HOH A . 
H 4 HOH 38 438 28 HOH HOH A . 
H 4 HOH 39 439 60 HOH HOH A . 
H 4 HOH 40 440 8  HOH HOH A . 
H 4 HOH 41 441 63 HOH HOH A . 
H 4 HOH 42 442 14 HOH HOH A . 
H 4 HOH 43 443 12 HOH HOH A . 
H 4 HOH 44 444 46 HOH HOH A . 
H 4 HOH 45 445 73 HOH HOH A . 
H 4 HOH 46 446 18 HOH HOH A . 
H 4 HOH 47 447 8  HOH HOH A . 
H 4 HOH 48 448 66 HOH HOH A . 
H 4 HOH 49 449 2  HOH HOH A . 
H 4 HOH 50 450 11 HOH HOH A . 
H 4 HOH 51 451 64 HOH HOH A . 
H 4 HOH 52 452 77 HOH HOH A . 
H 4 HOH 53 453 4  HOH HOH A . 
H 4 HOH 54 454 23 HOH HOH A . 
H 4 HOH 55 455 1  HOH HOH A . 
H 4 HOH 56 456 65 HOH HOH A . 
H 4 HOH 57 457 3  HOH HOH A . 
H 4 HOH 58 458 6  HOH HOH A . 
H 4 HOH 59 459 30 HOH HOH A . 
H 4 HOH 60 460 5  HOH HOH A . 
H 4 HOH 61 461 72 HOH HOH A . 
H 4 HOH 62 462 62 HOH HOH A . 
H 4 HOH 63 463 3  HOH HOH A . 
H 4 HOH 64 464 13 HOH HOH A . 
H 4 HOH 65 465 10 HOH HOH A . 
H 4 HOH 66 466 15 HOH HOH A . 
H 4 HOH 67 467 43 HOH HOH A . 
H 4 HOH 68 468 78 HOH HOH A . 
H 4 HOH 69 469 17 HOH HOH A . 
H 4 HOH 70 470 18 HOH HOH A . 
# 
loop_
_pdbx_unobs_or_zero_occ_atoms.id 
_pdbx_unobs_or_zero_occ_atoms.PDB_model_num 
_pdbx_unobs_or_zero_occ_atoms.polymer_flag 
_pdbx_unobs_or_zero_occ_atoms.occupancy_flag 
_pdbx_unobs_or_zero_occ_atoms.auth_asym_id 
_pdbx_unobs_or_zero_occ_atoms.auth_comp_id 
_pdbx_unobs_or_zero_occ_atoms.auth_seq_id 
_pdbx_unobs_or_zero_occ_atoms.PDB_ins_code 
_pdbx_unobs_or_zero_occ_atoms.auth_atom_id 
_pdbx_unobs_or_zero_occ_atoms.label_alt_id 
_pdbx_unobs_or_zero_occ_atoms.label_asym_id 
_pdbx_unobs_or_zero_occ_atoms.label_comp_id 
_pdbx_unobs_or_zero_occ_atoms.label_seq_id 
_pdbx_unobs_or_zero_occ_atoms.label_atom_id 
1 1 Y 1 A ARG 43 ? CG  ? A ARG 4 CG  
2 1 Y 1 A ARG 43 ? CD  ? A ARG 4 CD  
3 1 Y 1 A ARG 43 ? NE  ? A ARG 4 NE  
4 1 Y 1 A ARG 43 ? CZ  ? A ARG 4 CZ  
5 1 Y 1 A ARG 43 ? NH1 ? A ARG 4 NH1 
6 1 Y 1 A ARG 43 ? NH2 ? A ARG 4 NH2 
# 
loop_
_software.pdbx_ordinal 
_software.name 
_software.version 
_software.date 
_software.type 
_software.contact_author 
_software.contact_author_email 
_software.classification 
_software.location 
_software.language 
_software.citation_id 
1 REFMAC      5.8.0238 ?               program 'Garib N. Murshudov' garib@ysbl.york.ac.uk    refinement        
http://www.ccp4.ac.uk/dist/html/refmac5.html        Fortran_77 ? 
2 Aimless     0.7.1    27/03/18        program 'Phil Evans'         ?                        'data scaling'    
http://www.mrc-lmb.cam.ac.uk/harry/pre/aimless.html ?          ? 
3 PDB_EXTRACT 3.23     'SEP. 23, 2016' package PDB                  deposit@deposit.rcsb.org 'data extraction' 
http://sw-tools.pdb.org/apps/PDB_EXTRACT/           C++        ? 
4 XDS         .        ?               program ?                    ?                        'data reduction'  ? ?          ? 
5 REFMAC      .        ?               program ?                    ?                        phasing           ? ?          ? 
# 
_cell.entry_id           5QS3 
_cell.length_a           59.962 
_cell.length_b           59.962 
_cell.length_c           110.408 
_cell.angle_alpha        90.000 
_cell.angle_beta         90.000 
_cell.angle_gamma        90.000 
_cell.Z_PDB              8 
_cell.pdbx_unique_axis   ? 
# 
_symmetry.entry_id                         5QS3 
_symmetry.Int_Tables_number                91 
_symmetry.space_group_name_H-M             'P 41 2 2' 
_symmetry.pdbx_full_space_group_name_H-M   ? 
_symmetry.cell_setting                     ? 
# 
_exptl.crystals_number   1 
_exptl.entry_id          5QS3 
_exptl.method            'X-RAY DIFFRACTION' 
# 
_exptl_crystal.id                    1 
_exptl_crystal.pdbx_mosaicity        0.000 
_exptl_crystal.pdbx_mosaicity_esd    ? 
_exptl_crystal.density_Matthews      2.53 
_exptl_crystal.density_diffrn        ? 
_exptl_crystal.density_meas          ? 
_exptl_crystal.density_meas_temp     ? 
_exptl_crystal.density_percent_sol   51.42 
_exptl_crystal.size_max              ? 
_exptl_crystal.size_mid              ? 
_exptl_crystal.size_min              ? 
_exptl_crystal.size_rad              ? 
_exptl_crystal.description           ? 
# 
_exptl_crystal_grow.crystal_id      1 
_exptl_crystal_grow.method          'VAPOR DIFFUSION, SITTING DROP' 
_exptl_crystal_grow.pH              4.5 
_exptl_crystal_grow.temp            298 
_exptl_crystal_grow.pdbx_details    '0.1 M CdCl, 0.1 M Acetate pH 4.5, 32% PEG 400' 
_exptl_crystal_grow.temp_details    ? 
_exptl_crystal_grow.pdbx_pH_range   ? 
# 
_diffrn.id                     1 
_diffrn.ambient_temp           100 
_diffrn.crystal_id             1 
_diffrn.ambient_temp_details   ? 
# 
_diffrn_detector.detector               PIXEL 
_diffrn_detector.type                   'DECTRIS PILATUS 6M' 
_diffrn_detector.pdbx_collection_date   2018-07-22 
_diffrn_detector.diffrn_id              1 
_diffrn_detector.details                ? 
# 
_diffrn_radiation.diffrn_id                        1 
_diffrn_radiation.wavelength_id                    1 
_diffrn_radiation.pdbx_diffrn_protocol             'SINGLE WAVELENGTH' 
_diffrn_radiation.pdbx_monochromatic_or_laue_m_l   M 
_diffrn_radiation.monochromator                    ? 
_diffrn_radiation.pdbx_scattering_type             x-ray 
# 
_diffrn_radiation_wavelength.id           1 
_diffrn_radiation_wavelength.wavelength   0.91587 
_diffrn_radiation_wavelength.wt           1.0 
# 
_diffrn_source.diffrn_id                   1 
_diffrn_source.source                      SYNCHROTRON 
_diffrn_source.type                        'DIAMOND BEAMLINE I04-1' 
_diffrn_source.pdbx_wavelength_list        0.91587 
_diffrn_source.pdbx_synchrotron_site       Diamond 
_diffrn_source.pdbx_synchrotron_beamline   I04-1 
_diffrn_source.pdbx_wavelength             ? 
# 
_reflns.entry_id                     5QS3 
_reflns.pdbx_diffrn_id               1 
_reflns.pdbx_ordinal                 1 
_reflns.observed_criterion_sigma_I   ? 
_reflns.observed_criterion_sigma_F   ? 
_reflns.d_resolution_low             55.200 
_reflns.d_resolution_high            1.710 
_reflns.number_obs                   22411 
_reflns.number_all                   ? 
_reflns.percent_possible_obs         99.600 
_reflns.pdbx_Rmerge_I_obs            0.104 
_reflns.pdbx_Rsym_value              ? 
_reflns.pdbx_netI_over_sigmaI        11.700 
_reflns.B_iso_Wilson_estimate        ? 
_reflns.pdbx_redundancy              12.700 
_reflns.pdbx_Rrim_I_all              0.108 
_reflns.pdbx_Rpim_I_all              0.031 
_reflns.pdbx_CC_half                 0.998 
_reflns.pdbx_netI_over_av_sigmaI     ? 
_reflns.pdbx_number_measured_all     283773 
_reflns.pdbx_scaling_rejects         197 
_reflns.pdbx_chi_squared             ? 
_reflns.Rmerge_F_all                 ? 
_reflns.Rmerge_F_obs                 ? 
_reflns.observed_criterion_F_max     ? 
_reflns.observed_criterion_F_min     ? 
_reflns.observed_criterion_I_max     ? 
_reflns.observed_criterion_I_min     ? 
_reflns.pdbx_d_res_high_opt          ? 
_reflns.pdbx_d_res_low_opt           ? 
_reflns.details                      ? 
# 
loop_
_reflns_shell.pdbx_diffrn_id 
_reflns_shell.pdbx_ordinal 
_reflns_shell.d_res_high 
_reflns_shell.d_res_low 
_reflns_shell.number_measured_obs 
_reflns_shell.number_measured_all 
_reflns_shell.number_unique_obs 
_reflns_shell.pdbx_rejects 
_reflns_shell.Rmerge_I_obs 
_reflns_shell.meanI_over_sigI_obs 
_reflns_shell.pdbx_Rsym_value 
_reflns_shell.pdbx_chi_squared 
_reflns_shell.pdbx_redundancy 
_reflns_shell.percent_possible_obs 
_reflns_shell.pdbx_netI_over_sigmaI_obs 
_reflns_shell.number_possible 
_reflns_shell.number_unique_all 
_reflns_shell.Rmerge_F_all 
_reflns_shell.Rmerge_F_obs 
_reflns_shell.Rmerge_I_all 
_reflns_shell.meanI_over_sigI_all 
_reflns_shell.percent_possible_all 
_reflns_shell.pdbx_Rrim_I_all 
_reflns_shell.pdbx_Rpim_I_all 
_reflns_shell.pdbx_CC_half 
1 1 1.710 1.750  ? 20368 ? ? 3.204 ? ? ? 12.700 ? 1.100  ? 1604 ? ? ? ? 98.900 3.339 0.928 0.530 
1 2 7.650 55.200 ? 3446  ? ? 0.049 ? ? ? 10.600 ? 37.100 ? 324  ? ? ? ? 99.700 0.051 0.015 0.999 
# 
_refine.entry_id                                 5QS3 
_refine.pdbx_refine_id                           'X-RAY DIFFRACTION' 
_refine.ls_d_res_high                            1.7100 
_refine.ls_d_res_low                             52.7500 
_refine.pdbx_ls_sigma_F                          0.000 
_refine.pdbx_data_cutoff_high_absF               ? 
_refine.pdbx_data_cutoff_low_absF                ? 
_refine.ls_percent_reflns_obs                    99.3100 
_refine.ls_number_reflns_obs                     21302 
_refine.ls_number_reflns_all                     ? 
_refine.pdbx_ls_cross_valid_method               THROUGHOUT 
_refine.ls_matrix_type                           ? 
_refine.pdbx_R_Free_selection_details            RANDOM 
_refine.details                                  
'HYDROGENS HAVE BEEN ADDED IN THE RIDING POSITIONS U VALUES      : REFINED INDIVIDUALLY' 
_refine.ls_R_factor_all                          ? 
_refine.ls_R_factor_obs                          0.2256 
_refine.ls_R_factor_R_work                       0.2236 
_refine.ls_wR_factor_R_work                      ? 
_refine.ls_R_factor_R_free                       0.2681 
_refine.ls_wR_factor_R_free                      ? 
_refine.ls_percent_reflns_R_free                 4.8000 
_refine.ls_number_reflns_R_free                  1084 
_refine.ls_number_reflns_R_work                  ? 
_refine.ls_R_factor_R_free_error                 ? 
_refine.B_iso_mean                               40.6360 
_refine.solvent_model_param_bsol                 ? 
_refine.solvent_model_param_ksol                 ? 
_refine.pdbx_isotropic_thermal_model             ? 
_refine.aniso_B[1][1]                            1.4800 
_refine.aniso_B[2][2]                            1.4800 
_refine.aniso_B[3][3]                            -2.9600 
_refine.aniso_B[1][2]                            -0.0000 
_refine.aniso_B[1][3]                            -0.0000 
_refine.aniso_B[2][3]                            -0.0000 
_refine.correlation_coeff_Fo_to_Fc               0.9600 
_refine.correlation_coeff_Fo_to_Fc_free          0.9350 
_refine.overall_SU_R_Cruickshank_DPI             ? 
_refine.pdbx_overall_SU_R_free_Cruickshank_DPI   ? 
_refine.pdbx_overall_SU_R_Blow_DPI               ? 
_refine.pdbx_overall_SU_R_free_Blow_DPI          ? 
_refine.overall_SU_R_free                        ? 
_refine.pdbx_overall_ESU_R                       0.1370 
_refine.pdbx_overall_ESU_R_Free                  0.1340 
_refine.overall_SU_ML                            0.1350 
_refine.overall_SU_B                             4.5410 
_refine.solvent_model_details                    MASK 
_refine.pdbx_solvent_vdw_probe_radii             1.2000 
_refine.pdbx_solvent_ion_probe_radii             0.8000 
_refine.pdbx_solvent_shrinkage_radii             0.8000 
_refine.ls_number_parameters                     ? 
_refine.ls_number_restraints                     ? 
_refine.pdbx_starting_model                      6f58 
_refine.pdbx_method_to_determine_struct          'FOURIER SYNTHESIS' 
_refine.pdbx_stereochemistry_target_values       'MAXIMUM LIKELIHOOD' 
_refine.pdbx_stereochem_target_val_spec_case     ? 
_refine.overall_FOM_work_R_set                   ? 
_refine.B_iso_max                                127.290 
_refine.B_iso_min                                18.960 
_refine.pdbx_overall_phase_error                 ? 
_refine.occupancy_max                            ? 
_refine.occupancy_min                            ? 
_refine.pdbx_diffrn_id                           1 
_refine.pdbx_TLS_residual_ADP_flag               ? 
_refine.pdbx_ls_sigma_I                          ? 
_refine.pdbx_data_cutoff_high_rms_absF           ? 
_refine.ls_R_factor_R_free_error_details         ? 
# 
_refine_hist.cycle_id                         final 
_refine_hist.pdbx_refine_id                   'X-RAY DIFFRACTION' 
_refine_hist.d_res_high                       1.7100 
_refine_hist.d_res_low                        52.7500 
_refine_hist.pdbx_number_atoms_ligand         18 
_refine_hist.number_atoms_solvent             70 
_refine_hist.number_atoms_total               1457 
_refine_hist.pdbx_number_residues_total       172 
_refine_hist.pdbx_B_iso_mean_ligand           42.80 
_refine_hist.pdbx_B_iso_mean_solvent          41.83 
_refine_hist.pdbx_number_atoms_protein        1369 
_refine_hist.pdbx_number_atoms_nucleic_acid   0 
# 
loop_
_refine_ls_restr.pdbx_refine_id 
_refine_ls_restr.type 
_refine_ls_restr.number 
_refine_ls_restr.dev_ideal 
_refine_ls_restr.dev_ideal_target 
_refine_ls_restr.weight 
_refine_ls_restr.pdbx_restraint_function 
'X-RAY DIFFRACTION' r_bond_refined_d       1930 0.008  0.013  ? ? 
'X-RAY DIFFRACTION' r_bond_other_d         1529 0.002  0.017  ? ? 
'X-RAY DIFFRACTION' r_angle_refined_deg    2369 1.546  1.650  ? ? 
'X-RAY DIFFRACTION' r_angle_other_deg      3573 1.300  1.568  ? ? 
'X-RAY DIFFRACTION' r_dihedral_angle_1_deg 213  7.708  5.000  ? ? 
'X-RAY DIFFRACTION' r_dihedral_angle_2_deg 86   30.179 22.907 ? ? 
'X-RAY DIFFRACTION' r_dihedral_angle_3_deg 271  18.156 15.000 ? ? 
'X-RAY DIFFRACTION' r_dihedral_angle_4_deg 7    14.490 15.000 ? ? 
'X-RAY DIFFRACTION' r_chiral_restr         209  0.075  0.200  ? ? 
'X-RAY DIFFRACTION' r_gen_planes_refined   1997 0.008  0.020  ? ? 
'X-RAY DIFFRACTION' r_gen_planes_other     384  0.002  0.020  ? ? 
'X-RAY DIFFRACTION' r_mcbond_it            918  3.511  4.083  ? ? 
'X-RAY DIFFRACTION' r_mcbond_other         915  3.499  4.080  ? ? 
'X-RAY DIFFRACTION' r_mcangle_it           1049 5.548  6.185  ? ? 
# 
_refine_ls_shell.d_res_high                       1.7100 
_refine_ls_shell.d_res_low                        1.7540 
_refine_ls_shell.pdbx_total_number_of_bins_used   20 
_refine_ls_shell.percent_reflns_obs               98.2200 
_refine_ls_shell.number_reflns_R_work             1520 
_refine_ls_shell.R_factor_all                     ? 
_refine_ls_shell.R_factor_R_work                  0.3740 
_refine_ls_shell.R_factor_R_free                  0.3170 
_refine_ls_shell.percent_reflns_R_free            ? 
_refine_ls_shell.number_reflns_R_free             78 
_refine_ls_shell.R_factor_R_free_error            ? 
_refine_ls_shell.number_reflns_all                1598 
_refine_ls_shell.number_reflns_obs                ? 
_refine_ls_shell.pdbx_refine_id                   'X-RAY DIFFRACTION' 
# 
_struct.entry_id                  5QS3 
_struct.title                     
'PanDDA analysis group deposition -- Crystal Structure of human Brachyury in complex with Z198195770' 
_struct.pdbx_model_details        ? 
_struct.pdbx_CASP_flag            ? 
_struct.pdbx_model_type_details   ? 
# 
_struct_keywords.entry_id        5QS3 
_struct_keywords.text            'SGC - Diamond I04-1 fragment screening, PanDDA, XChemExplorer, TRANSCRIPTION' 
_struct_keywords.pdbx_keywords   TRANSCRIPTION 
# 
loop_
_struct_asym.id 
_struct_asym.pdbx_blank_PDB_chainid_flag 
_struct_asym.pdbx_modified 
_struct_asym.entity_id 
_struct_asym.details 
A N N 1 ? 
B N N 2 ? 
C N N 2 ? 
D N N 2 ? 
E N N 2 ? 
F N N 2 ? 
G N N 3 ? 
H N N 4 ? 
# 
_struct_ref.id                         1 
_struct_ref.db_name                    UNP 
_struct_ref.db_code                    TBXT_HUMAN 
_struct_ref.pdbx_db_accession          O15178 
_struct_ref.pdbx_db_isoform            ? 
_struct_ref.entity_id                  1 
_struct_ref.pdbx_seq_one_letter_code   
;ELRVGLEESELWLRFKELTNEMIVTKNGRRMFPVLKVNVSGLDPNAMYSFLLDFVAADNHRWKYVNGEWVPGGKPEPQAP
SCVYIHPDSPNFGAHWMKAPVSFSKVKLTNKLNGGGQIMLNSLHKYEPRIHIVRVGGPQRMITSHCFPETQFIAVTAYQN
EEITALKIKYN
;
_struct_ref.pdbx_align_begin           41 
# 
_struct_ref_seq.align_id                      1 
_struct_ref_seq.ref_id                        1 
_struct_ref_seq.pdbx_PDB_id_code              5QS3 
_struct_ref_seq.pdbx_strand_id                A 
_struct_ref_seq.seq_align_beg                 2 
_struct_ref_seq.pdbx_seq_align_beg_ins_code   ? 
_struct_ref_seq.seq_align_end                 172 
_struct_ref_seq.pdbx_seq_align_end_ins_code   ? 
_struct_ref_seq.pdbx_db_accession             O15178 
_struct_ref_seq.db_align_beg                  41 
_struct_ref_seq.pdbx_db_align_beg_ins_code    ? 
_struct_ref_seq.db_align_end                  211 
_struct_ref_seq.pdbx_db_align_end_ins_code    ? 
_struct_ref_seq.pdbx_auth_seq_align_beg       41 
_struct_ref_seq.pdbx_auth_seq_align_end       211 
# 
_struct_ref_seq_dif.align_id                     1 
_struct_ref_seq_dif.pdbx_pdb_id_code             5QS3 
_struct_ref_seq_dif.mon_id                       GLY 
_struct_ref_seq_dif.pdbx_pdb_strand_id           A 
_struct_ref_seq_dif.seq_num                      1 
_struct_ref_seq_dif.pdbx_pdb_ins_code            ? 
_struct_ref_seq_dif.pdbx_seq_db_name             UNP 
_struct_ref_seq_dif.pdbx_seq_db_accession_code   O15178 
_struct_ref_seq_dif.db_mon_id                    ? 
_struct_ref_seq_dif.pdbx_seq_db_seq_num          ? 
_struct_ref_seq_dif.details                      'expression tag' 
_struct_ref_seq_dif.pdbx_auth_seq_num            40 
_struct_ref_seq_dif.pdbx_ordinal                 1 
# 
_pdbx_struct_assembly.id                   1 
_pdbx_struct_assembly.details              author_defined_assembly 
_pdbx_struct_assembly.method_details       ? 
_pdbx_struct_assembly.oligomeric_details   monomeric 
_pdbx_struct_assembly.oligomeric_count     1 
# 
_pdbx_struct_assembly_gen.assembly_id       1 
_pdbx_struct_assembly_gen.oper_expression   1 
_pdbx_struct_assembly_gen.asym_id_list      A,B,C,D,E,F,G,H 
# 
_pdbx_struct_oper_list.id                   1 
_pdbx_struct_oper_list.type                 'identity operation' 
_pdbx_struct_oper_list.name                 1_555 
_pdbx_struct_oper_list.symmetry_operation   x,y,z 
_pdbx_struct_oper_list.matrix[1][1]         1.0000000000 
_pdbx_struct_oper_list.matrix[1][2]         0.0000000000 
_pdbx_struct_oper_list.matrix[1][3]         0.0000000000 
_pdbx_struct_oper_list.vector[1]            0.0000000000 
_pdbx_struct_oper_list.matrix[2][1]         0.0000000000 
_pdbx_struct_oper_list.matrix[2][2]         1.0000000000 
_pdbx_struct_oper_list.matrix[2][3]         0.0000000000 
_pdbx_struct_oper_list.vector[2]            0.0000000000 
_pdbx_struct_oper_list.matrix[3][1]         0.0000000000 
_pdbx_struct_oper_list.matrix[3][2]         0.0000000000 
_pdbx_struct_oper_list.matrix[3][3]         1.0000000000 
_pdbx_struct_oper_list.vector[3]            0.0000000000 
# 
loop_
_struct_conf.conf_type_id 
_struct_conf.id 
_struct_conf.pdbx_PDB_helix_id 
_struct_conf.beg_label_comp_id 
_struct_conf.beg_label_asym_id 
_struct_conf.beg_label_seq_id 
_struct_conf.pdbx_beg_PDB_ins_code 
_struct_conf.end_label_comp_id 
_struct_conf.end_label_asym_id 
_struct_conf.end_label_seq_id 
_struct_conf.pdbx_end_PDB_ins_code 
_struct_conf.beg_auth_comp_id 
_struct_conf.beg_auth_asym_id 
_struct_conf.beg_auth_seq_id 
_struct_conf.end_auth_comp_id 
_struct_conf.end_auth_asym_id 
_struct_conf.end_auth_seq_id 
_struct_conf.pdbx_PDB_helix_class 
_struct_conf.details 
_struct_conf.pdbx_PDB_helix_length 
HELX_P HELX_P1 AA1 GLU A 9   ? LEU A 19  ? GLU A 48  LEU A 58  1 ? 11 
HELX_P HELX_P2 AA2 GLY A 94  ? ALA A 100 ? GLY A 133 ALA A 139 1 ? 7  
HELX_P HELX_P3 AA3 PRO A 149 ? GLN A 152 ? PRO A 188 GLN A 191 5 ? 4  
HELX_P HELX_P4 AA4 ASN A 161 ? ASN A 172 ? ASN A 200 ASN A 211 1 ? 12 
# 
_struct_conf_type.id          HELX_P 
_struct_conf_type.criteria    ? 
_struct_conf_type.reference   ? 
# 
loop_
_struct_conn.id 
_struct_conn.conn_type_id 
_struct_conn.pdbx_leaving_atom_flag 
_struct_conn.pdbx_PDB_id 
_struct_conn.ptnr1_label_asym_id 
_struct_conn.ptnr1_label_comp_id 
_struct_conn.ptnr1_label_seq_id 
_struct_conn.ptnr1_label_atom_id 
_struct_conn.pdbx_ptnr1_label_alt_id 
_struct_conn.pdbx_ptnr1_PDB_ins_code 
_struct_conn.pdbx_ptnr1_standard_comp_id 
_struct_conn.ptnr1_symmetry 
_struct_conn.ptnr2_label_asym_id 
_struct_conn.ptnr2_label_comp_id 
_struct_conn.ptnr2_label_seq_id 
_struct_conn.ptnr2_label_atom_id 
_struct_conn.pdbx_ptnr2_label_alt_id 
_struct_conn.pdbx_ptnr2_PDB_ins_code 
_struct_conn.ptnr1_auth_asym_id 
_struct_conn.ptnr1_auth_comp_id 
_struct_conn.ptnr1_auth_seq_id 
_struct_conn.ptnr2_auth_asym_id 
_struct_conn.ptnr2_auth_comp_id 
_struct_conn.ptnr2_auth_seq_id 
_struct_conn.ptnr2_symmetry 
_struct_conn.pdbx_ptnr3_label_atom_id 
_struct_conn.pdbx_ptnr3_label_seq_id 
_struct_conn.pdbx_ptnr3_label_comp_id 
_struct_conn.pdbx_ptnr3_label_asym_id 
_struct_conn.pdbx_ptnr3_label_alt_id 
_struct_conn.pdbx_ptnr3_PDB_ins_code 
_struct_conn.details 
_struct_conn.pdbx_dist_value 
_struct_conn.pdbx_value_order 
_struct_conn.pdbx_role 
metalc1  metalc ? ? A HIS 61  NE2 ? ? ? 1_555 E CD  . CD ? ? A HIS 100 A CD  304 1_555 ? ? ? ? ? ? ? 2.243 ? ? 
metalc2  metalc ? ? A CYS 83  SG  ? ? ? 1_555 D CD  . CD ? ? A CYS 122 A CD  303 1_555 ? ? ? ? ? ? ? 2.760 ? ? 
metalc3  metalc ? ? A CYS 83  SG  ? ? ? 1_555 F CD  . CD ? ? A CYS 122 A CD  305 1_555 ? ? ? ? ? ? ? 2.239 ? ? 
metalc4  metalc ? ? A GLU 128 OE1 ? ? ? 1_555 B CD  . CD ? ? A GLU 167 A CD  301 1_555 ? ? ? ? ? ? ? 2.464 ? ? 
metalc5  metalc ? ? A GLU 128 OE1 ? ? ? 1_555 B CD  . CD ? ? A GLU 167 A CD  301 5_655 ? ? ? ? ? ? ? 2.464 ? ? 
metalc6  metalc ? ? A GLU 128 OE2 ? ? ? 1_555 C CD  . CD ? ? A GLU 167 A CD  302 1_555 ? ? ? ? ? ? ? 2.283 ? ? 
metalc7  metalc ? ? A CYS 147 SG  A ? ? 1_555 B CD  . CD ? ? A CYS 186 A CD  301 1_555 ? ? ? ? ? ? ? 2.445 ? ? 
metalc8  metalc ? ? A CYS 147 SG  B ? ? 1_555 B CD  . CD ? ? A CYS 186 A CD  301 1_555 ? ? ? ? ? ? ? 2.476 ? ? 
metalc9  metalc ? ? A CYS 147 SG  A ? ? 1_555 B CD  . CD ? ? A CYS 186 A CD  301 5_655 ? ? ? ? ? ? ? 2.445 ? ? 
metalc10 metalc ? ? A CYS 147 SG  B ? ? 1_555 B CD  . CD ? ? A CYS 186 A CD  301 5_655 ? ? ? ? ? ? ? 2.476 ? ? 
metalc11 metalc ? ? A CYS 147 SG  A ? ? 1_555 C CD  . CD ? ? A CYS 186 A CD  302 5_655 ? ? ? ? ? ? ? 2.650 ? ? 
metalc12 metalc ? ? A CYS 147 SG  B ? ? 1_555 C CD  . CD ? ? A CYS 186 A CD  302 5_655 ? ? ? ? ? ? ? 2.454 ? ? 
metalc13 metalc ? ? B CD  .   CD  ? ? ? 1_555 H HOH . O  ? ? A CD  301 A HOH 455 1_555 ? ? ? ? ? ? ? 2.242 ? ? 
metalc14 metalc ? ? B CD  .   CD  ? ? ? 1_555 H HOH . O  ? ? A CD  301 A HOH 455 5_655 ? ? ? ? ? ? ? 2.242 ? ? 
metalc15 metalc ? ? C CD  .   CD  ? ? ? 1_555 H HOH . O  ? ? A CD  302 A HOH 453 5_655 ? ? ? ? ? ? ? 2.238 ? ? 
metalc16 metalc ? ? C CD  .   CD  ? ? ? 1_555 H HOH . O  ? ? A CD  302 A HOH 457 1_555 ? ? ? ? ? ? ? 2.384 ? ? 
metalc17 metalc ? ? D CD  .   CD  ? ? ? 1_555 H HOH . O  ? ? A CD  303 A HOH 452 1_555 ? ? ? ? ? ? ? 2.464 ? ? 
metalc18 metalc ? ? E CD  .   CD  ? ? ? 1_555 H HOH . O  ? ? A CD  304 A HOH 437 5_655 ? ? ? ? ? ? ? 2.376 ? ? 
metalc19 metalc ? ? E CD  .   CD  ? ? ? 1_555 H HOH . O  ? ? A CD  304 A HOH 458 1_555 ? ? ? ? ? ? ? 2.237 ? ? 
metalc20 metalc ? ? E CD  .   CD  ? ? ? 1_555 H HOH . O  ? ? A CD  304 A HOH 460 1_555 ? ? ? ? ? ? ? 2.193 ? ? 
metalc21 metalc ? ? F CD  .   CD  ? ? ? 1_555 H HOH . O  ? ? A CD  305 A HOH 443 1_555 ? ? ? ? ? ? ? 2.589 ? ? 
metalc22 metalc ? ? F CD  .   CD  ? ? ? 1_555 H HOH . O  ? ? A CD  305 A HOH 470 1_555 ? ? ? ? ? ? ? 2.670 ? ? 
# 
_struct_conn_type.id          metalc 
_struct_conn_type.criteria    ? 
_struct_conn_type.reference   ? 
# 
loop_
_pdbx_struct_conn_angle.id 
_pdbx_struct_conn_angle.ptnr1_label_atom_id 
_pdbx_struct_conn_angle.ptnr1_label_alt_id 
_pdbx_struct_conn_angle.ptnr1_label_asym_id 
_pdbx_struct_conn_angle.ptnr1_label_comp_id 
_pdbx_struct_conn_angle.ptnr1_label_seq_id 
_pdbx_struct_conn_angle.ptnr1_auth_atom_id 
_pdbx_struct_conn_angle.ptnr1_auth_asym_id 
_pdbx_struct_conn_angle.ptnr1_auth_comp_id 
_pdbx_struct_conn_angle.ptnr1_auth_seq_id 
_pdbx_struct_conn_angle.ptnr1_PDB_ins_code 
_pdbx_struct_conn_angle.ptnr1_symmetry 
_pdbx_struct_conn_angle.ptnr2_label_atom_id 
_pdbx_struct_conn_angle.ptnr2_label_alt_id 
_pdbx_struct_conn_angle.ptnr2_label_asym_id 
_pdbx_struct_conn_angle.ptnr2_label_comp_id 
_pdbx_struct_conn_angle.ptnr2_label_seq_id 
_pdbx_struct_conn_angle.ptnr2_auth_atom_id 
_pdbx_struct_conn_angle.ptnr2_auth_asym_id 
_pdbx_struct_conn_angle.ptnr2_auth_comp_id 
_pdbx_struct_conn_angle.ptnr2_auth_seq_id 
_pdbx_struct_conn_angle.ptnr2_PDB_ins_code 
_pdbx_struct_conn_angle.ptnr2_symmetry 
_pdbx_struct_conn_angle.ptnr3_label_atom_id 
_pdbx_struct_conn_angle.ptnr3_label_alt_id 
_pdbx_struct_conn_angle.ptnr3_label_asym_id 
_pdbx_struct_conn_angle.ptnr3_label_comp_id 
_pdbx_struct_conn_angle.ptnr3_label_seq_id 
_pdbx_struct_conn_angle.ptnr3_auth_atom_id 
_pdbx_struct_conn_angle.ptnr3_auth_asym_id 
_pdbx_struct_conn_angle.ptnr3_auth_comp_id 
_pdbx_struct_conn_angle.ptnr3_auth_seq_id 
_pdbx_struct_conn_angle.ptnr3_PDB_ins_code 
_pdbx_struct_conn_angle.ptnr3_symmetry 
_pdbx_struct_conn_angle.value 
_pdbx_struct_conn_angle.value_esd 
1  NE2 ? A HIS 61  ? A HIS 100 ? 1_555 CD ? E CD . ? A CD 304 ? 1_555 O   ? H HOH .   ? A HOH 437 ? 5_655 96.3  ? 
2  NE2 ? A HIS 61  ? A HIS 100 ? 1_555 CD ? E CD . ? A CD 304 ? 1_555 O   ? H HOH .   ? A HOH 458 ? 1_555 105.5 ? 
3  O   ? H HOH .   ? A HOH 437 ? 5_655 CD ? E CD . ? A CD 304 ? 1_555 O   ? H HOH .   ? A HOH 458 ? 1_555 119.7 ? 
4  NE2 ? A HIS 61  ? A HIS 100 ? 1_555 CD ? E CD . ? A CD 304 ? 1_555 O   ? H HOH .   ? A HOH 460 ? 1_555 110.8 ? 
5  O   ? H HOH .   ? A HOH 437 ? 5_655 CD ? E CD . ? A CD 304 ? 1_555 O   ? H HOH .   ? A HOH 460 ? 1_555 108.4 ? 
6  O   ? H HOH .   ? A HOH 458 ? 1_555 CD ? E CD . ? A CD 304 ? 1_555 O   ? H HOH .   ? A HOH 460 ? 1_555 114.4 ? 
7  SG  ? A CYS 83  ? A CYS 122 ? 1_555 CD ? D CD . ? A CD 303 ? 1_555 O   ? H HOH .   ? A HOH 452 ? 1_555 97.5  ? 
8  SG  ? A CYS 83  ? A CYS 122 ? 1_555 CD ? F CD . ? A CD 305 ? 1_555 O   ? H HOH .   ? A HOH 443 ? 1_555 98.3  ? 
9  SG  ? A CYS 83  ? A CYS 122 ? 1_555 CD ? F CD . ? A CD 305 ? 1_555 O   ? H HOH .   ? A HOH 470 ? 1_555 85.1  ? 
10 O   ? H HOH .   ? A HOH 443 ? 1_555 CD ? F CD . ? A CD 305 ? 1_555 O   ? H HOH .   ? A HOH 470 ? 1_555 174.3 ? 
11 OE1 ? A GLU 128 ? A GLU 167 ? 1_555 CD ? B CD . ? A CD 301 ? 1_555 OE1 ? A GLU 128 ? A GLU 167 ? 1_555 0.0   ? 
12 OE1 ? A GLU 128 ? A GLU 167 ? 1_555 CD ? B CD . ? A CD 301 ? 1_555 SG  A A CYS 147 ? A CYS 186 ? 1_555 89.7  ? 
13 OE1 ? A GLU 128 ? A GLU 167 ? 1_555 CD ? B CD . ? A CD 301 ? 1_555 SG  A A CYS 147 ? A CYS 186 ? 1_555 89.7  ? 
14 OE1 ? A GLU 128 ? A GLU 167 ? 1_555 CD ? B CD . ? A CD 301 ? 1_555 SG  B A CYS 147 ? A CYS 186 ? 1_555 88.6  ? 
15 OE1 ? A GLU 128 ? A GLU 167 ? 1_555 CD ? B CD . ? A CD 301 ? 1_555 SG  B A CYS 147 ? A CYS 186 ? 1_555 88.6  ? 
16 SG  A A CYS 147 ? A CYS 186 ? 1_555 CD ? B CD . ? A CD 301 ? 1_555 SG  B A CYS 147 ? A CYS 186 ? 1_555 38.5  ? 
17 OE1 ? A GLU 128 ? A GLU 167 ? 1_555 CD ? B CD . ? A CD 301 ? 1_555 SG  A A CYS 147 ? A CYS 186 ? 1_555 89.7  ? 
18 OE1 ? A GLU 128 ? A GLU 167 ? 1_555 CD ? B CD . ? A CD 301 ? 1_555 SG  A A CYS 147 ? A CYS 186 ? 1_555 89.7  ? 
19 SG  A A CYS 147 ? A CYS 186 ? 1_555 CD ? B CD . ? A CD 301 ? 1_555 SG  A A CYS 147 ? A CYS 186 ? 1_555 0.0   ? 
20 SG  B A CYS 147 ? A CYS 186 ? 1_555 CD ? B CD . ? A CD 301 ? 1_555 SG  A A CYS 147 ? A CYS 186 ? 1_555 38.5  ? 
21 OE1 ? A GLU 128 ? A GLU 167 ? 1_555 CD ? B CD . ? A CD 301 ? 1_555 SG  B A CYS 147 ? A CYS 186 ? 1_555 88.6  ? 
22 OE1 ? A GLU 128 ? A GLU 167 ? 1_555 CD ? B CD . ? A CD 301 ? 1_555 SG  B A CYS 147 ? A CYS 186 ? 1_555 88.6  ? 
23 SG  A A CYS 147 ? A CYS 186 ? 1_555 CD ? B CD . ? A CD 301 ? 1_555 SG  B A CYS 147 ? A CYS 186 ? 1_555 38.5  ? 
24 SG  B A CYS 147 ? A CYS 186 ? 1_555 CD ? B CD . ? A CD 301 ? 1_555 SG  B A CYS 147 ? A CYS 186 ? 1_555 0.0   ? 
25 SG  A A CYS 147 ? A CYS 186 ? 1_555 CD ? B CD . ? A CD 301 ? 1_555 SG  B A CYS 147 ? A CYS 186 ? 1_555 38.5  ? 
26 OE1 ? A GLU 128 ? A GLU 167 ? 1_555 CD ? B CD . ? A CD 301 ? 1_555 O   ? H HOH .   ? A HOH 455 ? 1_555 89.5  ? 
27 OE1 ? A GLU 128 ? A GLU 167 ? 1_555 CD ? B CD . ? A CD 301 ? 1_555 O   ? H HOH .   ? A HOH 455 ? 1_555 89.5  ? 
28 SG  A A CYS 147 ? A CYS 186 ? 1_555 CD ? B CD . ? A CD 301 ? 1_555 O   ? H HOH .   ? A HOH 455 ? 1_555 72.9  ? 
29 SG  B A CYS 147 ? A CYS 186 ? 1_555 CD ? B CD . ? A CD 301 ? 1_555 O   ? H HOH .   ? A HOH 455 ? 1_555 111.3 ? 
30 SG  A A CYS 147 ? A CYS 186 ? 1_555 CD ? B CD . ? A CD 301 ? 1_555 O   ? H HOH .   ? A HOH 455 ? 1_555 72.9  ? 
31 SG  B A CYS 147 ? A CYS 186 ? 1_555 CD ? B CD . ? A CD 301 ? 1_555 O   ? H HOH .   ? A HOH 455 ? 1_555 111.3 ? 
32 OE1 ? A GLU 128 ? A GLU 167 ? 1_555 CD ? B CD . ? A CD 301 ? 1_555 O   ? H HOH .   ? A HOH 455 ? 5_655 93.5  ? 
33 OE1 ? A GLU 128 ? A GLU 167 ? 1_555 CD ? B CD . ? A CD 301 ? 1_555 O   ? H HOH .   ? A HOH 455 ? 5_655 93.5  ? 
34 SG  A A CYS 147 ? A CYS 186 ? 1_555 CD ? B CD . ? A CD 301 ? 1_555 O   ? H HOH .   ? A HOH 455 ? 5_655 109.1 ? 
35 SG  B A CYS 147 ? A CYS 186 ? 1_555 CD ? B CD . ? A CD 301 ? 1_555 O   ? H HOH .   ? A HOH 455 ? 5_655 147.5 ? 
36 SG  A A CYS 147 ? A CYS 186 ? 1_555 CD ? B CD . ? A CD 301 ? 1_555 O   ? H HOH .   ? A HOH 455 ? 5_655 109.1 ? 
37 SG  B A CYS 147 ? A CYS 186 ? 1_555 CD ? B CD . ? A CD 301 ? 1_555 O   ? H HOH .   ? A HOH 455 ? 5_655 147.5 ? 
38 O   ? H HOH .   ? A HOH 455 ? 1_555 CD ? B CD . ? A CD 301 ? 1_555 O   ? H HOH .   ? A HOH 455 ? 5_655 36.4  ? 
39 OE2 ? A GLU 128 ? A GLU 167 ? 1_555 CD ? C CD . ? A CD 302 ? 1_555 SG  A A CYS 147 ? A CYS 186 ? 1_555 75.3  ? 
40 OE2 ? A GLU 128 ? A GLU 167 ? 1_555 CD ? C CD . ? A CD 302 ? 1_555 SG  B A CYS 147 ? A CYS 186 ? 1_555 78.0  ? 
41 SG  A A CYS 147 ? A CYS 186 ? 1_555 CD ? C CD . ? A CD 302 ? 1_555 SG  B A CYS 147 ? A CYS 186 ? 1_555 16.5  ? 
42 OE2 ? A GLU 128 ? A GLU 167 ? 1_555 CD ? C CD . ? A CD 302 ? 1_555 O   ? H HOH .   ? A HOH 453 ? 5_655 102.0 ? 
43 SG  A A CYS 147 ? A CYS 186 ? 1_555 CD ? C CD . ? A CD 302 ? 1_555 O   ? H HOH .   ? A HOH 453 ? 5_655 130.8 ? 
44 SG  B A CYS 147 ? A CYS 186 ? 1_555 CD ? C CD . ? A CD 302 ? 1_555 O   ? H HOH .   ? A HOH 453 ? 5_655 114.4 ? 
45 OE2 ? A GLU 128 ? A GLU 167 ? 1_555 CD ? C CD . ? A CD 302 ? 1_555 O   ? H HOH .   ? A HOH 457 ? 1_555 105.8 ? 
46 SG  A A CYS 147 ? A CYS 186 ? 1_555 CD ? C CD . ? A CD 302 ? 1_555 O   ? H HOH .   ? A HOH 457 ? 1_555 124.8 ? 
47 SG  B A CYS 147 ? A CYS 186 ? 1_555 CD ? C CD . ? A CD 302 ? 1_555 O   ? H HOH .   ? A HOH 457 ? 1_555 140.4 ? 
48 O   ? H HOH .   ? A HOH 453 ? 5_655 CD ? C CD . ? A CD 302 ? 1_555 O   ? H HOH .   ? A HOH 457 ? 1_555 103.5 ? 
# 
loop_
_struct_mon_prot_cis.pdbx_id 
_struct_mon_prot_cis.label_comp_id 
_struct_mon_prot_cis.label_seq_id 
_struct_mon_prot_cis.label_asym_id 
_struct_mon_prot_cis.label_alt_id 
_struct_mon_prot_cis.pdbx_PDB_ins_code 
_struct_mon_prot_cis.auth_comp_id 
_struct_mon_prot_cis.auth_seq_id 
_struct_mon_prot_cis.auth_asym_id 
_struct_mon_prot_cis.pdbx_label_comp_id_2 
_struct_mon_prot_cis.pdbx_label_seq_id_2 
_struct_mon_prot_cis.pdbx_label_asym_id_2 
_struct_mon_prot_cis.pdbx_PDB_ins_code_2 
_struct_mon_prot_cis.pdbx_auth_comp_id_2 
_struct_mon_prot_cis.pdbx_auth_seq_id_2 
_struct_mon_prot_cis.pdbx_auth_asym_id_2 
_struct_mon_prot_cis.pdbx_PDB_model_num 
_struct_mon_prot_cis.pdbx_omega_angle 
1 PHE 33 A . ? PHE 72  A PRO 34 A ? PRO 73  A 1 -6.89  
2 SER 90 A . ? SER 129 A PRO 91 A ? PRO 130 A 1 -11.38 
# 
loop_
_struct_sheet.id 
_struct_sheet.type 
_struct_sheet.number_strands 
_struct_sheet.details 
AA1 ? 3 ? 
AA2 ? 5 ? 
AA3 ? 4 ? 
AA4 ? 3 ? 
AA5 ? 2 ? 
# 
loop_
_struct_sheet_order.sheet_id 
_struct_sheet_order.range_id_1 
_struct_sheet_order.range_id_2 
_struct_sheet_order.offset 
_struct_sheet_order.sense 
AA1 1 2 ? anti-parallel 
AA1 2 3 ? anti-parallel 
AA2 1 2 ? parallel      
AA2 2 3 ? anti-parallel 
AA2 3 4 ? anti-parallel 
AA2 4 5 ? anti-parallel 
AA3 1 2 ? anti-parallel 
AA3 2 3 ? anti-parallel 
AA3 3 4 ? anti-parallel 
AA4 1 2 ? anti-parallel 
AA4 2 3 ? parallel      
AA5 1 2 ? anti-parallel 
# 
loop_
_struct_sheet_range.sheet_id 
_struct_sheet_range.id 
_struct_sheet_range.beg_label_comp_id 
_struct_sheet_range.beg_label_asym_id 
_struct_sheet_range.beg_label_seq_id 
_struct_sheet_range.pdbx_beg_PDB_ins_code 
_struct_sheet_range.end_label_comp_id 
_struct_sheet_range.end_label_asym_id 
_struct_sheet_range.end_label_seq_id 
_struct_sheet_range.pdbx_end_PDB_ins_code 
_struct_sheet_range.beg_auth_comp_id 
_struct_sheet_range.beg_auth_asym_id 
_struct_sheet_range.beg_auth_seq_id 
_struct_sheet_range.end_auth_comp_id 
_struct_sheet_range.end_auth_asym_id 
_struct_sheet_range.end_auth_seq_id 
AA1 1 ARG A 4   ? LEU A 7   ? ARG A 43  LEU A 46  
AA1 2 LYS A 37  ? SER A 41  ? LYS A 76  SER A 80  
AA1 3 VAL A 102 ? SER A 103 ? VAL A 141 SER A 142 
AA2 1 GLU A 22  ? ILE A 24  ? GLU A 61  ILE A 63  
AA2 2 PHE A 153 ? VAL A 156 ? PHE A 192 VAL A 195 
AA2 3 LYS A 126 ? VAL A 136 ? LYS A 165 VAL A 175 
AA2 4 MET A 48  ? ALA A 57  ? MET A 87  ALA A 96  
AA2 5 ASN A 92  ? PHE A 93  ? ASN A 131 PHE A 132 
AA3 1 TYR A 85  ? ILE A 86  ? TYR A 124 ILE A 125 
AA3 2 MET A 48  ? ALA A 57  ? MET A 87  ALA A 96  
AA3 3 LYS A 126 ? VAL A 136 ? LYS A 165 VAL A 175 
AA3 4 MET A 142 ? CYS A 147 ? MET A 181 CYS A 186 
AA4 1 ARG A 30  ? ARG A 31  ? ARG A 69  ARG A 70  
AA4 2 LYS A 108 ? THR A 110 ? LYS A 147 THR A 149 
AA4 3 ILE A 119 ? MET A 120 ? ILE A 158 MET A 159 
AA5 1 TRP A 63  ? VAL A 66  ? TRP A 102 VAL A 105 
AA5 2 GLU A 69  ? PRO A 72  ? GLU A 108 PRO A 111 
# 
loop_
_pdbx_struct_sheet_hbond.sheet_id 
_pdbx_struct_sheet_hbond.range_id_1 
_pdbx_struct_sheet_hbond.range_id_2 
_pdbx_struct_sheet_hbond.range_1_label_atom_id 
_pdbx_struct_sheet_hbond.range_1_label_comp_id 
_pdbx_struct_sheet_hbond.range_1_label_asym_id 
_pdbx_struct_sheet_hbond.range_1_label_seq_id 
_pdbx_struct_sheet_hbond.range_1_PDB_ins_code 
_pdbx_struct_sheet_hbond.range_1_auth_atom_id 
_pdbx_struct_sheet_hbond.range_1_auth_comp_id 
_pdbx_struct_sheet_hbond.range_1_auth_asym_id 
_pdbx_struct_sheet_hbond.range_1_auth_seq_id 
_pdbx_struct_sheet_hbond.range_2_label_atom_id 
_pdbx_struct_sheet_hbond.range_2_label_comp_id 
_pdbx_struct_sheet_hbond.range_2_label_asym_id 
_pdbx_struct_sheet_hbond.range_2_label_seq_id 
_pdbx_struct_sheet_hbond.range_2_PDB_ins_code 
_pdbx_struct_sheet_hbond.range_2_auth_atom_id 
_pdbx_struct_sheet_hbond.range_2_auth_comp_id 
_pdbx_struct_sheet_hbond.range_2_auth_asym_id 
_pdbx_struct_sheet_hbond.range_2_auth_seq_id 
AA1 1 2 N GLY A 6   ? N GLY A 45  O ASN A 39  ? O ASN A 78  
AA1 2 3 N VAL A 38  ? N VAL A 77  O VAL A 102 ? O VAL A 141 
AA2 1 2 N MET A 23  ? N MET A 62  O VAL A 156 ? O VAL A 195 
AA2 2 3 O PHE A 153 ? O PHE A 192 N TYR A 127 ? N TYR A 166 
AA2 3 4 O ARG A 130 ? O ARG A 169 N ASP A 54  ? N ASP A 93  
AA2 4 5 N TYR A 49  ? N TYR A 88  O ASN A 92  ? O ASN A 131 
AA3 1 2 O TYR A 85  ? O TYR A 124 N LEU A 53  ? N LEU A 92  
AA3 2 3 N ASP A 54  ? N ASP A 93  O ARG A 130 ? O ARG A 169 
AA3 3 4 N ILE A 133 ? N ILE A 172 O THR A 144 ? O THR A 183 
AA4 1 2 N ARG A 30  ? N ARG A 69  O LEU A 109 ? O LEU A 148 
AA4 2 3 N LYS A 108 ? N LYS A 147 O ILE A 119 ? O ILE A 158 
AA5 1 2 N VAL A 66  ? N VAL A 105 O GLU A 69  ? O GLU A 108 
# 
loop_
_struct_site.id 
_struct_site.pdbx_evidence_code 
_struct_site.pdbx_auth_asym_id 
_struct_site.pdbx_auth_comp_id 
_struct_site.pdbx_auth_seq_id 
_struct_site.pdbx_auth_ins_code 
_struct_site.pdbx_num_residues 
_struct_site.details 
AC1 Software A CD  301 ? 8 'binding site for residue CD A 301'  
AC2 Software A CD  302 ? 6 'binding site for residue CD A 302'  
AC3 Software A CD  303 ? 4 'binding site for residue CD A 303'  
AC4 Software A CD  304 ? 4 'binding site for residue CD A 304'  
AC5 Software A CD  305 ? 4 'binding site for residue CD A 305'  
AC6 Software A LJA 306 ? 7 'binding site for residue LJA A 306' 
# 
loop_
_struct_site_gen.id 
_struct_site_gen.site_id 
_struct_site_gen.pdbx_num_res 
_struct_site_gen.label_comp_id 
_struct_site_gen.label_asym_id 
_struct_site_gen.label_seq_id 
_struct_site_gen.pdbx_auth_ins_code 
_struct_site_gen.auth_comp_id 
_struct_site_gen.auth_asym_id 
_struct_site_gen.auth_seq_id 
_struct_site_gen.label_atom_id 
_struct_site_gen.label_alt_id 
_struct_site_gen.symmetry 
_struct_site_gen.details 
1  AC1 8 GLU A 128 ? GLU A 167 . ? 1_555 ? 
2  AC1 8 GLU A 128 ? GLU A 167 . ? 5_655 ? 
3  AC1 8 CYS A 147 ? CYS A 186 . ? 5_655 ? 
4  AC1 8 CYS A 147 ? CYS A 186 . ? 1_555 ? 
5  AC1 8 CD  C .   ? CD  A 302 . ? 5_655 ? 
6  AC1 8 CD  C .   ? CD  A 302 . ? 1_555 ? 
7  AC1 8 HOH H .   ? HOH A 455 . ? 5_655 ? 
8  AC1 8 HOH H .   ? HOH A 455 . ? 1_555 ? 
9  AC2 6 GLU A 128 ? GLU A 167 . ? 1_555 ? 
10 AC2 6 CYS A 147 ? CYS A 186 . ? 5_655 ? 
11 AC2 6 CD  B .   ? CD  A 301 . ? 5_655 ? 
12 AC2 6 CD  B .   ? CD  A 301 . ? 1_555 ? 
13 AC2 6 HOH H .   ? HOH A 453 . ? 5_655 ? 
14 AC2 6 HOH H .   ? HOH A 457 . ? 1_555 ? 
15 AC3 4 CYS A 83  ? CYS A 122 . ? 1_555 ? 
16 AC3 4 HOH H .   ? HOH A 452 . ? 1_555 ? 
17 AC3 4 HOH H .   ? HOH A 454 . ? 1_555 ? 
18 AC3 4 HOH H .   ? HOH A 469 . ? 1_555 ? 
19 AC4 4 HIS A 61  ? HIS A 100 . ? 1_555 ? 
20 AC4 4 HOH H .   ? HOH A 437 . ? 5_655 ? 
21 AC4 4 HOH H .   ? HOH A 458 . ? 1_555 ? 
22 AC4 4 HOH H .   ? HOH A 460 . ? 1_555 ? 
23 AC5 4 CYS A 83  ? CYS A 122 . ? 1_555 ? 
24 AC5 4 HOH H .   ? HOH A 443 . ? 1_555 ? 
25 AC5 4 HOH H .   ? HOH A 469 . ? 1_555 ? 
26 AC5 4 HOH H .   ? HOH A 470 . ? 1_555 ? 
27 AC6 7 SER A 50  ? SER A 89  . ? 1_555 ? 
28 AC6 7 ILE A 86  ? ILE A 125 . ? 1_555 ? 
29 AC6 7 SER A 90  ? SER A 129 . ? 1_555 ? 
30 AC6 7 PRO A 91  ? PRO A 130 . ? 1_555 ? 
31 AC6 7 HOH H .   ? HOH A 418 . ? 1_555 ? 
32 AC6 7 HOH H .   ? HOH A 437 . ? 1_555 ? 
33 AC6 7 HOH H .   ? HOH A 464 . ? 1_555 ? 
# 
loop_
_pdbx_validate_torsion.id 
_pdbx_validate_torsion.PDB_model_num 
_pdbx_validate_torsion.auth_comp_id 
_pdbx_validate_torsion.auth_asym_id 
_pdbx_validate_torsion.auth_seq_id 
_pdbx_validate_torsion.PDB_ins_code 
_pdbx_validate_torsion.label_alt_id 
_pdbx_validate_torsion.phi 
_pdbx_validate_torsion.psi 
1 1 THR A 59  ? ? 70.45  104.94 
2 1 PHE A 143 ? ? -91.15 55.26  
# 
_pdbx_struct_special_symmetry.id              1 
_pdbx_struct_special_symmetry.PDB_model_num   1 
_pdbx_struct_special_symmetry.auth_asym_id    A 
_pdbx_struct_special_symmetry.auth_comp_id    CD 
_pdbx_struct_special_symmetry.auth_seq_id     301 
_pdbx_struct_special_symmetry.PDB_ins_code    ? 
_pdbx_struct_special_symmetry.label_asym_id   B 
_pdbx_struct_special_symmetry.label_comp_id   CD 
_pdbx_struct_special_symmetry.label_seq_id    . 
# 
_phasing.method   MR 
# 
_pdbx_entry_details.entry_id                 5QS3 
_pdbx_entry_details.has_ligand_of_interest   Y 
_pdbx_entry_details.compound_details         ? 
_pdbx_entry_details.source_details           ? 
_pdbx_entry_details.nonpolymer_details       ? 
_pdbx_entry_details.sequence_details         ? 
# 
loop_
_pdbx_distant_solvent_atoms.id 
_pdbx_distant_solvent_atoms.PDB_model_num 
_pdbx_distant_solvent_atoms.auth_atom_id 
_pdbx_distant_solvent_atoms.label_alt_id 
_pdbx_distant_solvent_atoms.auth_asym_id 
_pdbx_distant_solvent_atoms.auth_comp_id 
_pdbx_distant_solvent_atoms.auth_seq_id 
_pdbx_distant_solvent_atoms.PDB_ins_code 
_pdbx_distant_solvent_atoms.neighbor_macromolecule_distance 
_pdbx_distant_solvent_atoms.neighbor_ligand_distance 
1 1 O ? A HOH 469 ? 6.28 . 
2 1 O ? A HOH 470 ? 6.58 . 
# 
_pdbx_unobs_or_zero_occ_residues.id               1 
_pdbx_unobs_or_zero_occ_residues.PDB_model_num    1 
_pdbx_unobs_or_zero_occ_residues.polymer_flag     Y 
_pdbx_unobs_or_zero_occ_residues.occupancy_flag   1 
_pdbx_unobs_or_zero_occ_residues.auth_asym_id     A 
_pdbx_unobs_or_zero_occ_residues.auth_comp_id     GLY 
_pdbx_unobs_or_zero_occ_residues.auth_seq_id      40 
_pdbx_unobs_or_zero_occ_residues.PDB_ins_code     ? 
_pdbx_unobs_or_zero_occ_residues.label_asym_id    A 
_pdbx_unobs_or_zero_occ_residues.label_comp_id    GLY 
_pdbx_unobs_or_zero_occ_residues.label_seq_id     1 
# 
loop_
_chem_comp_atom.comp_id 
_chem_comp_atom.atom_id 
_chem_comp_atom.type_symbol 
_chem_comp_atom.pdbx_aromatic_flag 
_chem_comp_atom.pdbx_stereo_config 
_chem_comp_atom.pdbx_ordinal 
ALA N    N  N N 1   
ALA CA   C  N S 2   
ALA C    C  N N 3   
ALA O    O  N N 4   
ALA CB   C  N N 5   
ALA OXT  O  N N 6   
ALA H    H  N N 7   
ALA H2   H  N N 8   
ALA HA   H  N N 9   
ALA HB1  H  N N 10  
ALA HB2  H  N N 11  
ALA HB3  H  N N 12  
ALA HXT  H  N N 13  
ARG N    N  N N 14  
ARG CA   C  N S 15  
ARG C    C  N N 16  
ARG O    O  N N 17  
ARG CB   C  N N 18  
ARG CG   C  N N 19  
ARG CD   C  N N 20  
ARG NE   N  N N 21  
ARG CZ   C  N N 22  
ARG NH1  N  N N 23  
ARG NH2  N  N N 24  
ARG OXT  O  N N 25  
ARG H    H  N N 26  
ARG H2   H  N N 27  
ARG HA   H  N N 28  
ARG HB2  H  N N 29  
ARG HB3  H  N N 30  
ARG HG2  H  N N 31  
ARG HG3  H  N N 32  
ARG HD2  H  N N 33  
ARG HD3  H  N N 34  
ARG HE   H  N N 35  
ARG HH11 H  N N 36  
ARG HH12 H  N N 37  
ARG HH21 H  N N 38  
ARG HH22 H  N N 39  
ARG HXT  H  N N 40  
ASN N    N  N N 41  
ASN CA   C  N S 42  
ASN C    C  N N 43  
ASN O    O  N N 44  
ASN CB   C  N N 45  
ASN CG   C  N N 46  
ASN OD1  O  N N 47  
ASN ND2  N  N N 48  
ASN OXT  O  N N 49  
ASN H    H  N N 50  
ASN H2   H  N N 51  
ASN HA   H  N N 52  
ASN HB2  H  N N 53  
ASN HB3  H  N N 54  
ASN HD21 H  N N 55  
ASN HD22 H  N N 56  
ASN HXT  H  N N 57  
ASP N    N  N N 58  
ASP CA   C  N S 59  
ASP C    C  N N 60  
ASP O    O  N N 61  
ASP CB   C  N N 62  
ASP CG   C  N N 63  
ASP OD1  O  N N 64  
ASP OD2  O  N N 65  
ASP OXT  O  N N 66  
ASP H    H  N N 67  
ASP H2   H  N N 68  
ASP HA   H  N N 69  
ASP HB2  H  N N 70  
ASP HB3  H  N N 71  
ASP HD2  H  N N 72  
ASP HXT  H  N N 73  
CD  CD   CD N N 74  
CYS N    N  N N 75  
CYS CA   C  N R 76  
CYS C    C  N N 77  
CYS O    O  N N 78  
CYS CB   C  N N 79  
CYS SG   S  N N 80  
CYS OXT  O  N N 81  
CYS H    H  N N 82  
CYS H2   H  N N 83  
CYS HA   H  N N 84  
CYS HB2  H  N N 85  
CYS HB3  H  N N 86  
CYS HG   H  N N 87  
CYS HXT  H  N N 88  
GLN N    N  N N 89  
GLN CA   C  N S 90  
GLN C    C  N N 91  
GLN O    O  N N 92  
GLN CB   C  N N 93  
GLN CG   C  N N 94  
GLN CD   C  N N 95  
GLN OE1  O  N N 96  
GLN NE2  N  N N 97  
GLN OXT  O  N N 98  
GLN H    H  N N 99  
GLN H2   H  N N 100 
GLN HA   H  N N 101 
GLN HB2  H  N N 102 
GLN HB3  H  N N 103 
GLN HG2  H  N N 104 
GLN HG3  H  N N 105 
GLN HE21 H  N N 106 
GLN HE22 H  N N 107 
GLN HXT  H  N N 108 
GLU N    N  N N 109 
GLU CA   C  N S 110 
GLU C    C  N N 111 
GLU O    O  N N 112 
GLU CB   C  N N 113 
GLU CG   C  N N 114 
GLU CD   C  N N 115 
GLU OE1  O  N N 116 
GLU OE2  O  N N 117 
GLU OXT  O  N N 118 
GLU H    H  N N 119 
GLU H2   H  N N 120 
GLU HA   H  N N 121 
GLU HB2  H  N N 122 
GLU HB3  H  N N 123 
GLU HG2  H  N N 124 
GLU HG3  H  N N 125 
GLU HE2  H  N N 126 
GLU HXT  H  N N 127 
GLY N    N  N N 128 
GLY CA   C  N N 129 
GLY C    C  N N 130 
GLY O    O  N N 131 
GLY OXT  O  N N 132 
GLY H    H  N N 133 
GLY H2   H  N N 134 
GLY HA2  H  N N 135 
GLY HA3  H  N N 136 
GLY HXT  H  N N 137 
HIS N    N  N N 138 
HIS CA   C  N S 139 
HIS C    C  N N 140 
HIS O    O  N N 141 
HIS CB   C  N N 142 
HIS CG   C  Y N 143 
HIS ND1  N  Y N 144 
HIS CD2  C  Y N 145 
HIS CE1  C  Y N 146 
HIS NE2  N  Y N 147 
HIS OXT  O  N N 148 
HIS H    H  N N 149 
HIS H2   H  N N 150 
HIS HA   H  N N 151 
HIS HB2  H  N N 152 
HIS HB3  H  N N 153 
HIS HD1  H  N N 154 
HIS HD2  H  N N 155 
HIS HE1  H  N N 156 
HIS HE2  H  N N 157 
HIS HXT  H  N N 158 
HOH O    O  N N 159 
HOH H1   H  N N 160 
HOH H2   H  N N 161 
ILE N    N  N N 162 
ILE CA   C  N S 163 
ILE C    C  N N 164 
ILE O    O  N N 165 
ILE CB   C  N S 166 
ILE CG1  C  N N 167 
ILE CG2  C  N N 168 
ILE CD1  C  N N 169 
ILE OXT  O  N N 170 
ILE H    H  N N 171 
ILE H2   H  N N 172 
ILE HA   H  N N 173 
ILE HB   H  N N 174 
ILE HG12 H  N N 175 
ILE HG13 H  N N 176 
ILE HG21 H  N N 177 
ILE HG22 H  N N 178 
ILE HG23 H  N N 179 
ILE HD11 H  N N 180 
ILE HD12 H  N N 181 
ILE HD13 H  N N 182 
ILE HXT  H  N N 183 
LEU N    N  N N 184 
LEU CA   C  N S 185 
LEU C    C  N N 186 
LEU O    O  N N 187 
LEU CB   C  N N 188 
LEU CG   C  N N 189 
LEU CD1  C  N N 190 
LEU CD2  C  N N 191 
LEU OXT  O  N N 192 
LEU H    H  N N 193 
LEU H2   H  N N 194 
LEU HA   H  N N 195 
LEU HB2  H  N N 196 
LEU HB3  H  N N 197 
LEU HG   H  N N 198 
LEU HD11 H  N N 199 
LEU HD12 H  N N 200 
LEU HD13 H  N N 201 
LEU HD21 H  N N 202 
LEU HD22 H  N N 203 
LEU HD23 H  N N 204 
LEU HXT  H  N N 205 
LJA N1   N  N N 206 
LJA N3   N  N N 207 
LJA C4   C  Y N 208 
LJA C5   C  Y N 209 
LJA C6   C  Y N 210 
LJA C7   C  Y N 211 
LJA C8   C  Y N 212 
LJA C1   C  N N 213 
LJA C2   C  N N 214 
LJA C3   C  Y N 215 
LJA C9   C  N N 216 
LJA N2   N  N N 217 
LJA O1   O  N N 218 
LJA O2   O  N N 219 
LJA H1   H  N N 220 
LJA H2   H  N N 221 
LJA H3   H  N N 222 
LJA H4   H  N N 223 
LJA H5   H  N N 224 
LJA H6   H  N N 225 
LJA H7   H  N N 226 
LJA H8   H  N N 227 
LJA H9   H  N N 228 
LJA H10  H  N N 229 
LJA H11  H  N N 230 
LYS N    N  N N 231 
LYS CA   C  N S 232 
LYS C    C  N N 233 
LYS O    O  N N 234 
LYS CB   C  N N 235 
LYS CG   C  N N 236 
LYS CD   C  N N 237 
LYS CE   C  N N 238 
LYS NZ   N  N N 239 
LYS OXT  O  N N 240 
LYS H    H  N N 241 
LYS H2   H  N N 242 
LYS HA   H  N N 243 
LYS HB2  H  N N 244 
LYS HB3  H  N N 245 
LYS HG2  H  N N 246 
LYS HG3  H  N N 247 
LYS HD2  H  N N 248 
LYS HD3  H  N N 249 
LYS HE2  H  N N 250 
LYS HE3  H  N N 251 
LYS HZ1  H  N N 252 
LYS HZ2  H  N N 253 
LYS HZ3  H  N N 254 
LYS HXT  H  N N 255 
MET N    N  N N 256 
MET CA   C  N S 257 
MET C    C  N N 258 
MET O    O  N N 259 
MET CB   C  N N 260 
MET CG   C  N N 261 
MET SD   S  N N 262 
MET CE   C  N N 263 
MET OXT  O  N N 264 
MET H    H  N N 265 
MET H2   H  N N 266 
MET HA   H  N N 267 
MET HB2  H  N N 268 
MET HB3  H  N N 269 
MET HG2  H  N N 270 
MET HG3  H  N N 271 
MET HE1  H  N N 272 
MET HE2  H  N N 273 
MET HE3  H  N N 274 
MET HXT  H  N N 275 
PHE N    N  N N 276 
PHE CA   C  N S 277 
PHE C    C  N N 278 
PHE O    O  N N 279 
PHE CB   C  N N 280 
PHE CG   C  Y N 281 
PHE CD1  C  Y N 282 
PHE CD2  C  Y N 283 
PHE CE1  C  Y N 284 
PHE CE2  C  Y N 285 
PHE CZ   C  Y N 286 
PHE OXT  O  N N 287 
PHE H    H  N N 288 
PHE H2   H  N N 289 
PHE HA   H  N N 290 
PHE HB2  H  N N 291 
PHE HB3  H  N N 292 
PHE HD1  H  N N 293 
PHE HD2  H  N N 294 
PHE HE1  H  N N 295 
PHE HE2  H  N N 296 
PHE HZ   H  N N 297 
PHE HXT  H  N N 298 
PRO N    N  N N 299 
PRO CA   C  N S 300 
PRO C    C  N N 301 
PRO O    O  N N 302 
PRO CB   C  N N 303 
PRO CG   C  N N 304 
PRO CD   C  N N 305 
PRO OXT  O  N N 306 
PRO H    H  N N 307 
PRO HA   H  N N 308 
PRO HB2  H  N N 309 
PRO HB3  H  N N 310 
PRO HG2  H  N N 311 
PRO HG3  H  N N 312 
PRO HD2  H  N N 313 
PRO HD3  H  N N 314 
PRO HXT  H  N N 315 
SER N    N  N N 316 
SER CA   C  N S 317 
SER C    C  N N 318 
SER O    O  N N 319 
SER CB   C  N N 320 
SER OG   O  N N 321 
SER OXT  O  N N 322 
SER H    H  N N 323 
SER H2   H  N N 324 
SER HA   H  N N 325 
SER HB2  H  N N 326 
SER HB3  H  N N 327 
SER HG   H  N N 328 
SER HXT  H  N N 329 
THR N    N  N N 330 
THR CA   C  N S 331 
THR C    C  N N 332 
THR O    O  N N 333 
THR CB   C  N R 334 
THR OG1  O  N N 335 
THR CG2  C  N N 336 
THR OXT  O  N N 337 
THR H    H  N N 338 
THR H2   H  N N 339 
THR HA   H  N N 340 
THR HB   H  N N 341 
THR HG1  H  N N 342 
THR HG21 H  N N 343 
THR HG22 H  N N 344 
THR HG23 H  N N 345 
THR HXT  H  N N 346 
TRP N    N  N N 347 
TRP CA   C  N S 348 
TRP C    C  N N 349 
TRP O    O  N N 350 
TRP CB   C  N N 351 
TRP CG   C  Y N 352 
TRP CD1  C  Y N 353 
TRP CD2  C  Y N 354 
TRP NE1  N  Y N 355 
TRP CE2  C  Y N 356 
TRP CE3  C  Y N 357 
TRP CZ2  C  Y N 358 
TRP CZ3  C  Y N 359 
TRP CH2  C  Y N 360 
TRP OXT  O  N N 361 
TRP H    H  N N 362 
TRP H2   H  N N 363 
TRP HA   H  N N 364 
TRP HB2  H  N N 365 
TRP HB3  H  N N 366 
TRP HD1  H  N N 367 
TRP HE1  H  N N 368 
TRP HE3  H  N N 369 
TRP HZ2  H  N N 370 
TRP HZ3  H  N N 371 
TRP HH2  H  N N 372 
TRP HXT  H  N N 373 
TYR N    N  N N 374 
TYR CA   C  N S 375 
TYR C    C  N N 376 
TYR O    O  N N 377 
TYR CB   C  N N 378 
TYR CG   C  Y N 379 
TYR CD1  C  Y N 380 
TYR CD2  C  Y N 381 
TYR CE1  C  Y N 382 
TYR CE2  C  Y N 383 
TYR CZ   C  Y N 384 
TYR OH   O  N N 385 
TYR OXT  O  N N 386 
TYR H    H  N N 387 
TYR H2   H  N N 388 
TYR HA   H  N N 389 
TYR HB2  H  N N 390 
TYR HB3  H  N N 391 
TYR HD1  H  N N 392 
TYR HD2  H  N N 393 
TYR HE1  H  N N 394 
TYR HE2  H  N N 395 
TYR HH   H  N N 396 
TYR HXT  H  N N 397 
VAL N    N  N N 398 
VAL CA   C  N S 399 
VAL C    C  N N 400 
VAL O    O  N N 401 
VAL CB   C  N N 402 
VAL CG1  C  N N 403 
VAL CG2  C  N N 404 
VAL OXT  O  N N 405 
VAL H    H  N N 406 
VAL H2   H  N N 407 
VAL HA   H  N N 408 
VAL HB   H  N N 409 
VAL HG11 H  N N 410 
VAL HG12 H  N N 411 
VAL HG13 H  N N 412 
VAL HG21 H  N N 413 
VAL HG22 H  N N 414 
VAL HG23 H  N N 415 
VAL HXT  H  N N 416 
# 
loop_
_chem_comp_bond.comp_id 
_chem_comp_bond.atom_id_1 
_chem_comp_bond.atom_id_2 
_chem_comp_bond.value_order 
_chem_comp_bond.pdbx_aromatic_flag 
_chem_comp_bond.pdbx_stereo_config 
_chem_comp_bond.pdbx_ordinal 
ALA N   CA   sing N N 1   
ALA N   H    sing N N 2   
ALA N   H2   sing N N 3   
ALA CA  C    sing N N 4   
ALA CA  CB   sing N N 5   
ALA CA  HA   sing N N 6   
ALA C   O    doub N N 7   
ALA C   OXT  sing N N 8   
ALA CB  HB1  sing N N 9   
ALA CB  HB2  sing N N 10  
ALA CB  HB3  sing N N 11  
ALA OXT HXT  sing N N 12  
ARG N   CA   sing N N 13  
ARG N   H    sing N N 14  
ARG N   H2   sing N N 15  
ARG CA  C    sing N N 16  
ARG CA  CB   sing N N 17  
ARG CA  HA   sing N N 18  
ARG C   O    doub N N 19  
ARG C   OXT  sing N N 20  
ARG CB  CG   sing N N 21  
ARG CB  HB2  sing N N 22  
ARG CB  HB3  sing N N 23  
ARG CG  CD   sing N N 24  
ARG CG  HG2  sing N N 25  
ARG CG  HG3  sing N N 26  
ARG CD  NE   sing N N 27  
ARG CD  HD2  sing N N 28  
ARG CD  HD3  sing N N 29  
ARG NE  CZ   sing N N 30  
ARG NE  HE   sing N N 31  
ARG CZ  NH1  sing N N 32  
ARG CZ  NH2  doub N N 33  
ARG NH1 HH11 sing N N 34  
ARG NH1 HH12 sing N N 35  
ARG NH2 HH21 sing N N 36  
ARG NH2 HH22 sing N N 37  
ARG OXT HXT  sing N N 38  
ASN N   CA   sing N N 39  
ASN N   H    sing N N 40  
ASN N   H2   sing N N 41  
ASN CA  C    sing N N 42  
ASN CA  CB   sing N N 43  
ASN CA  HA   sing N N 44  
ASN C   O    doub N N 45  
ASN C   OXT  sing N N 46  
ASN CB  CG   sing N N 47  
ASN CB  HB2  sing N N 48  
ASN CB  HB3  sing N N 49  
ASN CG  OD1  doub N N 50  
ASN CG  ND2  sing N N 51  
ASN ND2 HD21 sing N N 52  
ASN ND2 HD22 sing N N 53  
ASN OXT HXT  sing N N 54  
ASP N   CA   sing N N 55  
ASP N   H    sing N N 56  
ASP N   H2   sing N N 57  
ASP CA  C    sing N N 58  
ASP CA  CB   sing N N 59  
ASP CA  HA   sing N N 60  
ASP C   O    doub N N 61  
ASP C   OXT  sing N N 62  
ASP CB  CG   sing N N 63  
ASP CB  HB2  sing N N 64  
ASP CB  HB3  sing N N 65  
ASP CG  OD1  doub N N 66  
ASP CG  OD2  sing N N 67  
ASP OD2 HD2  sing N N 68  
ASP OXT HXT  sing N N 69  
CYS N   CA   sing N N 70  
CYS N   H    sing N N 71  
CYS N   H2   sing N N 72  
CYS CA  C    sing N N 73  
CYS CA  CB   sing N N 74  
CYS CA  HA   sing N N 75  
CYS C   O    doub N N 76  
CYS C   OXT  sing N N 77  
CYS CB  SG   sing N N 78  
CYS CB  HB2  sing N N 79  
CYS CB  HB3  sing N N 80  
CYS SG  HG   sing N N 81  
CYS OXT HXT  sing N N 82  
GLN N   CA   sing N N 83  
GLN N   H    sing N N 84  
GLN N   H2   sing N N 85  
GLN CA  C    sing N N 86  
GLN CA  CB   sing N N 87  
GLN CA  HA   sing N N 88  
GLN C   O    doub N N 89  
GLN C   OXT  sing N N 90  
GLN CB  CG   sing N N 91  
GLN CB  HB2  sing N N 92  
GLN CB  HB3  sing N N 93  
GLN CG  CD   sing N N 94  
GLN CG  HG2  sing N N 95  
GLN CG  HG3  sing N N 96  
GLN CD  OE1  doub N N 97  
GLN CD  NE2  sing N N 98  
GLN NE2 HE21 sing N N 99  
GLN NE2 HE22 sing N N 100 
GLN OXT HXT  sing N N 101 
GLU N   CA   sing N N 102 
GLU N   H    sing N N 103 
GLU N   H2   sing N N 104 
GLU CA  C    sing N N 105 
GLU CA  CB   sing N N 106 
GLU CA  HA   sing N N 107 
GLU C   O    doub N N 108 
GLU C   OXT  sing N N 109 
GLU CB  CG   sing N N 110 
GLU CB  HB2  sing N N 111 
GLU CB  HB3  sing N N 112 
GLU CG  CD   sing N N 113 
GLU CG  HG2  sing N N 114 
GLU CG  HG3  sing N N 115 
GLU CD  OE1  doub N N 116 
GLU CD  OE2  sing N N 117 
GLU OE2 HE2  sing N N 118 
GLU OXT HXT  sing N N 119 
GLY N   CA   sing N N 120 
GLY N   H    sing N N 121 
GLY N   H2   sing N N 122 
GLY CA  C    sing N N 123 
GLY CA  HA2  sing N N 124 
GLY CA  HA3  sing N N 125 
GLY C   O    doub N N 126 
GLY C   OXT  sing N N 127 
GLY OXT HXT  sing N N 128 
HIS N   CA   sing N N 129 
HIS N   H    sing N N 130 
HIS N   H2   sing N N 131 
HIS CA  C    sing N N 132 
HIS CA  CB   sing N N 133 
HIS CA  HA   sing N N 134 
HIS C   O    doub N N 135 
HIS C   OXT  sing N N 136 
HIS CB  CG   sing N N 137 
HIS CB  HB2  sing N N 138 
HIS CB  HB3  sing N N 139 
HIS CG  ND1  sing Y N 140 
HIS CG  CD2  doub Y N 141 
HIS ND1 CE1  doub Y N 142 
HIS ND1 HD1  sing N N 143 
HIS CD2 NE2  sing Y N 144 
HIS CD2 HD2  sing N N 145 
HIS CE1 NE2  sing Y N 146 
HIS CE1 HE1  sing N N 147 
HIS NE2 HE2  sing N N 148 
HIS OXT HXT  sing N N 149 
HOH O   H1   sing N N 150 
HOH O   H2   sing N N 151 
ILE N   CA   sing N N 152 
ILE N   H    sing N N 153 
ILE N   H2   sing N N 154 
ILE CA  C    sing N N 155 
ILE CA  CB   sing N N 156 
ILE CA  HA   sing N N 157 
ILE C   O    doub N N 158 
ILE C   OXT  sing N N 159 
ILE CB  CG1  sing N N 160 
ILE CB  CG2  sing N N 161 
ILE CB  HB   sing N N 162 
ILE CG1 CD1  sing N N 163 
ILE CG1 HG12 sing N N 164 
ILE CG1 HG13 sing N N 165 
ILE CG2 HG21 sing N N 166 
ILE CG2 HG22 sing N N 167 
ILE CG2 HG23 sing N N 168 
ILE CD1 HD11 sing N N 169 
ILE CD1 HD12 sing N N 170 
ILE CD1 HD13 sing N N 171 
ILE OXT HXT  sing N N 172 
LEU N   CA   sing N N 173 
LEU N   H    sing N N 174 
LEU N   H2   sing N N 175 
LEU CA  C    sing N N 176 
LEU CA  CB   sing N N 177 
LEU CA  HA   sing N N 178 
LEU C   O    doub N N 179 
LEU C   OXT  sing N N 180 
LEU CB  CG   sing N N 181 
LEU CB  HB2  sing N N 182 
LEU CB  HB3  sing N N 183 
LEU CG  CD1  sing N N 184 
LEU CG  CD2  sing N N 185 
LEU CG  HG   sing N N 186 
LEU CD1 HD11 sing N N 187 
LEU CD1 HD12 sing N N 188 
LEU CD1 HD13 sing N N 189 
LEU CD2 HD21 sing N N 190 
LEU CD2 HD22 sing N N 191 
LEU CD2 HD23 sing N N 192 
LEU OXT HXT  sing N N 193 
LJA O2  C9   doub N N 194 
LJA N2  C9   sing N N 195 
LJA N2  C7   sing N N 196 
LJA C9  N3   sing N N 197 
LJA C7  C6   doub Y N 198 
LJA C7  C8   sing Y N 199 
LJA C6  C5   sing Y N 200 
LJA C8  C3   doub Y N 201 
LJA C5  C4   doub Y N 202 
LJA C3  C4   sing Y N 203 
LJA C3  N1   sing N N 204 
LJA N1  C2   sing N N 205 
LJA C2  O1   doub N N 206 
LJA C2  C1   sing N N 207 
LJA N1  H1   sing N N 208 
LJA N3  H2   sing N N 209 
LJA N3  H3   sing N N 210 
LJA C4  H4   sing N N 211 
LJA C5  H5   sing N N 212 
LJA C6  H6   sing N N 213 
LJA C8  H7   sing N N 214 
LJA C1  H8   sing N N 215 
LJA C1  H9   sing N N 216 
LJA C1  H10  sing N N 217 
LJA N2  H11  sing N N 218 
LYS N   CA   sing N N 219 
LYS N   H    sing N N 220 
LYS N   H2   sing N N 221 
LYS CA  C    sing N N 222 
LYS CA  CB   sing N N 223 
LYS CA  HA   sing N N 224 
LYS C   O    doub N N 225 
LYS C   OXT  sing N N 226 
LYS CB  CG   sing N N 227 
LYS CB  HB2  sing N N 228 
LYS CB  HB3  sing N N 229 
LYS CG  CD   sing N N 230 
LYS CG  HG2  sing N N 231 
LYS CG  HG3  sing N N 232 
LYS CD  CE   sing N N 233 
LYS CD  HD2  sing N N 234 
LYS CD  HD3  sing N N 235 
LYS CE  NZ   sing N N 236 
LYS CE  HE2  sing N N 237 
LYS CE  HE3  sing N N 238 
LYS NZ  HZ1  sing N N 239 
LYS NZ  HZ2  sing N N 240 
LYS NZ  HZ3  sing N N 241 
LYS OXT HXT  sing N N 242 
MET N   CA   sing N N 243 
MET N   H    sing N N 244 
MET N   H2   sing N N 245 
MET CA  C    sing N N 246 
MET CA  CB   sing N N 247 
MET CA  HA   sing N N 248 
MET C   O    doub N N 249 
MET C   OXT  sing N N 250 
MET CB  CG   sing N N 251 
MET CB  HB2  sing N N 252 
MET CB  HB3  sing N N 253 
MET CG  SD   sing N N 254 
MET CG  HG2  sing N N 255 
MET CG  HG3  sing N N 256 
MET SD  CE   sing N N 257 
MET CE  HE1  sing N N 258 
MET CE  HE2  sing N N 259 
MET CE  HE3  sing N N 260 
MET OXT HXT  sing N N 261 
PHE N   CA   sing N N 262 
PHE N   H    sing N N 263 
PHE N   H2   sing N N 264 
PHE CA  C    sing N N 265 
PHE CA  CB   sing N N 266 
PHE CA  HA   sing N N 267 
PHE C   O    doub N N 268 
PHE C   OXT  sing N N 269 
PHE CB  CG   sing N N 270 
PHE CB  HB2  sing N N 271 
PHE CB  HB3  sing N N 272 
PHE CG  CD1  doub Y N 273 
PHE CG  CD2  sing Y N 274 
PHE CD1 CE1  sing Y N 275 
PHE CD1 HD1  sing N N 276 
PHE CD2 CE2  doub Y N 277 
PHE CD2 HD2  sing N N 278 
PHE CE1 CZ   doub Y N 279 
PHE CE1 HE1  sing N N 280 
PHE CE2 CZ   sing Y N 281 
PHE CE2 HE2  sing N N 282 
PHE CZ  HZ   sing N N 283 
PHE OXT HXT  sing N N 284 
PRO N   CA   sing N N 285 
PRO N   CD   sing N N 286 
PRO N   H    sing N N 287 
PRO CA  C    sing N N 288 
PRO CA  CB   sing N N 289 
PRO CA  HA   sing N N 290 
PRO C   O    doub N N 291 
PRO C   OXT  sing N N 292 
PRO CB  CG   sing N N 293 
PRO CB  HB2  sing N N 294 
PRO CB  HB3  sing N N 295 
PRO CG  CD   sing N N 296 
PRO CG  HG2  sing N N 297 
PRO CG  HG3  sing N N 298 
PRO CD  HD2  sing N N 299 
PRO CD  HD3  sing N N 300 
PRO OXT HXT  sing N N 301 
SER N   CA   sing N N 302 
SER N   H    sing N N 303 
SER N   H2   sing N N 304 
SER CA  C    sing N N 305 
SER CA  CB   sing N N 306 
SER CA  HA   sing N N 307 
SER C   O    doub N N 308 
SER C   OXT  sing N N 309 
SER CB  OG   sing N N 310 
SER CB  HB2  sing N N 311 
SER CB  HB3  sing N N 312 
SER OG  HG   sing N N 313 
SER OXT HXT  sing N N 314 
THR N   CA   sing N N 315 
THR N   H    sing N N 316 
THR N   H2   sing N N 317 
THR CA  C    sing N N 318 
THR CA  CB   sing N N 319 
THR CA  HA   sing N N 320 
THR C   O    doub N N 321 
THR C   OXT  sing N N 322 
THR CB  OG1  sing N N 323 
THR CB  CG2  sing N N 324 
THR CB  HB   sing N N 325 
THR OG1 HG1  sing N N 326 
THR CG2 HG21 sing N N 327 
THR CG2 HG22 sing N N 328 
THR CG2 HG23 sing N N 329 
THR OXT HXT  sing N N 330 
TRP N   CA   sing N N 331 
TRP N   H    sing N N 332 
TRP N   H2   sing N N 333 
TRP CA  C    sing N N 334 
TRP CA  CB   sing N N 335 
TRP CA  HA   sing N N 336 
TRP C   O    doub N N 337 
TRP C   OXT  sing N N 338 
TRP CB  CG   sing N N 339 
TRP CB  HB2  sing N N 340 
TRP CB  HB3  sing N N 341 
TRP CG  CD1  doub Y N 342 
TRP CG  CD2  sing Y N 343 
TRP CD1 NE1  sing Y N 344 
TRP CD1 HD1  sing N N 345 
TRP CD2 CE2  doub Y N 346 
TRP CD2 CE3  sing Y N 347 
TRP NE1 CE2  sing Y N 348 
TRP NE1 HE1  sing N N 349 
TRP CE2 CZ2  sing Y N 350 
TRP CE3 CZ3  doub Y N 351 
TRP CE3 HE3  sing N N 352 
TRP CZ2 CH2  doub Y N 353 
TRP CZ2 HZ2  sing N N 354 
TRP CZ3 CH2  sing Y N 355 
TRP CZ3 HZ3  sing N N 356 
TRP CH2 HH2  sing N N 357 
TRP OXT HXT  sing N N 358 
TYR N   CA   sing N N 359 
TYR N   H    sing N N 360 
TYR N   H2   sing N N 361 
TYR CA  C    sing N N 362 
TYR CA  CB   sing N N 363 
TYR CA  HA   sing N N 364 
TYR C   O    doub N N 365 
TYR C   OXT  sing N N 366 
TYR CB  CG   sing N N 367 
TYR CB  HB2  sing N N 368 
TYR CB  HB3  sing N N 369 
TYR CG  CD1  doub Y N 370 
TYR CG  CD2  sing Y N 371 
TYR CD1 CE1  sing Y N 372 
TYR CD1 HD1  sing N N 373 
TYR CD2 CE2  doub Y N 374 
TYR CD2 HD2  sing N N 375 
TYR CE1 CZ   doub Y N 376 
TYR CE1 HE1  sing N N 377 
TYR CE2 CZ   sing Y N 378 
TYR CE2 HE2  sing N N 379 
TYR CZ  OH   sing N N 380 
TYR OH  HH   sing N N 381 
TYR OXT HXT  sing N N 382 
VAL N   CA   sing N N 383 
VAL N   H    sing N N 384 
VAL N   H2   sing N N 385 
VAL CA  C    sing N N 386 
VAL CA  CB   sing N N 387 
VAL CA  HA   sing N N 388 
VAL C   O    doub N N 389 
VAL C   OXT  sing N N 390 
VAL CB  CG1  sing N N 391 
VAL CB  CG2  sing N N 392 
VAL CB  HB   sing N N 393 
VAL CG1 HG11 sing N N 394 
VAL CG1 HG12 sing N N 395 
VAL CG1 HG13 sing N N 396 
VAL CG2 HG21 sing N N 397 
VAL CG2 HG22 sing N N 398 
VAL CG2 HG23 sing N N 399 
VAL OXT HXT  sing N N 400 
# 
_pdbx_deposit_group.group_id            G_1002080 
_pdbx_deposit_group.group_description   
;Human Brachyury screened against the DSI-poised Fragment Library by X-ray Crystallography at the XChem facility of Diamond Light Source beamline I04-1
;
_pdbx_deposit_group.group_title         'PanDDA analysis group deposition' 
_pdbx_deposit_group.group_type          'changed state' 
# 
_pdbx_entity_instance_feature.ordinal        1 
_pdbx_entity_instance_feature.comp_id        LJA 
_pdbx_entity_instance_feature.asym_id        ? 
_pdbx_entity_instance_feature.seq_num        ? 
_pdbx_entity_instance_feature.auth_comp_id   LJA 
_pdbx_entity_instance_feature.auth_asym_id   ? 
_pdbx_entity_instance_feature.auth_seq_num   ? 
_pdbx_entity_instance_feature.feature_type   'SUBJECT OF INVESTIGATION' 
_pdbx_entity_instance_feature.details        ? 
# 
_atom_sites.entry_id                    5QS3 
_atom_sites.fract_transf_matrix[1][1]   0.01312206 
_atom_sites.fract_transf_matrix[1][2]   -0.00861521 
_atom_sites.fract_transf_matrix[1][3]   0.00563136 
_atom_sites.fract_transf_matrix[2][1]   0.00660378 
_atom_sites.fract_transf_matrix[2][2]   0.00004854 
_atom_sites.fract_transf_matrix[2][3]   -0.01531372 
_atom_sites.fract_transf_matrix[3][1]   0.00428740 
_atom_sites.fract_transf_matrix[3][2]   0.00775484 
_atom_sites.fract_transf_matrix[3][3]   0.00187345 
_atom_sites.fract_transf_vector[1]      0.345148 
_atom_sites.fract_transf_vector[2]      -0.020113 
_atom_sites.fract_transf_vector[3]      0.060646 
# 
loop_
_atom_type.symbol 
C  
CD 
N  
O  
S  
# 
loop_
_atom_site.group_PDB 
_atom_site.id 
_atom_site.type_symbol 
_atom_site.label_atom_id 
_atom_site.label_alt_id 
_atom_site.label_comp_id 
_atom_site.label_asym_id 
_atom_site.label_entity_id 
_atom_site.label_seq_id 
_atom_site.pdbx_PDB_ins_code 
_atom_site.Cartn_x 
_atom_site.Cartn_y 
_atom_site.Cartn_z 
_atom_site.occupancy 
_atom_site.B_iso_or_equiv 
_atom_site.pdbx_formal_charge 
_atom_site.auth_seq_id 
_atom_site.auth_comp_id 
_atom_site.auth_asym_id 
_atom_site.auth_atom_id 
_atom_site.pdbx_PDB_model_num 
ATOM   1    N  N   . GLU A 1 2   ? 12.746  -2.788  20.799  1.00 78.55  ? 41  GLU A N   1 
ATOM   2    C  CA  . GLU A 1 2   ? 12.299  -3.505  19.574  1.00 79.16  ? 41  GLU A CA  1 
ATOM   3    C  C   . GLU A 1 2   ? 11.437  -2.525  18.750  1.00 71.03  ? 41  GLU A C   1 
ATOM   4    O  O   . GLU A 1 2   ? 10.469  -1.945  19.299  1.00 65.83  ? 41  GLU A O   1 
ATOM   5    C  CB  . GLU A 1 2   ? 11.588  -4.816  19.961  1.00 83.77  ? 41  GLU A CB  1 
ATOM   6    C  CG  . GLU A 1 2   ? 12.021  -6.063  19.176  1.00 83.05  ? 41  GLU A CG  1 
ATOM   7    C  CD  . GLU A 1 2   ? 13.096  -6.954  19.798  1.00 85.80  ? 41  GLU A CD  1 
ATOM   8    O  OE1 . GLU A 1 2   ? 12.852  -8.179  19.991  1.00 77.93  ? 41  GLU A OE1 1 
ATOM   9    O  OE2 . GLU A 1 2   ? 14.195  -6.439  20.056  1.00 85.49  ? 41  GLU A OE2 1 
ATOM   10   N  N   . LEU A 1 3   ? 11.850  -2.291  17.504  1.00 57.61  ? 42  LEU A N   1 
ATOM   11   C  CA  . LEU A 1 3   ? 11.101  -1.588  16.421  1.00 55.97  ? 42  LEU A CA  1 
ATOM   12   C  C   . LEU A 1 3   ? 9.699   -2.196  16.264  1.00 52.48  ? 42  LEU A C   1 
ATOM   13   O  O   . LEU A 1 3   ? 9.631   -3.355  15.905  1.00 54.22  ? 42  LEU A O   1 
ATOM   14   C  CB  . LEU A 1 3   ? 11.936  -1.771  15.152  1.00 53.31  ? 42  LEU A CB  1 
ATOM   15   C  CG  . LEU A 1 3   ? 11.463  -1.091  13.872  1.00 56.15  ? 42  LEU A CG  1 
ATOM   16   C  CD1 . LEU A 1 3   ? 10.535  0.086   14.143  1.00 59.56  ? 42  LEU A CD1 1 
ATOM   17   C  CD2 . LEU A 1 3   ? 12.673  -0.646  13.056  1.00 58.14  ? 42  LEU A CD2 1 
ATOM   18   N  N   . ARG A 1 4   ? 8.636   -1.446  16.560  1.00 47.62  ? 43  ARG A N   1 
ATOM   19   C  CA  . ARG A 1 4   ? 7.232   -1.913  16.458  1.00 44.53  ? 43  ARG A CA  1 
ATOM   20   C  C   . ARG A 1 4   ? 6.563   -1.141  15.317  1.00 45.43  ? 43  ARG A C   1 
ATOM   21   O  O   . ARG A 1 4   ? 6.612   0.103   15.349  1.00 44.75  ? 43  ARG A O   1 
ATOM   22   C  CB  . ARG A 1 4   ? 6.508   -1.708  17.794  1.00 42.99  ? 43  ARG A CB  1 
ATOM   23   N  N   . VAL A 1 5   ? 6.015   -1.850  14.321  1.00 47.04  ? 44  VAL A N   1 
ATOM   24   C  CA  . VAL A 1 5   ? 5.229   -1.244  13.201  1.00 47.62  ? 44  VAL A CA  1 
ATOM   25   C  C   . VAL A 1 5   ? 3.775   -1.706  13.313  1.00 49.58  ? 44  VAL A C   1 
ATOM   26   O  O   . VAL A 1 5   ? 3.565   -2.942  13.279  1.00 44.75  ? 44  VAL A O   1 
ATOM   27   C  CB  . VAL A 1 5   ? 5.826   -1.620  11.831  1.00 48.80  ? 44  VAL A CB  1 
ATOM   28   C  CG1 . VAL A 1 5   ? 4.966   -1.087  10.692  1.00 47.26  ? 44  VAL A CG1 1 
ATOM   29   C  CG2 . VAL A 1 5   ? 7.266   -1.141  11.692  1.00 49.10  ? 44  VAL A CG2 1 
ATOM   30   N  N   . GLY A 1 6   ? 2.817   -0.769  13.398  1.00 47.61  ? 45  GLY A N   1 
ATOM   31   C  CA  . GLY A 1 6   ? 1.374   -1.054  13.515  1.00 46.85  ? 45  GLY A CA  1 
ATOM   32   C  C   . GLY A 1 6   ? 0.512   -0.244  12.553  1.00 45.74  ? 45  GLY A C   1 
ATOM   33   O  O   . GLY A 1 6   ? 0.868   0.891   12.217  1.00 43.66  ? 45  GLY A O   1 
ATOM   34   N  N   . LEU A 1 7   ? -0.626  -0.800  12.139  1.00 42.34  ? 46  LEU A N   1 
ATOM   35   C  CA  . LEU A 1 7   ? -1.540  -0.141  11.181  1.00 39.40  ? 46  LEU A CA  1 
ATOM   36   C  C   . LEU A 1 7   ? -2.477  0.779   11.953  1.00 41.11  ? 46  LEU A C   1 
ATOM   37   O  O   . LEU A 1 7   ? -3.096  0.293   12.898  1.00 46.50  ? 46  LEU A O   1 
ATOM   38   C  CB  . LEU A 1 7   ? -2.311  -1.224  10.423  1.00 37.77  ? 46  LEU A CB  1 
ATOM   39   C  CG  . LEU A 1 7   ? -3.340  -0.696  9.433   1.00 34.93  ? 46  LEU A CG  1 
ATOM   40   C  CD1 . LEU A 1 7   ? -2.655  0.012   8.289   1.00 36.79  ? 46  LEU A CD1 1 
ATOM   41   C  CD2 . LEU A 1 7   ? -4.209  -1.821  8.926   1.00 33.50  ? 46  LEU A CD2 1 
ATOM   42   N  N   . GLU A 1 8   ? -2.569  2.056   11.563  1.00 38.70  ? 47  GLU A N   1 
ATOM   43   C  CA  . GLU A 1 8   ? -3.523  3.031   12.150  1.00 43.29  ? 47  GLU A CA  1 
ATOM   44   C  C   . GLU A 1 8   ? -4.869  2.804   11.454  1.00 43.47  ? 47  GLU A C   1 
ATOM   45   O  O   . GLU A 1 8   ? -4.845  2.476   10.247  1.00 40.84  ? 47  GLU A O   1 
ATOM   46   C  CB  . GLU A 1 8   ? -2.955  4.451   11.996  1.00 49.32  ? 47  GLU A CB  1 
ATOM   47   C  CG  . GLU A 1 8   ? -3.858  5.557   12.526  1.00 57.49  ? 47  GLU A CG  1 
ATOM   48   C  CD  . GLU A 1 8   ? -3.907  5.718   14.040  1.00 61.32  ? 47  GLU A CD  1 
ATOM   49   O  OE1 . GLU A 1 8   ? -3.282  4.903   14.739  1.00 69.95  ? 47  GLU A OE1 1 
ATOM   50   O  OE2 . GLU A 1 8   ? -4.569  6.670   14.520  1.00 75.69  ? 47  GLU A OE2 1 
ATOM   51   N  N   . GLU A 1 9   ? -5.982  2.907   12.196  1.00 41.13  ? 48  GLU A N   1 
ATOM   52   C  CA  . GLU A 1 9   ? -7.365  2.688   11.689  1.00 45.35  ? 48  GLU A CA  1 
ATOM   53   C  C   . GLU A 1 9   ? -7.500  1.281   11.091  1.00 43.89  ? 48  GLU A C   1 
ATOM   54   O  O   . GLU A 1 9   ? -8.109  1.149   10.012  1.00 43.95  ? 48  GLU A O   1 
ATOM   55   C  CB  . GLU A 1 9   ? -7.739  3.720   10.618  1.00 48.77  ? 48  GLU A CB  1 
ATOM   56   C  CG  . GLU A 1 9   ? -7.533  5.160   11.050  1.00 54.86  ? 48  GLU A CG  1 
ATOM   57   C  CD  . GLU A 1 9   ? -7.997  6.189   10.029  1.00 60.31  ? 48  GLU A CD  1 
ATOM   58   O  OE1 . GLU A 1 9   ? -9.174  6.128   9.614   1.00 64.95  ? 48  GLU A OE1 1 
ATOM   59   O  OE2 . GLU A 1 9   ? -7.174  7.036   9.635   1.00 62.83  ? 48  GLU A OE2 1 
ATOM   60   N  N   . SER A 1 10  ? -7.028  0.240   11.773  1.00 40.17  ? 49  SER A N   1 
ATOM   61   C  CA  . SER A 1 10  ? -7.260  -1.152  11.296  1.00 41.72  ? 49  SER A CA  1 
ATOM   62   C  C   . SER A 1 10  ? -8.770  -1.446  11.255  1.00 39.30  ? 49  SER A C   1 
ATOM   63   O  O   . SER A 1 10  ? -9.171  -2.184  10.352  1.00 42.52  ? 49  SER A O   1 
ATOM   64   C  CB  . SER A 1 10  ? -6.504  -2.174  12.116  1.00 43.44  ? 49  SER A CB  1 
ATOM   65   O  OG  . SER A 1 10  ? -6.810  -1.995  13.486  1.00 46.74  ? 49  SER A OG  1 
ATOM   66   N  N   . GLU A 1 11  ? -9.546  -0.914  12.208  1.00 39.17  ? 50  GLU A N   1 
ATOM   67   C  CA  . GLU A 1 11  ? -11.040 -0.995  12.295  1.00 48.28  ? 50  GLU A CA  1 
ATOM   68   C  C   . GLU A 1 11  ? -11.648 -0.770  10.905  1.00 45.35  ? 50  GLU A C   1 
ATOM   69   O  O   . GLU A 1 11  ? -12.444 -1.622  10.454  1.00 48.66  ? 50  GLU A O   1 
ATOM   70   C  CB  . GLU A 1 11  ? -11.584 0.031   13.306  1.00 49.45  ? 50  GLU A CB  1 
ATOM   71   C  CG  . GLU A 1 11  ? -12.774 0.873   12.823  1.00 60.12  ? 50  GLU A CG  1 
ATOM   72   C  CD  . GLU A 1 11  ? -14.143 0.272   13.110  1.00 61.45  ? 50  GLU A CD  1 
ATOM   73   O  OE1 . GLU A 1 11  ? -15.012 0.317   12.233  1.00 66.83  ? 50  GLU A OE1 1 
ATOM   74   O  OE2 . GLU A 1 11  ? -14.341 -0.234  14.228  1.00 75.65  ? 50  GLU A OE2 1 
ATOM   75   N  N   . LEU A 1 12  ? -11.262 0.331   10.261  1.00 38.94  ? 51  LEU A N   1 
ATOM   76   C  CA  . LEU A 1 12  ? -11.808 0.782   8.955   1.00 45.75  ? 51  LEU A CA  1 
ATOM   77   C  C   . LEU A 1 12  ? -11.326 -0.140  7.834   1.00 38.29  ? 51  LEU A C   1 
ATOM   78   O  O   . LEU A 1 12  ? -12.132 -0.600  7.021   1.00 36.81  ? 51  LEU A O   1 
ATOM   79   C  CB  . LEU A 1 12  ? -11.347 2.215   8.682   1.00 48.16  ? 51  LEU A CB  1 
ATOM   80   C  CG  . LEU A 1 12  ? -11.966 2.837   7.427   1.00 52.90  ? 51  LEU A CG  1 
ATOM   81   C  CD1 . LEU A 1 12  ? -13.489 2.750   7.474   1.00 53.53  ? 51  LEU A CD1 1 
ATOM   82   C  CD2 . LEU A 1 12  ? -11.504 4.267   7.244   1.00 52.45  ? 51  LEU A CD2 1 
ATOM   83   N  N   . TRP A 1 13  ? -10.019 -0.358  7.759   1.00 36.57  ? 52  TRP A N   1 
ATOM   84   C  CA  . TRP A 1 13  ? -9.433  -1.273  6.757   1.00 34.98  ? 52  TRP A CA  1 
ATOM   85   C  C   . TRP A 1 13  ? -10.171 -2.613  6.783   1.00 37.01  ? 52  TRP A C   1 
ATOM   86   O  O   . TRP A 1 13  ? -10.417 -3.150  5.688   1.00 38.61  ? 52  TRP A O   1 
ATOM   87   C  CB  . TRP A 1 13  ? -7.946  -1.446  7.017   1.00 30.66  ? 52  TRP A CB  1 
ATOM   88   C  CG  . TRP A 1 13  ? -7.120  -0.336  6.470   1.00 27.73  ? 52  TRP A CG  1 
ATOM   89   C  CD1 . TRP A 1 13  ? -6.528  0.662   7.173   1.00 28.65  ? 52  TRP A CD1 1 
ATOM   90   C  CD2 . TRP A 1 13  ? -6.757  -0.138  5.092   1.00 27.54  ? 52  TRP A CD2 1 
ATOM   91   N  NE1 . TRP A 1 13  ? -5.831  1.479   6.336   1.00 29.06  ? 52  TRP A NE1 1 
ATOM   92   C  CE2 . TRP A 1 13  ? -5.963  1.023   5.050   1.00 26.94  ? 52  TRP A CE2 1 
ATOM   93   C  CE3 . TRP A 1 13  ? -7.085  -0.779  3.892   1.00 26.72  ? 52  TRP A CE3 1 
ATOM   94   C  CZ2 . TRP A 1 13  ? -5.426  1.509   3.865   1.00 28.34  ? 52  TRP A CZ2 1 
ATOM   95   C  CZ3 . TRP A 1 13  ? -6.547  -0.300  2.720   1.00 28.66  ? 52  TRP A CZ3 1 
ATOM   96   C  CH2 . TRP A 1 13  ? -5.731  0.832   2.707   1.00 29.09  ? 52  TRP A CH2 1 
ATOM   97   N  N   . LEU A 1 14  ? -10.518 -3.128  7.968   1.00 38.99  ? 53  LEU A N   1 
ATOM   98   C  CA  . LEU A 1 14  ? -11.134 -4.485  8.097   1.00 42.46  ? 53  LEU A CA  1 
ATOM   99   C  C   . LEU A 1 14  ? -12.549 -4.510  7.498   1.00 44.25  ? 53  LEU A C   1 
ATOM   100  O  O   . LEU A 1 14  ? -12.924 -5.551  6.888   1.00 41.36  ? 53  LEU A O   1 
ATOM   101  C  CB  . LEU A 1 14  ? -11.115 -4.926  9.564   1.00 48.33  ? 53  LEU A CB  1 
ATOM   102  C  CG  . LEU A 1 14  ? -9.895  -5.754  9.998   1.00 54.12  ? 53  LEU A CG  1 
ATOM   103  C  CD1 . LEU A 1 14  ? -8.675  -5.507  9.127   1.00 58.24  ? 53  LEU A CD1 1 
ATOM   104  C  CD2 . LEU A 1 14  ? -9.546  -5.496  11.457  1.00 58.04  ? 53  LEU A CD2 1 
ATOM   105  N  N   . ARG A 1 15  ? -13.302 -3.417  7.615   1.00 44.39  ? 54  ARG A N   1 
ATOM   106  C  CA  . ARG A 1 15  ? -14.610 -3.287  6.922   1.00 47.30  ? 54  ARG A CA  1 
ATOM   107  C  C   . ARG A 1 15  ? -14.401 -3.458  5.409   1.00 42.67  ? 54  ARG A C   1 
ATOM   108  O  O   . ARG A 1 15  ? -15.232 -4.115  4.760   1.00 45.88  ? 54  ARG A O   1 
ATOM   109  C  CB  . ARG A 1 15  ? -15.243 -1.923  7.198   1.00 54.02  ? 54  ARG A CB  1 
ATOM   110  C  CG  . ARG A 1 15  ? -15.310 -1.553  8.673   1.00 63.05  ? 54  ARG A CG  1 
ATOM   111  C  CD  . ARG A 1 15  ? -16.674 -1.784  9.271   1.00 66.75  ? 54  ARG A CD  1 
ATOM   112  N  NE  . ARG A 1 15  ? -17.651 -0.852  8.728   1.00 71.24  ? 54  ARG A NE  1 
ATOM   113  C  CZ  . ARG A 1 15  ? -17.866 0.382   9.174   1.00 73.97  ? 54  ARG A CZ  1 
ATOM   114  N  NH1 . ARG A 1 15  ? -17.168 0.878   10.185  1.00 76.65  ? 54  ARG A NH1 1 
ATOM   115  N  NH2 . ARG A 1 15  ? -18.791 1.121   8.594   1.00 73.66  ? 54  ARG A NH2 1 
ATOM   116  N  N   . PHE A 1 16  ? -13.360 -2.854  4.851   1.00 34.07  ? 55  PHE A N   1 
ATOM   117  C  CA  . PHE A 1 16  ? -13.071 -2.905  3.393   1.00 34.22  ? 55  PHE A CA  1 
ATOM   118  C  C   . PHE A 1 16  ? -12.635 -4.310  3.041   1.00 38.54  ? 55  PHE A C   1 
ATOM   119  O  O   . PHE A 1 16  ? -13.115 -4.886  2.030   1.00 32.70  ? 55  PHE A O   1 
ATOM   120  C  CB  . PHE A 1 16  ? -11.996 -1.910  2.964   1.00 35.43  ? 55  PHE A CB  1 
ATOM   121  C  CG  . PHE A 1 16  ? -12.525 -0.510  2.818   1.00 35.40  ? 55  PHE A CG  1 
ATOM   122  C  CD1 . PHE A 1 16  ? -13.126 -0.106  1.635   1.00 36.82  ? 55  PHE A CD1 1 
ATOM   123  C  CD2 . PHE A 1 16  ? -12.487 0.378   3.878   1.00 33.82  ? 55  PHE A CD2 1 
ATOM   124  C  CE1 . PHE A 1 16  ? -13.626 1.181   1.507   1.00 36.46  ? 55  PHE A CE1 1 
ATOM   125  C  CE2 . PHE A 1 16  ? -12.970 1.670   3.742   1.00 32.38  ? 55  PHE A CE2 1 
ATOM   126  C  CZ  . PHE A 1 16  ? -13.576 2.051   2.576   1.00 34.13  ? 55  PHE A CZ  1 
ATOM   127  N  N   . LYS A 1 17  ? -11.731 -4.851  3.869   1.00 33.64  ? 56  LYS A N   1 
ATOM   128  C  CA  . LYS A 1 17  ? -11.187 -6.197  3.615   1.00 37.27  ? 56  LYS A CA  1 
ATOM   129  C  C   . LYS A 1 17  ? -12.344 -7.200  3.598   1.00 32.87  ? 56  LYS A C   1 
ATOM   130  O  O   . LYS A 1 17  ? -12.322 -8.053  2.709   1.00 32.63  ? 56  LYS A O   1 
ATOM   131  C  CB  . LYS A 1 17  ? -10.083 -6.617  4.603   1.00 38.60  ? 56  LYS A CB  1 
ATOM   132  C  CG  . LYS A 1 17  ? -9.613  -8.044  4.360   1.00 42.88  ? 56  LYS A CG  1 
ATOM   133  C  CD  . LYS A 1 17  ? -8.180  -8.351  4.639   1.00 48.91  ? 56  LYS A CD  1 
ATOM   134  C  CE  . LYS A 1 17  ? -7.846  -9.753  4.182   1.00 46.76  ? 56  LYS A CE  1 
ATOM   135  N  NZ  . LYS A 1 17  ? -6.399  -10.010 4.311   1.00 56.14  ? 56  LYS A NZ  1 
ATOM   136  N  N   . GLU A 1 18  ? -13.276 -7.166  4.550   1.00 38.05  ? 57  GLU A N   1 
ATOM   137  C  CA  . GLU A 1 18  ? -14.303 -8.246  4.617   1.00 41.97  ? 57  GLU A CA  1 
ATOM   138  C  C   . GLU A 1 18  ? -15.195 -8.188  3.365   1.00 42.29  ? 57  GLU A C   1 
ATOM   139  O  O   . GLU A 1 18  ? -15.809 -9.215  3.091   1.00 44.89  ? 57  GLU A O   1 
ATOM   140  C  CB  . GLU A 1 18  ? -15.064 -8.260  5.944   1.00 50.97  ? 57  GLU A CB  1 
ATOM   141  C  CG  . GLU A 1 18  ? -15.796 -6.986  6.289   1.00 59.54  ? 57  GLU A CG  1 
ATOM   142  C  CD  . GLU A 1 18  ? -16.177 -6.850  7.761   1.00 74.75  ? 57  GLU A CD  1 
ATOM   143  O  OE1 . GLU A 1 18  ? -15.493 -7.473  8.617   1.00 77.41  ? 57  GLU A OE1 1 
ATOM   144  O  OE2 . GLU A 1 18  ? -17.158 -6.111  8.060   1.00 69.45  ? 57  GLU A OE2 1 
ATOM   145  N  N   . LEU A 1 19  ? -15.183 -7.103  2.566   1.00 42.05  ? 58  LEU A N   1 
ATOM   146  C  CA  . LEU A 1 19  ? -15.940 -7.003  1.269   1.00 41.85  ? 58  LEU A CA  1 
ATOM   147  C  C   . LEU A 1 19  ? -15.073 -7.343  0.064   1.00 38.83  ? 58  LEU A C   1 
ATOM   148  O  O   . LEU A 1 19  ? -15.601 -7.286  -1.067  1.00 38.08  ? 58  LEU A O   1 
ATOM   149  C  CB  . LEU A 1 19  ? -16.479 -5.580  1.091   1.00 39.10  ? 58  LEU A CB  1 
ATOM   150  C  CG  . LEU A 1 19  ? -17.282 -5.034  2.270   1.00 42.04  ? 58  LEU A CG  1 
ATOM   151  C  CD1 . LEU A 1 19  ? -17.608 -3.557  2.074   1.00 44.79  ? 58  LEU A CD1 1 
ATOM   152  C  CD2 . LEU A 1 19  ? -18.544 -5.849  2.498   1.00 43.96  ? 58  LEU A CD2 1 
ATOM   153  N  N   . THR A 1 20  ? -13.769 -7.580  0.262   1.00 36.67  ? 59  THR A N   1 
ATOM   154  C  CA  . THR A 1 20  ? -12.726 -7.532  -0.806  1.00 32.56  ? 59  THR A CA  1 
ATOM   155  C  C   . THR A 1 20  ? -12.469 -6.091  -1.276  1.00 36.16  ? 59  THR A C   1 
ATOM   156  O  O   . THR A 1 20  ? -13.286 -5.505  -2.089  1.00 31.78  ? 59  THR A O   1 
ATOM   157  C  CB  . THR A 1 20  ? -13.056 -8.414  -2.010  1.00 35.70  ? 59  THR A CB  1 
ATOM   158  O  OG1 . THR A 1 20  ? -13.464 -9.695  -1.540  1.00 38.97  ? 59  THR A OG1 1 
ATOM   159  C  CG2 . THR A 1 20  ? -11.897 -8.560  -2.968  1.00 37.27  ? 59  THR A CG2 1 
ATOM   160  N  N   . ASN A 1 21  ? -11.342 -5.522  -0.853  1.00 32.48  ? 60  ASN A N   1 
ATOM   161  C  CA  . ASN A 1 21  ? -11.042 -4.095  -1.099  1.00 32.54  ? 60  ASN A CA  1 
ATOM   162  C  C   . ASN A 1 21  ? -10.661 -3.925  -2.581  1.00 33.65  ? 60  ASN A C   1 
ATOM   163  O  O   . ASN A 1 21  ? -10.141 -4.854  -3.198  1.00 33.07  ? 60  ASN A O   1 
ATOM   164  C  CB  . ASN A 1 21  ? -10.015 -3.585  -0.086  1.00 28.99  ? 60  ASN A CB  1 
ATOM   165  C  CG  . ASN A 1 21  ? -9.989  -2.079  0.028   1.00 36.97  ? 60  ASN A CG  1 
ATOM   166  O  OD1 . ASN A 1 21  ? -10.758 -1.380  -0.663  1.00 35.24  ? 60  ASN A OD1 1 
ATOM   167  N  ND2 . ASN A 1 21  ? -9.168  -1.589  0.948   1.00 30.28  ? 60  ASN A ND2 1 
ATOM   168  N  N   . GLU A 1 22  ? -10.972 -2.768  -3.157  1.00 31.91  ? 61  GLU A N   1 
ATOM   169  C  CA  . GLU A 1 22  ? -10.590 -2.434  -4.545  1.00 31.11  ? 61  GLU A CA  1 
ATOM   170  C  C   . GLU A 1 22  ? -9.923  -1.068  -4.520  1.00 32.31  ? 61  GLU A C   1 
ATOM   171  O  O   . GLU A 1 22  ? -10.399 -0.220  -3.737  1.00 36.00  ? 61  GLU A O   1 
ATOM   172  C  CB  . GLU A 1 22  ? -11.839 -2.386  -5.442  1.00 35.76  ? 61  GLU A CB  1 
ATOM   173  C  CG  . GLU A 1 22  ? -12.743 -3.602  -5.369  1.00 35.35  ? 61  GLU A CG  1 
ATOM   174  C  CD  . GLU A 1 22  ? -13.995 -3.542  -6.255  1.00 35.00  ? 61  GLU A CD  1 
ATOM   175  O  OE1 . GLU A 1 22  ? -14.959 -4.275  -5.968  1.00 32.18  ? 61  GLU A OE1 1 
ATOM   176  O  OE2 . GLU A 1 22  ? -13.975 -2.804  -7.248  1.00 38.71  ? 61  GLU A OE2 1 
ATOM   177  N  N   . MET A 1 23  ? -8.905  -0.834  -5.343  1.00 29.00  ? 62  MET A N   1 
ATOM   178  C  CA  . MET A 1 23  ? -8.259  0.487   -5.450  1.00 31.73  ? 62  MET A CA  1 
ATOM   179  C  C   . MET A 1 23  ? -8.259  0.865   -6.910  1.00 32.66  ? 62  MET A C   1 
ATOM   180  O  O   . MET A 1 23  ? -7.853  0.038   -7.740  1.00 31.77  ? 62  MET A O   1 
ATOM   181  C  CB  . MET A 1 23  ? -6.807  0.547   -4.941  1.00 33.99  ? 62  MET A CB  1 
ATOM   182  C  CG  . MET A 1 23  ? -6.724  0.429   -3.452  1.00 36.85  ? 62  MET A CG  1 
ATOM   183  S  SD  . MET A 1 23  ? -7.282  1.883   -2.518  1.00 34.69  ? 62  MET A SD  1 
ATOM   184  C  CE  . MET A 1 23  ? -7.204  1.185   -0.879  1.00 32.11  ? 62  MET A CE  1 
ATOM   185  N  N   . ILE A 1 24  ? -8.713  2.084   -7.212  1.00 32.05  ? 63  ILE A N   1 
ATOM   186  C  CA  . ILE A 1 24  ? -8.741  2.540   -8.627  1.00 34.06  ? 63  ILE A CA  1 
ATOM   187  C  C   . ILE A 1 24  ? -7.333  2.833   -9.086  1.00 32.06  ? 63  ILE A C   1 
ATOM   188  O  O   . ILE A 1 24  ? -6.600  3.530   -8.354  1.00 34.36  ? 63  ILE A O   1 
ATOM   189  C  CB  . ILE A 1 24  ? -9.566  3.815   -8.821  1.00 39.21  ? 63  ILE A CB  1 
ATOM   190  C  CG1 . ILE A 1 24  ? -10.963 3.674   -8.238  1.00 40.35  ? 63  ILE A CG1 1 
ATOM   191  C  CG2 . ILE A 1 24  ? -9.551  4.145   -10.312 1.00 42.79  ? 63  ILE A CG2 1 
ATOM   192  C  CD1 . ILE A 1 24  ? -11.876 2.869   -9.088  1.00 42.35  ? 63  ILE A CD1 1 
ATOM   193  N  N   . VAL A 1 25  ? -7.022  2.424   -10.310 1.00 34.44  ? 64  VAL A N   1 
ATOM   194  C  CA  . VAL A 1 25  ? -5.781  2.822   -11.022 1.00 37.61  ? 64  VAL A CA  1 
ATOM   195  C  C   . VAL A 1 25  ? -6.171  3.537   -12.324 1.00 40.84  ? 64  VAL A C   1 
ATOM   196  O  O   . VAL A 1 25  ? -7.126  3.116   -12.958 1.00 43.34  ? 64  VAL A O   1 
ATOM   197  C  CB  . VAL A 1 25  ? -4.920  1.582   -11.267 1.00 37.58  ? 64  VAL A CB  1 
ATOM   198  C  CG1 . VAL A 1 25  ? -4.551  0.938   -9.945  1.00 39.48  ? 64  VAL A CG1 1 
ATOM   199  C  CG2 . VAL A 1 25  ? -5.629  0.588   -12.157 1.00 37.68  ? 64  VAL A CG2 1 
ATOM   200  N  N   . THR A 1 26  ? -5.480  4.618   -12.666 1.00 44.28  ? 65  THR A N   1 
ATOM   201  C  CA  . THR A 1 26  ? -5.794  5.468   -13.850 1.00 48.54  ? 65  THR A CA  1 
ATOM   202  C  C   . THR A 1 26  ? -4.489  5.653   -14.616 1.00 53.54  ? 65  THR A C   1 
ATOM   203  O  O   . THR A 1 26  ? -3.421  5.275   -14.062 1.00 46.48  ? 65  THR A O   1 
ATOM   204  C  CB  . THR A 1 26  ? -6.378  6.836   -13.466 1.00 41.42  ? 65  THR A CB  1 
ATOM   205  O  OG1 . THR A 1 26  ? -5.324  7.549   -12.824 1.00 44.74  ? 65  THR A OG1 1 
ATOM   206  C  CG2 . THR A 1 26  ? -7.604  6.762   -12.582 1.00 41.34  ? 65  THR A CG2 1 
ATOM   207  N  N   . LYS A 1 27  ? -4.550  6.219   -15.820 1.00 53.64  ? 66  LYS A N   1 
ATOM   208  C  CA  . LYS A 1 27  ? -3.327  6.475   -16.627 1.00 59.70  ? 66  LYS A CA  1 
ATOM   209  C  C   . LYS A 1 27  ? -2.467  7.503   -15.887 1.00 53.88  ? 66  LYS A C   1 
ATOM   210  O  O   . LYS A 1 27  ? -1.233  7.343   -15.894 1.00 51.43  ? 66  LYS A O   1 
ATOM   211  C  CB  . LYS A 1 27  ? -3.662  6.940   -18.049 1.00 70.57  ? 66  LYS A CB  1 
ATOM   212  C  CG  . LYS A 1 27  ? -2.454  7.402   -18.857 1.00 75.71  ? 66  LYS A CG  1 
ATOM   213  C  CD  . LYS A 1 27  ? -2.599  7.262   -20.365 1.00 89.43  ? 66  LYS A CD  1 
ATOM   214  C  CE  . LYS A 1 27  ? -1.257  7.211   -21.075 1.00 93.88  ? 66  LYS A CE  1 
ATOM   215  N  NZ  . LYS A 1 27  ? -0.503  8.481   -20.936 1.00 97.41  ? 66  LYS A NZ  1 
ATOM   216  N  N   . ASN A 1 28  ? -3.106  8.485   -15.238 1.00 54.41  ? 67  ASN A N   1 
ATOM   217  C  CA  . ASN A 1 28  ? -2.433  9.644   -14.588 1.00 60.50  ? 67  ASN A CA  1 
ATOM   218  C  C   . ASN A 1 28  ? -2.045  9.305   -13.142 1.00 59.21  ? 67  ASN A C   1 
ATOM   219  O  O   . ASN A 1 28  ? -1.102  9.932   -12.605 1.00 54.06  ? 67  ASN A O   1 
ATOM   220  C  CB  . ASN A 1 28  ? -3.300  10.905  -14.643 1.00 70.18  ? 67  ASN A CB  1 
ATOM   221  C  CG  . ASN A 1 28  ? -2.842  11.881  -15.705 1.00 77.55  ? 67  ASN A CG  1 
ATOM   222  O  OD1 . ASN A 1 28  ? -2.143  11.502  -16.647 1.00 74.76  ? 67  ASN A OD1 1 
ATOM   223  N  ND2 . ASN A 1 28  ? -3.220  13.141  -15.546 1.00 88.24  ? 67  ASN A ND2 1 
ATOM   224  N  N   . GLY A 1 29  ? -2.730  8.342   -12.529 1.00 56.30  ? 68  GLY A N   1 
ATOM   225  C  CA  . GLY A 1 29  ? -2.433  7.931   -11.146 1.00 47.01  ? 68  GLY A CA  1 
ATOM   226  C  C   . GLY A 1 29  ? -3.503  8.446   -10.223 1.00 45.51  ? 68  GLY A C   1 
ATOM   227  O  O   . GLY A 1 29  ? -3.861  9.636   -10.341 1.00 53.27  ? 68  GLY A O   1 
ATOM   228  N  N   . ARG A 1 30  ? -4.038  7.568   -9.386  1.00 39.33  ? 69  ARG A N   1 
ATOM   229  C  CA  . ARG A 1 30  ? -5.114  7.860   -8.411  1.00 39.87  ? 69  ARG A CA  1 
ATOM   230  C  C   . ARG A 1 30  ? -4.579  7.582   -7.013  1.00 39.75  ? 69  ARG A C   1 
ATOM   231  O  O   . ARG A 1 30  ? -3.995  6.487   -6.793  1.00 36.15  ? 69  ARG A O   1 
ATOM   232  C  CB  . ARG A 1 30  ? -6.346  6.994   -8.683  1.00 37.77  ? 69  ARG A CB  1 
ATOM   233  C  CG  . ARG A 1 30  ? -7.527  7.244   -7.762  1.00 43.74  ? 69  ARG A CG  1 
ATOM   234  C  CD  . ARG A 1 30  ? -8.186  8.598   -8.027  1.00 45.63  ? 69  ARG A CD  1 
ATOM   235  N  NE  . ARG A 1 30  ? -8.779  8.654   -9.359  1.00 51.90  ? 69  ARG A NE  1 
ATOM   236  C  CZ  . ARG A 1 30  ? -10.002 8.207   -9.675  1.00 53.79  ? 69  ARG A CZ  1 
ATOM   237  N  NH1 . ARG A 1 30  ? -10.428 8.309   -10.923 1.00 61.13  ? 69  ARG A NH1 1 
ATOM   238  N  NH2 . ARG A 1 30  ? -10.792 7.660   -8.758  1.00 49.23  ? 69  ARG A NH2 1 
ATOM   239  N  N   . ARG A 1 31  ? -4.806  8.521   -6.100  1.00 37.79  ? 70  ARG A N   1 
ATOM   240  C  CA  . ARG A 1 31  ? -4.499  8.351   -4.668  1.00 41.43  ? 70  ARG A CA  1 
ATOM   241  C  C   . ARG A 1 31  ? -5.427  7.283   -4.086  1.00 38.65  ? 70  ARG A C   1 
ATOM   242  O  O   . ARG A 1 31  ? -6.514  7.036   -4.641  1.00 38.21  ? 70  ARG A O   1 
ATOM   243  C  CB  . ARG A 1 31  ? -4.568  9.694   -3.933  1.00 43.41  ? 70  ARG A CB  1 
ATOM   244  C  CG  . ARG A 1 31  ? -3.247  10.449  -3.998  1.00 50.26  ? 70  ARG A CG  1 
ATOM   245  C  CD  . ARG A 1 31  ? -3.352  11.920  -4.339  1.00 61.08  ? 70  ARG A CD  1 
ATOM   246  N  NE  . ARG A 1 31  ? -3.574  12.805  -3.204  1.00 65.87  ? 70  ARG A NE  1 
ATOM   247  C  CZ  . ARG A 1 31  ? -3.942  14.089  -3.311  1.00 78.14  ? 70  ARG A CZ  1 
ATOM   248  N  NH1 . ARG A 1 31  ? -4.149  14.633  -4.505  1.00 85.13  ? 70  ARG A NH1 1 
ATOM   249  N  NH2 . ARG A 1 31  ? -4.110  14.825  -2.222  1.00 70.91  ? 70  ARG A NH2 1 
ATOM   250  N  N   . MET A 1 32  ? -4.957  6.680   -3.000  1.00 35.17  ? 71  MET A N   1 
ATOM   251  C  CA  . MET A 1 32  ? -5.587  5.561   -2.273  1.00 33.42  ? 71  MET A CA  1 
ATOM   252  C  C   . MET A 1 32  ? -6.554  6.117   -1.233  1.00 34.14  ? 71  MET A C   1 
ATOM   253  O  O   . MET A 1 32  ? -6.224  7.114   -0.560  1.00 37.31  ? 71  MET A O   1 
ATOM   254  C  CB  . MET A 1 32  ? -4.526  4.740   -1.519  1.00 32.68  ? 71  MET A CB  1 
ATOM   255  C  CG  . MET A 1 32  ? -3.640  3.912   -2.417  1.00 35.24  ? 71  MET A CG  1 
ATOM   256  S  SD  . MET A 1 32  ? -2.320  3.078   -1.476  1.00 32.08  ? 71  MET A SD  1 
ATOM   257  C  CE  . MET A 1 32  ? -3.266  1.942   -0.468  1.00 34.20  ? 71  MET A CE  1 
ATOM   258  N  N   . PHE A 1 33  ? -7.648  5.403   -1.047  1.00 30.38  ? 72  PHE A N   1 
ATOM   259  C  CA  . PHE A 1 33  ? -8.539  5.501   0.126   1.00 32.72  ? 72  PHE A CA  1 
ATOM   260  C  C   . PHE A 1 33  ? -9.018  4.104   0.465   1.00 35.31  ? 72  PHE A C   1 
ATOM   261  O  O   . PHE A 1 33  ? -9.604  3.426   -0.380  1.00 39.32  ? 72  PHE A O   1 
ATOM   262  C  CB  . PHE A 1 33  ? -9.777  6.378   -0.140  1.00 34.96  ? 72  PHE A CB  1 
ATOM   263  C  CG  . PHE A 1 33  ? -10.582 6.581   1.124   1.00 35.41  ? 72  PHE A CG  1 
ATOM   264  C  CD1 . PHE A 1 33  ? -10.161 7.508   2.073   1.00 37.45  ? 72  PHE A CD1 1 
ATOM   265  C  CD2 . PHE A 1 33  ? -11.641 5.745   1.445   1.00 37.20  ? 72  PHE A CD2 1 
ATOM   266  C  CE1 . PHE A 1 33  ? -10.829 7.635   3.287   1.00 38.21  ? 72  PHE A CE1 1 
ATOM   267  C  CE2 . PHE A 1 33  ? -12.323 5.885   2.652   1.00 41.19  ? 72  PHE A CE2 1 
ATOM   268  C  CZ  . PHE A 1 33  ? -11.919 6.842   3.566   1.00 39.57  ? 72  PHE A CZ  1 
ATOM   269  N  N   . PRO A 1 34  ? -8.900  3.661   1.722   1.00 34.55  ? 73  PRO A N   1 
ATOM   270  C  CA  . PRO A 1 34  ? -8.194  4.404   2.765   1.00 38.12  ? 73  PRO A CA  1 
ATOM   271  C  C   . PRO A 1 34  ? -6.700  4.629   2.465   1.00 30.09  ? 73  PRO A C   1 
ATOM   272  O  O   . PRO A 1 34  ? -6.143  4.010   1.594   1.00 32.59  ? 73  PRO A O   1 
ATOM   273  C  CB  . PRO A 1 34  ? -8.384  3.557   4.026   1.00 38.73  ? 73  PRO A CB  1 
ATOM   274  C  CG  . PRO A 1 34  ? -9.554  2.652   3.710   1.00 39.13  ? 73  PRO A CG  1 
ATOM   275  C  CD  . PRO A 1 34  ? -9.541  2.442   2.216   1.00 35.91  ? 73  PRO A CD  1 
ATOM   276  N  N   . VAL A 1 35  ? -6.131  5.626   3.120   1.00 33.13  ? 74  VAL A N   1 
ATOM   277  C  CA  . VAL A 1 35  ? -4.679  5.910   3.088   1.00 34.16  ? 74  VAL A CA  1 
ATOM   278  C  C   . VAL A 1 35  ? -3.994  4.962   4.075   1.00 31.42  ? 74  VAL A C   1 
ATOM   279  O  O   . VAL A 1 35  ? -4.488  4.815   5.215   1.00 30.94  ? 74  VAL A O   1 
ATOM   280  C  CB  . VAL A 1 35  ? -4.409  7.374   3.451   1.00 37.66  ? 74  VAL A CB  1 
ATOM   281  C  CG1 . VAL A 1 35  ? -2.947  7.620   3.758   1.00 37.15  ? 74  VAL A CG1 1 
ATOM   282  C  CG2 . VAL A 1 35  ? -4.897  8.298   2.346   1.00 39.26  ? 74  VAL A CG2 1 
ATOM   283  N  N   . LEU A 1 36  ? -2.887  4.380   3.658   1.00 33.26  ? 75  LEU A N   1 
ATOM   284  C  CA  . LEU A 1 36  ? -2.029  3.581   4.575   1.00 32.74  ? 75  LEU A CA  1 
ATOM   285  C  C   . LEU A 1 36  ? -1.370  4.553   5.559   1.00 31.48  ? 75  LEU A C   1 
ATOM   286  O  O   . LEU A 1 36  ? -0.563  5.441   5.125   1.00 30.69  ? 75  LEU A O   1 
ATOM   287  C  CB  . LEU A 1 36  ? -0.970  2.831   3.780   1.00 35.78  ? 75  LEU A CB  1 
ATOM   288  C  CG  . LEU A 1 36  ? -0.006  2.010   4.634   1.00 36.44  ? 75  LEU A CG  1 
ATOM   289  C  CD1 . LEU A 1 36  ? -0.709  0.834   5.280   1.00 38.59  ? 75  LEU A CD1 1 
ATOM   290  C  CD2 . LEU A 1 36  ? 1.144   1.514   3.784   1.00 38.49  ? 75  LEU A CD2 1 
ATOM   291  N  N   . LYS A 1 37  ? -1.710  4.429   6.830   1.00 32.63  ? 76  LYS A N   1 
ATOM   292  C  CA  . LYS A 1 37  ? -1.057  5.192   7.931   1.00 36.36  ? 76  LYS A CA  1 
ATOM   293  C  C   . LYS A 1 37  ? -0.483  4.194   8.923   1.00 35.01  ? 76  LYS A C   1 
ATOM   294  O  O   . LYS A 1 37  ? -1.232  3.260   9.314   1.00 35.06  ? 76  LYS A O   1 
ATOM   295  C  CB  . LYS A 1 37  ? -2.068  6.077   8.649   1.00 39.32  ? 76  LYS A CB  1 
ATOM   296  C  CG  . LYS A 1 37  ? -2.659  7.117   7.723   1.00 42.49  ? 76  LYS A CG  1 
ATOM   297  C  CD  . LYS A 1 37  ? -3.842  7.819   8.286   1.00 47.73  ? 76  LYS A CD  1 
ATOM   298  C  CE  . LYS A 1 37  ? -4.513  8.625   7.198   1.00 53.48  ? 76  LYS A CE  1 
ATOM   299  N  NZ  . LYS A 1 37  ? -5.654  9.393   7.744   1.00 66.30  ? 76  LYS A NZ  1 
ATOM   300  N  N   . VAL A 1 38  ? 0.766   4.394   9.338   1.00 34.65  ? 77  VAL A N   1 
ATOM   301  C  CA  . VAL A 1 38  ? 1.513   3.365   10.112  1.00 39.39  ? 77  VAL A CA  1 
ATOM   302  C  C   . VAL A 1 38  ? 2.015   4.016   11.397  1.00 39.26  ? 77  VAL A C   1 
ATOM   303  O  O   . VAL A 1 38  ? 2.527   5.137   11.326  1.00 35.63  ? 77  VAL A O   1 
ATOM   304  C  CB  . VAL A 1 38  ? 2.666   2.777   9.287   1.00 40.99  ? 77  VAL A CB  1 
ATOM   305  C  CG1 . VAL A 1 38  ? 2.205   2.337   7.900   1.00 43.66  ? 77  VAL A CG1 1 
ATOM   306  C  CG2 . VAL A 1 38  ? 3.785   3.770   9.155   1.00 47.41  ? 77  VAL A CG2 1 
ATOM   307  N  N   . ASN A 1 39  ? 1.817   3.335   12.518  1.00 40.17  ? 78  ASN A N   1 
ATOM   308  C  CA  . ASN A 1 39  ? 2.343   3.719   13.847  1.00 41.21  ? 78  ASN A CA  1 
ATOM   309  C  C   . ASN A 1 39  ? 3.690   3.035   13.993  1.00 40.88  ? 78  ASN A C   1 
ATOM   310  O  O   . ASN A 1 39  ? 3.766   1.822   13.736  1.00 39.30  ? 78  ASN A O   1 
ATOM   311  C  CB  . ASN A 1 39  ? 1.367   3.331   14.956  1.00 47.75  ? 78  ASN A CB  1 
ATOM   312  C  CG  . ASN A 1 39  ? 0.052   4.042   14.772  1.00 52.92  ? 78  ASN A CG  1 
ATOM   313  O  OD1 . ASN A 1 39  ? 0.021   5.267   14.643  1.00 53.47  ? 78  ASN A OD1 1 
ATOM   314  N  ND2 . ASN A 1 39  ? -1.024  3.276   14.692  1.00 59.15  ? 78  ASN A ND2 1 
ATOM   315  N  N   . VAL A 1 40  ? 4.723   3.801   14.293  1.00 40.23  ? 79  VAL A N   1 
ATOM   316  C  CA  . VAL A 1 40  ? 6.106   3.264   14.401  1.00 41.61  ? 79  VAL A CA  1 
ATOM   317  C  C   . VAL A 1 40  ? 6.634   3.704   15.750  1.00 43.23  ? 79  VAL A C   1 
ATOM   318  O  O   . VAL A 1 40  ? 6.564   4.912   16.004  1.00 45.85  ? 79  VAL A O   1 
ATOM   319  C  CB  . VAL A 1 40  ? 6.995   3.795   13.272  1.00 44.57  ? 79  VAL A CB  1 
ATOM   320  C  CG1 . VAL A 1 40  ? 8.463   3.554   13.537  1.00 49.10  ? 79  VAL A CG1 1 
ATOM   321  C  CG2 . VAL A 1 40  ? 6.580   3.173   11.951  1.00 44.40  ? 79  VAL A CG2 1 
ATOM   322  N  N   . SER A 1 41  ? 7.095   2.750   16.555  1.00 45.74  ? 80  SER A N   1 
ATOM   323  C  CA  . SER A 1 41  ? 7.815   3.002   17.827  1.00 45.61  ? 80  SER A CA  1 
ATOM   324  C  C   . SER A 1 41  ? 9.111   2.199   17.807  1.00 44.12  ? 80  SER A C   1 
ATOM   325  O  O   . SER A 1 41  ? 9.252   1.300   16.963  1.00 51.93  ? 80  SER A O   1 
ATOM   326  C  CB  . SER A 1 41  ? 6.950   2.694   19.028  1.00 46.88  ? 80  SER A CB  1 
ATOM   327  O  OG  . SER A 1 41  ? 6.555   1.337   19.065  1.00 49.69  ? 80  SER A OG  1 
ATOM   328  N  N   . GLY A 1 42  ? 10.065  2.564   18.658  1.00 48.97  ? 81  GLY A N   1 
ATOM   329  C  CA  . GLY A 1 42  ? 11.300  1.791   18.858  1.00 41.12  ? 81  GLY A CA  1 
ATOM   330  C  C   . GLY A 1 42  ? 12.389  2.168   17.888  1.00 42.50  ? 81  GLY A C   1 
ATOM   331  O  O   . GLY A 1 42  ? 13.369  1.426   17.813  1.00 47.77  ? 81  GLY A O   1 
ATOM   332  N  N   . LEU A 1 43  ? 12.235  3.264   17.139  1.00 44.29  ? 82  LEU A N   1 
ATOM   333  C  CA  . LEU A 1 43  ? 13.356  3.811   16.334  1.00 43.66  ? 82  LEU A CA  1 
ATOM   334  C  C   . LEU A 1 43  ? 14.307  4.565   17.276  1.00 43.32  ? 82  LEU A C   1 
ATOM   335  O  O   . LEU A 1 43  ? 13.862  5.000   18.357  1.00 47.02  ? 82  LEU A O   1 
ATOM   336  C  CB  . LEU A 1 43  ? 12.817  4.758   15.263  1.00 45.08  ? 82  LEU A CB  1 
ATOM   337  C  CG  . LEU A 1 43  ? 11.948  4.128   14.175  1.00 46.16  ? 82  LEU A CG  1 
ATOM   338  C  CD1 . LEU A 1 43  ? 11.532  5.179   13.153  1.00 48.84  ? 82  LEU A CD1 1 
ATOM   339  C  CD2 . LEU A 1 43  ? 12.682  2.997   13.483  1.00 46.07  ? 82  LEU A CD2 1 
ATOM   340  N  N   . ASP A 1 44  ? 15.559  4.736   16.863  1.00 45.12  ? 83  ASP A N   1 
ATOM   341  C  CA  . ASP A 1 44  ? 16.497  5.691   17.512  1.00 46.17  ? 83  ASP A CA  1 
ATOM   342  C  C   . ASP A 1 44  ? 16.061  7.102   17.119  1.00 46.07  ? 83  ASP A C   1 
ATOM   343  O  O   . ASP A 1 44  ? 16.166  7.487   15.951  1.00 46.83  ? 83  ASP A O   1 
ATOM   344  C  CB  . ASP A 1 44  ? 17.946  5.370   17.148  1.00 49.20  ? 83  ASP A CB  1 
ATOM   345  C  CG  . ASP A 1 44  ? 18.965  6.181   17.935  1.00 46.79  ? 83  ASP A CG  1 
ATOM   346  O  OD1 . ASP A 1 44  ? 18.611  7.279   18.402  1.00 50.09  ? 83  ASP A OD1 1 
ATOM   347  O  OD2 . ASP A 1 44  ? 20.100  5.712   18.029  1.00 49.83  ? 83  ASP A OD2 1 
ATOM   348  N  N   . PRO A 1 45  ? 15.528  7.910   18.065  1.00 46.01  ? 84  PRO A N   1 
ATOM   349  C  CA  . PRO A 1 45  ? 15.033  9.244   17.746  1.00 45.69  ? 84  PRO A CA  1 
ATOM   350  C  C   . PRO A 1 45  ? 16.097  10.084  17.038  1.00 46.65  ? 84  PRO A C   1 
ATOM   351  O  O   . PRO A 1 45  ? 15.720  10.981  16.317  1.00 50.26  ? 84  PRO A O   1 
ATOM   352  C  CB  . PRO A 1 45  ? 14.670  9.875   19.101  1.00 45.57  ? 84  PRO A CB  1 
ATOM   353  C  CG  . PRO A 1 45  ? 14.551  8.718   20.064  1.00 45.89  ? 84  PRO A CG  1 
ATOM   354  C  CD  . PRO A 1 45  ? 15.379  7.586   19.494  1.00 49.82  ? 84  PRO A CD  1 
ATOM   355  N  N   . ASN A 1 46  ? 17.376  9.744   17.231  1.00 50.08  ? 85  ASN A N   1 
ATOM   356  C  CA  . ASN A 1 46  ? 18.533  10.516  16.706  1.00 47.47  ? 85  ASN A CA  1 
ATOM   357  C  C   . ASN A 1 46  ? 19.111  9.852   15.459  1.00 45.49  ? 85  ASN A C   1 
ATOM   358  O  O   . ASN A 1 46  ? 19.918  10.506  14.776  1.00 45.97  ? 85  ASN A O   1 
ATOM   359  C  CB  . ASN A 1 46  ? 19.552  10.756  17.822  1.00 49.28  ? 85  ASN A CB  1 
ATOM   360  C  CG  . ASN A 1 46  ? 18.956  11.696  18.849  1.00 50.82  ? 85  ASN A CG  1 
ATOM   361  O  OD1 . ASN A 1 46  ? 18.646  12.841  18.523  1.00 58.11  ? 85  ASN A OD1 1 
ATOM   362  N  ND2 . ASN A 1 46  ? 18.734  11.218  20.060  1.00 55.94  ? 85  ASN A ND2 1 
ATOM   363  N  N   . ALA A 1 47  ? 18.705  8.623   15.132  1.00 44.91  ? 86  ALA A N   1 
ATOM   364  C  CA  . ALA A 1 47  ? 19.146  7.960   13.889  1.00 42.05  ? 86  ALA A CA  1 
ATOM   365  C  C   . ALA A 1 47  ? 18.321  8.535   12.744  1.00 39.74  ? 86  ALA A C   1 
ATOM   366  O  O   . ALA A 1 47  ? 17.332  9.237   12.979  1.00 42.06  ? 86  ALA A O   1 
ATOM   367  C  CB  . ALA A 1 47  ? 19.036  6.457   13.968  1.00 45.00  ? 86  ALA A CB  1 
ATOM   368  N  N   . MET A 1 48  ? 18.755  8.275   11.513  0.68 44.70  ? 87  MET A N   1 
ATOM   369  C  CA  . MET A 1 48  ? 18.080  8.749   10.277  0.68 45.08  ? 87  MET A CA  1 
ATOM   370  C  C   . MET A 1 48  ? 17.436  7.547   9.584   0.68 41.34  ? 87  MET A C   1 
ATOM   371  O  O   . MET A 1 48  ? 18.044  6.465   9.608   0.68 40.95  ? 87  MET A O   1 
ATOM   372  C  CB  . MET A 1 48  ? 19.093  9.410   9.339   0.68 49.37  ? 87  MET A CB  1 
ATOM   373  C  CG  . MET A 1 48  ? 19.936  10.481  10.022  0.68 55.37  ? 87  MET A CG  1 
ATOM   374  S  SD  . MET A 1 48  ? 19.490  12.145  9.499   0.68 60.56  ? 87  MET A SD  1 
ATOM   375  C  CE  . MET A 1 48  ? 17.708  12.043  9.631   0.68 54.86  ? 87  MET A CE  1 
ATOM   376  N  N   . TYR A 1 49  ? 16.254  7.741   8.993   0.68 40.68  ? 88  TYR A N   1 
ATOM   377  C  CA  . TYR A 1 49  ? 15.431  6.664   8.386   0.68 39.85  ? 88  TYR A CA  1 
ATOM   378  C  C   . TYR A 1 49  ? 14.697  7.210   7.161   0.68 37.98  ? 88  TYR A C   1 
ATOM   379  O  O   . TYR A 1 49  ? 14.151  8.328   7.233   0.68 35.76  ? 88  TYR A O   1 
ATOM   380  C  CB  . TYR A 1 49  ? 14.420  6.105   9.392   0.68 39.20  ? 88  TYR A CB  1 
ATOM   381  C  CG  . TYR A 1 49  ? 15.010  5.499   10.642  0.68 43.57  ? 88  TYR A CG  1 
ATOM   382  C  CD1 . TYR A 1 49  ? 15.438  4.181   10.672  0.68 44.75  ? 88  TYR A CD1 1 
ATOM   383  C  CD2 . TYR A 1 49  ? 15.133  6.240   11.809  0.68 43.42  ? 88  TYR A CD2 1 
ATOM   384  C  CE1 . TYR A 1 49  ? 15.975  3.615   11.817  0.68 45.89  ? 88  TYR A CE1 1 
ATOM   385  C  CE2 . TYR A 1 49  ? 15.668  5.688   12.963  0.68 44.35  ? 88  TYR A CE2 1 
ATOM   386  C  CZ  . TYR A 1 49  ? 16.095  4.373   12.969  0.68 45.72  ? 88  TYR A CZ  1 
ATOM   387  O  OH  . TYR A 1 49  ? 16.617  3.824   14.104  0.68 47.93  ? 88  TYR A OH  1 
ATOM   388  N  N   . SER A 1 50  ? 14.690  6.434   6.074   0.68 35.42  ? 89  SER A N   1 
ATOM   389  C  CA  . SER A 1 50  ? 13.832  6.642   4.883   0.68 34.35  ? 89  SER A CA  1 
ATOM   390  C  C   . SER A 1 50  ? 12.740  5.568   4.857   0.68 35.45  ? 89  SER A C   1 
ATOM   391  O  O   . SER A 1 50  ? 13.076  4.397   5.120   0.68 34.12  ? 89  SER A O   1 
ATOM   392  C  CB  . SER A 1 50  ? 14.652  6.620   3.634   0.68 33.28  ? 89  SER A CB  1 
ATOM   393  O  OG  . SER A 1 50  ? 15.598  7.675   3.649   0.68 34.14  ? 89  SER A OG  1 
ATOM   394  N  N   . PHE A 1 51  ? 11.491  5.972   4.592   0.68 34.47  ? 90  PHE A N   1 
ATOM   395  C  CA  . PHE A 1 51  ? 10.286  5.100   4.546   0.68 34.36  ? 90  PHE A CA  1 
ATOM   396  C  C   . PHE A 1 51  ? 9.880   4.863   3.092   0.68 35.34  ? 90  PHE A C   1 
ATOM   397  O  O   . PHE A 1 51  ? 9.699   5.836   2.307   0.68 32.04  ? 90  PHE A O   1 
ATOM   398  C  CB  . PHE A 1 51  ? 9.108   5.703   5.308   0.68 33.33  ? 90  PHE A CB  1 
ATOM   399  C  CG  . PHE A 1 51  ? 9.058   5.331   6.765   0.68 33.03  ? 90  PHE A CG  1 
ATOM   400  C  CD1 . PHE A 1 51  ? 8.019   4.571   7.271   0.68 33.78  ? 90  PHE A CD1 1 
ATOM   401  C  CD2 . PHE A 1 51  ? 10.061  5.736   7.632   0.68 34.19  ? 90  PHE A CD2 1 
ATOM   402  C  CE1 . PHE A 1 51  ? 7.975   4.248   8.617   0.68 34.66  ? 90  PHE A CE1 1 
ATOM   403  C  CE2 . PHE A 1 51  ? 10.019  5.407   8.976   0.68 36.64  ? 90  PHE A CE2 1 
ATOM   404  C  CZ  . PHE A 1 51  ? 8.980   4.658   9.465   0.68 34.58  ? 90  PHE A CZ  1 
ATOM   405  N  N   . LEU A 1 52  ? 9.762   3.585   2.738   1.00 34.15  ? 91  LEU A N   1 
ATOM   406  C  CA  . LEU A 1 52  ? 9.511   3.155   1.355   1.00 30.69  ? 91  LEU A CA  1 
ATOM   407  C  C   . LEU A 1 52  ? 8.222   2.342   1.378   1.00 32.59  ? 91  LEU A C   1 
ATOM   408  O  O   . LEU A 1 52  ? 7.986   1.658   2.404   1.00 29.31  ? 91  LEU A O   1 
ATOM   409  C  CB  . LEU A 1 52  ? 10.669  2.244   0.962   1.00 33.88  ? 91  LEU A CB  1 
ATOM   410  C  CG  . LEU A 1 52  ? 11.870  2.861   0.254   1.00 38.47  ? 91  LEU A CG  1 
ATOM   411  C  CD1 . LEU A 1 52  ? 12.290  4.179   0.845   1.00 42.15  ? 91  LEU A CD1 1 
ATOM   412  C  CD2 . LEU A 1 52  ? 13.020  1.856   0.220   1.00 34.83  ? 91  LEU A CD2 1 
ATOM   413  N  N   . LEU A 1 53  ? 7.451   2.417   0.307   1.00 27.11  ? 92  LEU A N   1 
ATOM   414  C  CA  . LEU A 1 53  ? 6.194   1.672   0.169   1.00 28.74  ? 92  LEU A CA  1 
ATOM   415  C  C   . LEU A 1 53  ? 6.297   0.893   -1.141  1.00 25.84  ? 92  LEU A C   1 
ATOM   416  O  O   . LEU A 1 53  ? 6.699   1.448   -2.168  1.00 30.54  ? 92  LEU A O   1 
ATOM   417  C  CB  . LEU A 1 53  ? 5.025   2.659   0.236   1.00 29.93  ? 92  LEU A CB  1 
ATOM   418  C  CG  . LEU A 1 53  ? 3.683   2.115   -0.225  1.00 29.70  ? 92  LEU A CG  1 
ATOM   419  C  CD1 . LEU A 1 53  ? 3.165   1.055   0.717   1.00 27.63  ? 92  LEU A CD1 1 
ATOM   420  C  CD2 . LEU A 1 53  ? 2.659   3.231   -0.359  1.00 30.16  ? 92  LEU A CD2 1 
ATOM   421  N  N   . ASP A 1 54  ? 5.974   -0.399  -1.107  1.00 28.37  ? 93  ASP A N   1 
ATOM   422  C  CA  . ASP A 1 54  ? 5.782   -1.158  -2.365  1.00 25.29  ? 93  ASP A CA  1 
ATOM   423  C  C   . ASP A 1 54  ? 4.562   -2.063  -2.190  1.00 24.53  ? 93  ASP A C   1 
ATOM   424  O  O   . ASP A 1 54  ? 3.898   -2.012  -1.149  1.00 23.90  ? 93  ASP A O   1 
ATOM   425  C  CB  . ASP A 1 54  ? 7.072   -1.861  -2.797  1.00 31.02  ? 93  ASP A CB  1 
ATOM   426  C  CG  . ASP A 1 54  ? 7.578   -2.884  -1.797  1.00 29.29  ? 93  ASP A CG  1 
ATOM   427  O  OD1 . ASP A 1 54  ? 6.801   -3.281  -0.899  1.00 30.57  ? 93  ASP A OD1 1 
ATOM   428  O  OD2 . ASP A 1 54  ? 8.744   -3.307  -1.970  1.00 34.00  ? 93  ASP A OD2 1 
ATOM   429  N  N   . PHE A 1 55  ? 4.196   -2.722  -3.272  1.00 28.01  ? 94  PHE A N   1 
ATOM   430  C  CA  . PHE A 1 55  ? 2.982   -3.554  -3.365  1.00 28.58  ? 94  PHE A CA  1 
ATOM   431  C  C   . PHE A 1 55  ? 3.446   -4.937  -3.839  1.00 24.15  ? 94  PHE A C   1 
ATOM   432  O  O   . PHE A 1 55  ? 3.975   -5.055  -4.970  1.00 29.76  ? 94  PHE A O   1 
ATOM   433  C  CB  . PHE A 1 55  ? 1.975   -2.873  -4.288  1.00 28.49  ? 94  PHE A CB  1 
ATOM   434  C  CG  . PHE A 1 55  ? 1.537   -1.520  -3.784  1.00 26.14  ? 94  PHE A CG  1 
ATOM   435  C  CD1 . PHE A 1 55  ? 0.481   -1.386  -2.890  1.00 31.63  ? 94  PHE A CD1 1 
ATOM   436  C  CD2 . PHE A 1 55  ? 2.281   -0.399  -4.095  1.00 29.66  ? 94  PHE A CD2 1 
ATOM   437  C  CE1 . PHE A 1 55  ? 0.112   -0.134  -2.404  1.00 29.80  ? 94  PHE A CE1 1 
ATOM   438  C  CE2 . PHE A 1 55  ? 1.906   0.845   -3.613  1.00 29.08  ? 94  PHE A CE2 1 
ATOM   439  C  CZ  . PHE A 1 55  ? 0.847   0.971   -2.748  1.00 29.58  ? 94  PHE A CZ  1 
ATOM   440  N  N   . VAL A 1 56  ? 3.201   -5.926  -3.001  1.00 28.83  ? 95  VAL A N   1 
ATOM   441  C  CA  . VAL A 1 56  ? 3.477   -7.352  -3.343  1.00 28.49  ? 95  VAL A CA  1 
ATOM   442  C  C   . VAL A 1 56  ? 2.253   -7.883  -4.064  1.00 24.75  ? 95  VAL A C   1 
ATOM   443  O  O   . VAL A 1 56  ? 1.180   -7.856  -3.465  1.00 25.94  ? 95  VAL A O   1 
ATOM   444  C  CB  . VAL A 1 56  ? 3.755   -8.169  -2.064  1.00 29.17  ? 95  VAL A CB  1 
ATOM   445  C  CG1 . VAL A 1 56  ? 3.997   -9.640  -2.369  1.00 28.51  ? 95  VAL A CG1 1 
ATOM   446  C  CG2 . VAL A 1 56  ? 4.897   -7.555  -1.279  1.00 31.60  ? 95  VAL A CG2 1 
ATOM   447  N  N   . ALA A 1 57  ? 2.428   -8.533  -5.206  1.00 26.38  ? 96  ALA A N   1 
ATOM   448  C  CA  . ALA A 1 57  ? 1.375   -9.361  -5.836  1.00 27.94  ? 96  ALA A CA  1 
ATOM   449  C  C   . ALA A 1 57  ? 1.078   -10.546 -4.925  1.00 26.20  ? 96  ALA A C   1 
ATOM   450  O  O   . ALA A 1 57  ? 2.029   -11.361 -4.680  1.00 27.17  ? 96  ALA A O   1 
ATOM   451  C  CB  . ALA A 1 57  ? 1.822   -9.771  -7.219  1.00 27.97  ? 96  ALA A CB  1 
ATOM   452  N  N   . ALA A 1 58  ? -0.116  -10.588 -4.312  1.00 26.55  ? 97  ALA A N   1 
ATOM   453  C  CA  . ALA A 1 58  ? -0.504  -11.555 -3.257  1.00 27.64  ? 97  ALA A CA  1 
ATOM   454  C  C   . ALA A 1 58  ? -0.640  -12.972 -3.855  1.00 31.42  ? 97  ALA A C   1 
ATOM   455  O  O   . ALA A 1 58  ? -0.515  -13.983 -3.105  1.00 31.05  ? 97  ALA A O   1 
ATOM   456  C  CB  . ALA A 1 58  ? -1.785  -11.161 -2.603  1.00 27.64  ? 97  ALA A CB  1 
ATOM   457  N  N   . ASP A 1 59  ? -0.902  -13.043 -5.154  1.00 30.44  ? 98  ASP A N   1 
ATOM   458  C  CA  . ASP A 1 59  ? -0.962  -14.316 -5.912  1.00 32.10  ? 98  ASP A CA  1 
ATOM   459  C  C   . ASP A 1 59  ? -0.581  -13.972 -7.334  1.00 33.19  ? 98  ASP A C   1 
ATOM   460  O  O   . ASP A 1 59  ? -0.397  -12.760 -7.618  1.00 37.03  ? 98  ASP A O   1 
ATOM   461  C  CB  . ASP A 1 59  ? -2.332  -14.969 -5.751  1.00 31.92  ? 98  ASP A CB  1 
ATOM   462  C  CG  . ASP A 1 59  ? -3.470  -14.071 -6.264  1.00 33.84  ? 98  ASP A CG  1 
ATOM   463  O  OD1 . ASP A 1 59  ? -3.507  -13.848 -7.475  1.00 36.31  ? 98  ASP A OD1 1 
ATOM   464  O  OD2 . ASP A 1 59  ? -4.278  -13.613 -5.432  1.00 36.86  ? 98  ASP A OD2 1 
ATOM   465  N  N   . ASN A 1 60  ? -0.469  -14.987 -8.178  1.00 33.70  ? 99  ASN A N   1 
ATOM   466  C  CA  . ASN A 1 60  ? 0.064   -14.851 -9.546  1.00 35.22  ? 99  ASN A CA  1 
ATOM   467  C  C   . ASN A 1 60  ? -1.082  -14.766 -10.562 1.00 36.96  ? 99  ASN A C   1 
ATOM   468  O  O   . ASN A 1 60  ? -0.791  -14.888 -11.757 1.00 40.38  ? 99  ASN A O   1 
ATOM   469  C  CB  . ASN A 1 60  ? 0.985   -16.025 -9.874  1.00 38.74  ? 99  ASN A CB  1 
ATOM   470  C  CG  . ASN A 1 60  ? 2.278   -16.004 -9.085  1.00 42.58  ? 99  ASN A CG  1 
ATOM   471  O  OD1 . ASN A 1 60  ? 2.762   -17.059 -8.692  1.00 47.83  ? 99  ASN A OD1 1 
ATOM   472  N  ND2 . ASN A 1 60  ? 2.857   -14.839 -8.891  1.00 39.76  ? 99  ASN A ND2 1 
ATOM   473  N  N   . HIS A 1 61  ? -2.310  -14.492 -10.132 1.00 36.15  ? 100 HIS A N   1 
ATOM   474  C  CA  . HIS A 1 61  ? -3.507  -14.626 -11.006 1.00 36.49  ? 100 HIS A CA  1 
ATOM   475  C  C   . HIS A 1 61  ? -4.146  -13.269 -11.353 1.00 44.12  ? 100 HIS A C   1 
ATOM   476  O  O   . HIS A 1 61  ? -4.002  -12.281 -10.586 1.00 39.04  ? 100 HIS A O   1 
ATOM   477  C  CB  . HIS A 1 61  ? -4.533  -15.533 -10.338 1.00 36.52  ? 100 HIS A CB  1 
ATOM   478  C  CG  . HIS A 1 61  ? -4.092  -16.948 -10.195 1.00 41.08  ? 100 HIS A CG  1 
ATOM   479  N  ND1 . HIS A 1 61  ? -4.585  -17.954 -11.007 1.00 43.75  ? 100 HIS A ND1 1 
ATOM   480  C  CD2 . HIS A 1 61  ? -3.212  -17.536 -9.344  1.00 42.73  ? 100 HIS A CD2 1 
ATOM   481  C  CE1 . HIS A 1 61  ? -4.039  -19.105 -10.653 1.00 52.83  ? 100 HIS A CE1 1 
ATOM   482  N  NE2 . HIS A 1 61  ? -3.180  -18.870 -9.645  1.00 49.69  ? 100 HIS A NE2 1 
ATOM   483  N  N   . ARG A 1 62  ? -4.880  -13.270 -12.465 1.00 46.81  ? 101 ARG A N   1 
ATOM   484  C  CA  . ARG A 1 62  ? -5.846  -12.225 -12.871 1.00 46.89  ? 101 ARG A CA  1 
ATOM   485  C  C   . ARG A 1 62  ? -7.200  -12.574 -12.233 1.00 45.81  ? 101 ARG A C   1 
ATOM   486  O  O   . ARG A 1 62  ? -7.626  -13.756 -12.318 1.00 52.89  ? 101 ARG A O   1 
ATOM   487  C  CB  . ARG A 1 62  ? -5.877  -12.175 -14.404 1.00 62.27  ? 101 ARG A CB  1 
ATOM   488  C  CG  . ARG A 1 62  ? -7.108  -11.517 -15.021 1.00 75.05  ? 101 ARG A CG  1 
ATOM   489  C  CD  . ARG A 1 62  ? -6.945  -11.217 -16.508 1.00 82.20  ? 101 ARG A CD  1 
ATOM   490  N  NE  . ARG A 1 62  ? -5.694  -10.508 -16.743 1.00 89.29  ? 101 ARG A NE  1 
ATOM   491  C  CZ  . ARG A 1 62  ? -5.497  -9.209  -16.529 1.00 97.88  ? 101 ARG A CZ  1 
ATOM   492  N  NH1 . ARG A 1 62  ? -6.486  -8.439  -16.100 1.00 99.24  ? 101 ARG A NH1 1 
ATOM   493  N  NH2 . ARG A 1 62  ? -4.304  -8.684  -16.755 1.00 98.53  ? 101 ARG A NH2 1 
ATOM   494  N  N   . TRP A 1 63  ? -7.843  -11.591 -11.605 1.00 39.09  ? 102 TRP A N   1 
ATOM   495  C  CA  . TRP A 1 63  ? -9.158  -11.721 -10.932 1.00 39.83  ? 102 TRP A CA  1 
ATOM   496  C  C   . TRP A 1 63  ? -10.248 -11.056 -11.799 1.00 45.52  ? 102 TRP A C   1 
ATOM   497  O  O   . TRP A 1 63  ? -9.916  -10.145 -12.559 1.00 48.84  ? 102 TRP A O   1 
ATOM   498  C  CB  . TRP A 1 63  ? -9.069  -11.096 -9.537  1.00 40.04  ? 102 TRP A CB  1 
ATOM   499  C  CG  . TRP A 1 63  ? -8.185  -11.869 -8.608  1.00 37.27  ? 102 TRP A CG  1 
ATOM   500  C  CD1 . TRP A 1 63  ? -6.820  -11.921 -8.618  1.00 37.10  ? 102 TRP A CD1 1 
ATOM   501  C  CD2 . TRP A 1 63  ? -8.615  -12.712 -7.532  1.00 34.47  ? 102 TRP A CD2 1 
ATOM   502  N  NE1 . TRP A 1 63  ? -6.373  -12.717 -7.599  1.00 34.60  ? 102 TRP A NE1 1 
ATOM   503  C  CE2 . TRP A 1 63  ? -7.446  -13.219 -6.918  1.00 35.57  ? 102 TRP A CE2 1 
ATOM   504  C  CE3 . TRP A 1 63  ? -9.858  -13.104 -7.039  1.00 33.63  ? 102 TRP A CE3 1 
ATOM   505  C  CZ2 . TRP A 1 63  ? -7.503  -14.118 -5.875  1.00 32.52  ? 102 TRP A CZ2 1 
ATOM   506  C  CZ3 . TRP A 1 63  ? -9.913  -13.952 -5.959  1.00 35.64  ? 102 TRP A CZ3 1 
ATOM   507  C  CH2 . TRP A 1 63  ? -8.744  -14.444 -5.386  1.00 34.62  ? 102 TRP A CH2 1 
ATOM   508  N  N   . LYS A 1 64  ? -11.494 -11.516 -11.705 1.00 42.59  ? 103 LYS A N   1 
ATOM   509  C  CA  . LYS A 1 64  ? -12.648 -10.951 -12.456 1.00 51.12  ? 103 LYS A CA  1 
ATOM   510  C  C   . LYS A 1 64  ? -13.875 -11.012 -11.544 1.00 47.40  ? 103 LYS A C   1 
ATOM   511  O  O   . LYS A 1 64  ? -13.929 -11.906 -10.690 1.00 42.31  ? 103 LYS A O   1 
ATOM   512  C  CB  . LYS A 1 64  ? -12.812 -11.670 -13.800 1.00 58.14  ? 103 LYS A CB  1 
ATOM   513  C  CG  . LYS A 1 64  ? -12.076 -12.999 -13.922 1.00 65.86  ? 103 LYS A CG  1 
ATOM   514  C  CD  . LYS A 1 64  ? -12.655 -13.940 -14.959 1.00 73.20  ? 103 LYS A CD  1 
ATOM   515  C  CE  . LYS A 1 64  ? -12.183 -15.371 -14.782 1.00 77.59  ? 103 LYS A CE  1 
ATOM   516  N  NZ  . LYS A 1 64  ? -13.302 -16.336 -14.902 1.00 76.47  ? 103 LYS A NZ  1 
ATOM   517  N  N   . TYR A 1 65  ? -14.771 -10.024 -11.639 1.00 52.21  ? 104 TYR A N   1 
ATOM   518  C  CA  . TYR A 1 65  ? -15.971 -9.915  -10.772 1.00 47.05  ? 104 TYR A CA  1 
ATOM   519  C  C   . TYR A 1 65  ? -17.097 -10.618 -11.531 1.00 48.76  ? 104 TYR A C   1 
ATOM   520  O  O   . TYR A 1 65  ? -17.565 -10.055 -12.510 1.00 53.50  ? 104 TYR A O   1 
ATOM   521  C  CB  . TYR A 1 65  ? -16.277 -8.455  -10.420 1.00 44.98  ? 104 TYR A CB  1 
ATOM   522  C  CG  . TYR A 1 65  ? -17.233 -8.254  -9.265  1.00 45.01  ? 104 TYR A CG  1 
ATOM   523  C  CD1 . TYR A 1 65  ? -16.881 -8.593  -7.974  1.00 43.62  ? 104 TYR A CD1 1 
ATOM   524  C  CD2 . TYR A 1 65  ? -18.504 -7.708  -9.448  1.00 46.07  ? 104 TYR A CD2 1 
ATOM   525  C  CE1 . TYR A 1 65  ? -17.738 -8.400  -6.899  1.00 47.20  ? 104 TYR A CE1 1 
ATOM   526  C  CE2 . TYR A 1 65  ? -19.371 -7.506  -8.378  1.00 41.37  ? 104 TYR A CE2 1 
ATOM   527  C  CZ  . TYR A 1 65  ? -18.991 -7.843  -7.097  1.00 45.29  ? 104 TYR A CZ  1 
ATOM   528  O  OH  . TYR A 1 65  ? -19.829 -7.673  -6.027  1.00 48.67  ? 104 TYR A OH  1 
ATOM   529  N  N   . VAL A 1 66  ? -17.384 -11.864 -11.172 1.00 53.13  ? 105 VAL A N   1 
ATOM   530  C  CA  . VAL A 1 66  ? -18.324 -12.758 -11.911 1.00 56.59  ? 105 VAL A CA  1 
ATOM   531  C  C   . VAL A 1 66  ? -19.521 -12.987 -11.000 1.00 55.78  ? 105 VAL A C   1 
ATOM   532  O  O   . VAL A 1 66  ? -19.311 -13.441 -9.861  1.00 55.47  ? 105 VAL A O   1 
ATOM   533  C  CB  . VAL A 1 66  ? -17.663 -14.091 -12.312 1.00 57.16  ? 105 VAL A CB  1 
ATOM   534  C  CG1 . VAL A 1 66  ? -18.691 -15.136 -12.739 1.00 58.26  ? 105 VAL A CG1 1 
ATOM   535  C  CG2 . VAL A 1 66  ? -16.624 -13.903 -13.403 1.00 53.89  ? 105 VAL A CG2 1 
ATOM   536  N  N   . ASN A 1 67  ? -20.724 -12.686 -11.489 1.00 59.08  ? 106 ASN A N   1 
ATOM   537  C  CA  . ASN A 1 67  ? -21.984 -12.891 -10.735 1.00 61.37  ? 106 ASN A CA  1 
ATOM   538  C  C   . ASN A 1 67  ? -21.784 -12.418 -9.298  1.00 58.65  ? 106 ASN A C   1 
ATOM   539  O  O   . ASN A 1 67  ? -22.004 -13.241 -8.400  1.00 46.45  ? 106 ASN A O   1 
ATOM   540  C  CB  . ASN A 1 67  ? -22.422 -14.359 -10.759 1.00 67.01  ? 106 ASN A CB  1 
ATOM   541  C  CG  . ASN A 1 67  ? -22.801 -14.819 -12.149 1.00 66.46  ? 106 ASN A CG  1 
ATOM   542  O  OD1 . ASN A 1 67  ? -23.605 -14.180 -12.823 1.00 67.22  ? 106 ASN A OD1 1 
ATOM   543  N  ND2 . ASN A 1 67  ? -22.212 -15.915 -12.590 1.00 66.24  ? 106 ASN A ND2 1 
ATOM   544  N  N   . GLY A 1 68  ? -21.334 -11.167 -9.117  1.00 58.77  ? 107 GLY A N   1 
ATOM   545  C  CA  . GLY A 1 68  ? -21.220 -10.489 -7.808  1.00 58.07  ? 107 GLY A CA  1 
ATOM   546  C  C   . GLY A 1 68  ? -20.095 -11.024 -6.930  1.00 51.98  ? 107 GLY A C   1 
ATOM   547  O  O   . GLY A 1 68  ? -20.104 -10.710 -5.743  1.00 50.23  ? 107 GLY A O   1 
ATOM   548  N  N   . GLU A 1 69  ? -19.148 -11.794 -7.465  1.00 51.95  ? 108 GLU A N   1 
ATOM   549  C  CA  . GLU A 1 69  ? -18.052 -12.372 -6.637  1.00 55.99  ? 108 GLU A CA  1 
ATOM   550  C  C   . GLU A 1 69  ? -16.722 -12.256 -7.392  1.00 49.86  ? 108 GLU A C   1 
ATOM   551  O  O   . GLU A 1 69  ? -16.703 -12.391 -8.631  1.00 46.88  ? 108 GLU A O   1 
ATOM   552  C  CB  . GLU A 1 69  ? -18.411 -13.791 -6.167  1.00 62.45  ? 108 GLU A CB  1 
ATOM   553  C  CG  . GLU A 1 69  ? -18.190 -14.900 -7.195  1.00 73.26  ? 108 GLU A CG  1 
ATOM   554  C  CD  . GLU A 1 69  ? -18.317 -16.342 -6.698  1.00 80.10  ? 108 GLU A CD  1 
ATOM   555  O  OE1 . GLU A 1 69  ? -18.621 -16.550 -5.495  1.00 82.00  ? 108 GLU A OE1 1 
ATOM   556  O  OE2 . GLU A 1 69  ? -18.111 -17.270 -7.523  1.00 81.49  ? 108 GLU A OE2 1 
ATOM   557  N  N   . TRP A 1 70  ? -15.639 -11.971 -6.663  1.00 46.40  ? 109 TRP A N   1 
ATOM   558  C  CA  . TRP A 1 70  ? -14.263 -11.955 -7.219  1.00 40.31  ? 109 TRP A CA  1 
ATOM   559  C  C   . TRP A 1 70  ? -13.768 -13.406 -7.320  1.00 40.22  ? 109 TRP A C   1 
ATOM   560  O  O   . TRP A 1 70  ? -13.909 -14.133 -6.331  1.00 42.27  ? 109 TRP A O   1 
ATOM   561  C  CB  . TRP A 1 70  ? -13.322 -11.104 -6.343  1.00 41.22  ? 109 TRP A CB  1 
ATOM   562  C  CG  . TRP A 1 70  ? -13.518 -9.632  -6.540  1.00 36.52  ? 109 TRP A CG  1 
ATOM   563  C  CD1 . TRP A 1 70  ? -14.128 -8.755  -5.687  1.00 36.72  ? 109 TRP A CD1 1 
ATOM   564  C  CD2 . TRP A 1 70  ? -13.093 -8.868  -7.676  1.00 33.60  ? 109 TRP A CD2 1 
ATOM   565  N  NE1 . TRP A 1 70  ? -14.133 -7.502  -6.233  1.00 40.80  ? 109 TRP A NE1 1 
ATOM   566  C  CE2 . TRP A 1 70  ? -13.505 -7.540  -7.450  1.00 35.84  ? 109 TRP A CE2 1 
ATOM   567  C  CE3 . TRP A 1 70  ? -12.405 -9.166  -8.859  1.00 34.80  ? 109 TRP A CE3 1 
ATOM   568  C  CZ2 . TRP A 1 70  ? -13.236 -6.525  -8.362  1.00 38.71  ? 109 TRP A CZ2 1 
ATOM   569  C  CZ3 . TRP A 1 70  ? -12.166 -8.168  -9.773  1.00 37.80  ? 109 TRP A CZ3 1 
ATOM   570  C  CH2 . TRP A 1 70  ? -12.565 -6.852  -9.516  1.00 36.93  ? 109 TRP A CH2 1 
ATOM   571  N  N   . VAL A 1 71  ? -13.220 -13.789 -8.473  1.00 39.38  ? 110 VAL A N   1 
ATOM   572  C  CA  . VAL A 1 71  ? -12.774 -15.183 -8.786  1.00 40.23  ? 110 VAL A CA  1 
ATOM   573  C  C   . VAL A 1 71  ? -11.480 -15.075 -9.559  1.00 39.40  ? 110 VAL A C   1 
ATOM   574  O  O   . VAL A 1 71  ? -11.352 -14.239 -10.446 1.00 38.52  ? 110 VAL A O   1 
ATOM   575  C  CB  . VAL A 1 71  ? -13.802 -16.006 -9.592  1.00 40.75  ? 110 VAL A CB  1 
ATOM   576  C  CG1 . VAL A 1 71  ? -15.154 -16.014 -8.920  1.00 43.81  ? 110 VAL A CG1 1 
ATOM   577  C  CG2 . VAL A 1 71  ? -13.896 -15.547 -11.037 1.00 48.40  ? 110 VAL A CG2 1 
ATOM   578  N  N   . PRO A 1 72  ? -10.482 -15.909 -9.216  1.00 42.40  ? 111 PRO A N   1 
ATOM   579  C  CA  . PRO A 1 72  ? -9.214  -15.905 -9.917  1.00 45.85  ? 111 PRO A CA  1 
ATOM   580  C  C   . PRO A 1 72  ? -9.330  -16.632 -11.252 1.00 46.97  ? 111 PRO A C   1 
ATOM   581  O  O   . PRO A 1 72  ? -10.025 -17.619 -11.289 1.00 51.58  ? 111 PRO A O   1 
ATOM   582  C  CB  . PRO A 1 72  ? -8.259  -16.690 -9.011  1.00 45.30  ? 111 PRO A CB  1 
ATOM   583  C  CG  . PRO A 1 72  ? -9.133  -17.469 -8.059  1.00 44.63  ? 111 PRO A CG  1 
ATOM   584  C  CD  . PRO A 1 72  ? -10.542 -16.914 -8.153  1.00 44.35  ? 111 PRO A CD  1 
ATOM   585  N  N   . GLY A 1 73  ? -8.629  -16.131 -12.270 1.00 49.13  ? 112 GLY A N   1 
ATOM   586  C  CA  . GLY A 1 73  ? -8.321  -16.879 -13.495 1.00 52.07  ? 112 GLY A CA  1 
ATOM   587  C  C   . GLY A 1 73  ? -7.649  -18.203 -13.151 1.00 60.90  ? 112 GLY A C   1 
ATOM   588  O  O   . GLY A 1 73  ? -7.355  -18.450 -11.958 1.00 62.97  ? 112 GLY A O   1 
ATOM   589  N  N   . GLY A 1 74  ? -7.429  -19.049 -14.155 1.00 63.87  ? 113 GLY A N   1 
ATOM   590  C  CA  . GLY A 1 74  ? -6.789  -20.361 -13.974 1.00 66.89  ? 113 GLY A CA  1 
ATOM   591  C  C   . GLY A 1 74  ? -5.327  -20.315 -14.372 1.00 70.43  ? 113 GLY A C   1 
ATOM   592  O  O   . GLY A 1 74  ? -4.643  -21.328 -14.131 1.00 81.78  ? 113 GLY A O   1 
ATOM   593  N  N   . LYS A 1 75  ? -4.860  -19.197 -14.951 1.00 64.73  ? 114 LYS A N   1 
ATOM   594  C  CA  . LYS A 1 75  ? -3.579  -19.148 -15.704 1.00 68.97  ? 114 LYS A CA  1 
ATOM   595  C  C   . LYS A 1 75  ? -2.597  -18.185 -15.043 1.00 61.92  ? 114 LYS A C   1 
ATOM   596  O  O   . LYS A 1 75  ? -2.369  -17.091 -15.545 1.00 57.26  ? 114 LYS A O   1 
ATOM   597  C  CB  . LYS A 1 75  ? -3.823  -18.774 -17.168 1.00 76.25  ? 114 LYS A CB  1 
ATOM   598  C  CG  . LYS A 1 75  ? -2.972  -19.556 -18.161 1.00 85.09  ? 114 LYS A CG  1 
ATOM   599  C  CD  . LYS A 1 75  ? -3.024  -21.072 -17.947 1.00 86.38  ? 114 LYS A CD  1 
ATOM   600  C  CE  . LYS A 1 75  ? -2.925  -21.896 -19.217 1.00 91.85  ? 114 LYS A CE  1 
ATOM   601  N  NZ  . LYS A 1 75  ? -1.651  -21.667 -19.937 1.00 96.34  ? 114 LYS A NZ  1 
ATOM   602  N  N   . PRO A 1 76  ? -1.904  -18.609 -13.967 1.00 66.92  ? 115 PRO A N   1 
ATOM   603  C  CA  . PRO A 1 76  ? -0.953  -17.743 -13.279 1.00 68.43  ? 115 PRO A CA  1 
ATOM   604  C  C   . PRO A 1 76  ? 0.167   -17.290 -14.225 1.00 69.51  ? 115 PRO A C   1 
ATOM   605  O  O   . PRO A 1 76  ? 0.500   -18.007 -15.152 1.00 68.85  ? 115 PRO A O   1 
ATOM   606  C  CB  . PRO A 1 76  ? -0.395  -18.599 -12.126 1.00 70.04  ? 115 PRO A CB  1 
ATOM   607  C  CG  . PRO A 1 76  ? -0.652  -20.029 -12.558 1.00 73.08  ? 115 PRO A CG  1 
ATOM   608  C  CD  . PRO A 1 76  ? -1.923  -19.964 -13.390 1.00 74.81  ? 115 PRO A CD  1 
ATOM   609  N  N   . GLU A 1 77  ? 0.673   -16.083 -13.987 1.00 61.28  ? 116 GLU A N   1 
ATOM   610  C  CA  . GLU A 1 77  ? 1.936   -15.566 -14.567 1.00 68.77  ? 116 GLU A CA  1 
ATOM   611  C  C   . GLU A 1 77  ? 2.756   -14.973 -13.428 1.00 67.35  ? 116 GLU A C   1 
ATOM   612  O  O   . GLU A 1 77  ? 2.196   -14.426 -12.487 1.00 71.48  ? 116 GLU A O   1 
ATOM   613  C  CB  . GLU A 1 77  ? 1.638   -14.535 -15.656 1.00 71.37  ? 116 GLU A CB  1 
ATOM   614  C  CG  . GLU A 1 77  ? 0.761   -15.069 -16.777 1.00 74.09  ? 116 GLU A CG  1 
ATOM   615  C  CD  . GLU A 1 77  ? 0.326   -14.006 -17.775 1.00 77.67  ? 116 GLU A CD  1 
ATOM   616  O  OE1 . GLU A 1 77  ? 1.064   -13.013 -17.936 1.00 81.50  ? 116 GLU A OE1 1 
ATOM   617  O  OE2 . GLU A 1 77  ? -0.760  -14.161 -18.374 1.00 76.48  ? 116 GLU A OE2 1 
ATOM   618  N  N   . PRO A 1 78  ? 4.101   -15.046 -13.464 1.00 70.24  ? 117 PRO A N   1 
ATOM   619  C  CA  . PRO A 1 78  ? 4.912   -14.524 -12.366 1.00 70.78  ? 117 PRO A CA  1 
ATOM   620  C  C   . PRO A 1 78  ? 4.662   -13.016 -12.263 1.00 67.91  ? 117 PRO A C   1 
ATOM   621  O  O   . PRO A 1 78  ? 4.451   -12.380 -13.280 1.00 55.89  ? 117 PRO A O   1 
ATOM   622  C  CB  . PRO A 1 78  ? 6.367   -14.814 -12.751 1.00 72.46  ? 117 PRO A CB  1 
ATOM   623  C  CG  . PRO A 1 78  ? 6.276   -15.762 -13.936 1.00 77.34  ? 117 PRO A CG  1 
ATOM   624  C  CD  . PRO A 1 78  ? 4.920   -15.536 -14.579 1.00 74.29  ? 117 PRO A CD  1 
ATOM   625  N  N   . GLN A 1 79  ? 4.642   -12.486 -11.052 1.00 67.41  ? 118 GLN A N   1 
ATOM   626  C  CA  . GLN A 1 79  ? 4.381   -11.039 -10.955 1.00 77.16  ? 118 GLN A CA  1 
ATOM   627  C  C   . GLN A 1 79  ? 5.666   -10.339 -10.526 1.00 81.84  ? 118 GLN A C   1 
ATOM   628  O  O   . GLN A 1 79  ? 6.056   -10.482 -9.362  1.00 82.95  ? 118 GLN A O   1 
ATOM   629  C  CB  . GLN A 1 79  ? 3.222   -10.809 -9.995  1.00 73.17  ? 118 GLN A CB  1 
ATOM   630  C  CG  . GLN A 1 79  ? 2.002   -11.645 -10.327 1.00 75.65  ? 118 GLN A CG  1 
ATOM   631  C  CD  . GLN A 1 79  ? 1.343   -11.148 -11.586 1.00 75.18  ? 118 GLN A CD  1 
ATOM   632  O  OE1 . GLN A 1 79  ? 1.159   -9.954  -11.780 1.00 72.59  ? 118 GLN A OE1 1 
ATOM   633  N  NE2 . GLN A 1 79  ? 1.013   -12.066 -12.474 1.00 75.00  ? 118 GLN A NE2 1 
ATOM   634  N  N   . ALA A 1 80  ? 6.244   -9.567  -11.447 1.00 100.32 ? 119 ALA A N   1 
ATOM   635  C  CA  . ALA A 1 80  ? 7.480   -8.806  -11.160 1.00 96.19  ? 119 ALA A CA  1 
ATOM   636  C  C   . ALA A 1 80  ? 7.127   -7.831  -10.050 1.00 85.86  ? 119 ALA A C   1 
ATOM   637  O  O   . ALA A 1 80  ? 6.093   -7.170  -10.172 1.00 81.04  ? 119 ALA A O   1 
ATOM   638  C  CB  . ALA A 1 80  ? 7.946   -8.059  -12.383 1.00 96.45  ? 119 ALA A CB  1 
ATOM   639  N  N   . PRO A 1 81  ? 8.015   -7.577  -9.074  1.00 74.30  ? 120 PRO A N   1 
ATOM   640  C  CA  . PRO A 1 81  ? 7.682   -6.732  -7.946  1.00 69.20  ? 120 PRO A CA  1 
ATOM   641  C  C   . PRO A 1 81  ? 7.401   -5.293  -8.390  1.00 55.42  ? 120 PRO A C   1 
ATOM   642  O  O   . PRO A 1 81  ? 7.925   -4.821  -9.379  1.00 55.77  ? 120 PRO A O   1 
ATOM   643  C  CB  . PRO A 1 81  ? 8.962   -6.749  -7.106  1.00 30.00  ? 120 PRO A CB  1 
ATOM   644  C  CG  . PRO A 1 81  ? 10.047  -7.021  -8.110  1.00 30.00  ? 120 PRO A CG  1 
ATOM   645  C  CD  . PRO A 1 81  ? 9.402   -7.995  -9.068  1.00 30.00  ? 120 PRO A CD  1 
ATOM   646  N  N   . SER A 1 82  ? 6.583   -4.602  -7.610  1.00 47.68  ? 121 SER A N   1 
ATOM   647  C  CA  . SER A 1 82  ? 6.259   -3.204  -7.969  1.00 43.35  ? 121 SER A CA  1 
ATOM   648  C  C   . SER A 1 82  ? 7.449   -2.310  -7.671  1.00 38.85  ? 121 SER A C   1 
ATOM   649  O  O   . SER A 1 82  ? 8.284   -2.651  -6.853  1.00 42.97  ? 121 SER A O   1 
ATOM   650  C  CB  . SER A 1 82  ? 5.045   -2.693  -7.264  1.00 30.00  ? 121 SER A CB  1 
ATOM   651  O  OG  . SER A 1 82  ? 5.381   -1.996  -6.077  1.00 30.00  ? 121 SER A OG  1 
ATOM   652  N  N   . CYS A 1 83  ? 7.402   -1.105  -8.218  1.00 38.32  ? 122 CYS A N   1 
ATOM   653  C  CA  . CYS A 1 83  ? 8.404   -0.061  -7.929  1.00 37.40  ? 122 CYS A CA  1 
ATOM   654  C  C   . CYS A 1 83  ? 8.186   0.481   -6.506  1.00 34.81  ? 122 CYS A C   1 
ATOM   655  O  O   . CYS A 1 83  ? 7.158   0.252   -5.885  1.00 31.43  ? 122 CYS A O   1 
ATOM   656  C  CB  . CYS A 1 83  ? 8.441   1.010   -9.012  1.00 41.77  ? 122 CYS A CB  1 
ATOM   657  S  SG  . CYS A 1 83  ? 9.398   0.520   -10.471 1.00 55.06  ? 122 CYS A SG  1 
ATOM   658  N  N   . VAL A 1 84  ? 9.189   1.154   -5.980  1.00 33.86  ? 123 VAL A N   1 
ATOM   659  C  CA  . VAL A 1 84  ? 9.090   1.656   -4.591  1.00 32.07  ? 123 VAL A CA  1 
ATOM   660  C  C   . VAL A 1 84  ? 8.721   3.141   -4.578  1.00 30.81  ? 123 VAL A C   1 
ATOM   661  O  O   . VAL A 1 84  ? 9.147   3.857   -5.446  1.00 32.70  ? 123 VAL A O   1 
ATOM   662  C  CB  . VAL A 1 84  ? 10.420  1.394   -3.878  1.00 38.67  ? 123 VAL A CB  1 
ATOM   663  C  CG1 . VAL A 1 84  ? 11.578  1.962   -4.662  1.00 39.97  ? 123 VAL A CG1 1 
ATOM   664  C  CG2 . VAL A 1 84  ? 10.416  1.919   -2.470  1.00 45.13  ? 123 VAL A CG2 1 
ATOM   665  N  N   . TYR A 1 85  ? 7.845   3.510   -3.653  1.00 32.51  ? 124 TYR A N   1 
ATOM   666  C  CA  . TYR A 1 85  ? 7.456   4.918   -3.402  1.00 30.04  ? 124 TYR A CA  1 
ATOM   667  C  C   . TYR A 1 85  ? 8.219   5.356   -2.166  1.00 28.92  ? 124 TYR A C   1 
ATOM   668  O  O   . TYR A 1 85  ? 8.072   4.681   -1.114  1.00 30.37  ? 124 TYR A O   1 
ATOM   669  C  CB  . TYR A 1 85  ? 5.946   5.035   -3.189  1.00 32.25  ? 124 TYR A CB  1 
ATOM   670  C  CG  . TYR A 1 85  ? 5.476   6.421   -2.788  1.00 33.53  ? 124 TYR A CG  1 
ATOM   671  C  CD1 . TYR A 1 85  ? 5.300   7.432   -3.730  1.00 33.59  ? 124 TYR A CD1 1 
ATOM   672  C  CD2 . TYR A 1 85  ? 5.225   6.725   -1.458  1.00 32.53  ? 124 TYR A CD2 1 
ATOM   673  C  CE1 . TYR A 1 85  ? 4.886   8.703   -3.358  1.00 33.14  ? 124 TYR A CE1 1 
ATOM   674  C  CE2 . TYR A 1 85  ? 4.792   7.984   -1.067  1.00 32.25  ? 124 TYR A CE2 1 
ATOM   675  C  CZ  . TYR A 1 85  ? 4.636   8.979   -2.020  1.00 35.24  ? 124 TYR A CZ  1 
ATOM   676  O  OH  . TYR A 1 85  ? 4.212   10.214  -1.631  1.00 32.25  ? 124 TYR A OH  1 
ATOM   677  N  N   . ILE A 1 86  ? 8.956   6.464   -2.264  1.00 28.57  ? 125 ILE A N   1 
ATOM   678  C  CA  . ILE A 1 86  ? 9.665   7.075   -1.108  1.00 30.55  ? 125 ILE A CA  1 
ATOM   679  C  C   . ILE A 1 86  ? 8.699   8.034   -0.405  1.00 32.55  ? 125 ILE A C   1 
ATOM   680  O  O   . ILE A 1 86  ? 8.210   8.982   -1.044  1.00 31.52  ? 125 ILE A O   1 
ATOM   681  C  CB  . ILE A 1 86  ? 10.940  7.773   -1.589  1.00 34.93  ? 125 ILE A CB  1 
ATOM   682  C  CG1 . ILE A 1 86  ? 11.806  6.848   -2.445  1.00 38.16  ? 125 ILE A CG1 1 
ATOM   683  C  CG2 . ILE A 1 86  ? 11.723  8.336   -0.415  1.00 33.46  ? 125 ILE A CG2 1 
ATOM   684  C  CD1 . ILE A 1 86  ? 12.860  7.584   -3.245  1.00 43.18  ? 125 ILE A CD1 1 
ATOM   685  N  N   . HIS A 1 87  ? 8.460   7.849   0.888   1.00 29.96  ? 126 HIS A N   1 
ATOM   686  C  CA  . HIS A 1 87  ? 7.651   8.820   1.660   1.00 30.58  ? 126 HIS A CA  1 
ATOM   687  C  C   . HIS A 1 87  ? 8.327   10.184  1.472   1.00 29.69  ? 126 HIS A C   1 
ATOM   688  O  O   . HIS A 1 87  ? 9.528   10.293  1.629   1.00 27.06  ? 126 HIS A O   1 
ATOM   689  C  CB  . HIS A 1 87  ? 7.484   8.425   3.126   1.00 26.48  ? 126 HIS A CB  1 
ATOM   690  C  CG  . HIS A 1 87  ? 6.425   9.253   3.774   1.00 34.28  ? 126 HIS A CG  1 
ATOM   691  N  ND1 . HIS A 1 87  ? 6.635   10.586  4.133   1.00 35.61  ? 126 HIS A ND1 1 
ATOM   692  C  CD2 . HIS A 1 87  ? 5.124   9.006   4.014   1.00 36.02  ? 126 HIS A CD2 1 
ATOM   693  C  CE1 . HIS A 1 87  ? 5.520   11.080  4.645   1.00 38.99  ? 126 HIS A CE1 1 
ATOM   694  N  NE2 . HIS A 1 87  ? 4.570   10.141  4.569   1.00 39.55  ? 126 HIS A NE2 1 
ATOM   695  N  N   . PRO A 1 88  ? 7.579   11.226  1.054   0.68 33.18  ? 127 PRO A N   1 
ATOM   696  C  CA  . PRO A 1 88  ? 8.186   12.514  0.707   0.68 35.59  ? 127 PRO A CA  1 
ATOM   697  C  C   . PRO A 1 88  ? 8.935   13.188  1.868   0.68 37.31  ? 127 PRO A C   1 
ATOM   698  O  O   . PRO A 1 88  ? 9.839   13.958  1.593   0.68 38.91  ? 127 PRO A O   1 
ATOM   699  C  CB  . PRO A 1 88  ? 7.004   13.360  0.201   0.68 34.05  ? 127 PRO A CB  1 
ATOM   700  C  CG  . PRO A 1 88  ? 5.770   12.684  0.753   0.68 35.22  ? 127 PRO A CG  1 
ATOM   701  C  CD  . PRO A 1 88  ? 6.126   11.213  0.857   0.68 32.59  ? 127 PRO A CD  1 
ATOM   702  N  N   . ASP A 1 89  ? 8.604   12.847  3.117   0.68 38.93  ? 128 ASP A N   1 
ATOM   703  C  CA  . ASP A 1 89  ? 9.325   13.332  4.325   0.68 40.17  ? 128 ASP A CA  1 
ATOM   704  C  C   . ASP A 1 89  ? 10.699  12.669  4.467   0.68 37.82  ? 128 ASP A C   1 
ATOM   705  O  O   . ASP A 1 89  ? 11.419  13.058  5.398   0.68 38.81  ? 128 ASP A O   1 
ATOM   706  C  CB  . ASP A 1 89  ? 8.550   13.045  5.610   0.68 40.94  ? 128 ASP A CB  1 
ATOM   707  C  CG  . ASP A 1 89  ? 7.108   13.600  5.632   0.68 44.09  ? 128 ASP A CG  1 
ATOM   708  O  OD1 . ASP A 1 89  ? 6.803   14.396  4.729   0.68 48.43  ? 128 ASP A OD1 1 
ATOM   709  O  OD2 . ASP A 1 89  ? 6.388   13.335  6.564   0.68 47.36  ? 128 ASP A OD2 1 
ATOM   710  N  N   . SER A 1 90  ? 11.049  11.689  3.620   0.68 36.62  ? 129 SER A N   1 
ATOM   711  C  CA  . SER A 1 90  ? 12.333  10.938  3.692   0.68 36.85  ? 129 SER A CA  1 
ATOM   712  C  C   . SER A 1 90  ? 13.471  11.786  3.132   0.68 37.36  ? 129 SER A C   1 
ATOM   713  O  O   . SER A 1 90  ? 13.289  12.474  2.136   0.68 39.65  ? 129 SER A O   1 
ATOM   714  C  CB  . SER A 1 90  ? 12.246  9.627   2.946   0.68 34.83  ? 129 SER A CB  1 
ATOM   715  O  OG  . SER A 1 90  ? 11.135  8.865   3.387   0.68 33.91  ? 129 SER A OG  1 
ATOM   716  N  N   . PRO A 1 91  ? 14.689  11.772  3.715   0.68 39.04  ? 130 PRO A N   1 
ATOM   717  C  CA  . PRO A 1 91  ? 14.966  11.174  5.017   0.68 39.37  ? 130 PRO A CA  1 
ATOM   718  C  C   . PRO A 1 91  ? 14.541  12.075  6.177   0.68 41.09  ? 130 PRO A C   1 
ATOM   719  O  O   . PRO A 1 91  ? 14.346  13.264  5.975   0.68 40.19  ? 130 PRO A O   1 
ATOM   720  C  CB  . PRO A 1 91  ? 16.492  11.043  5.084   0.68 41.29  ? 130 PRO A CB  1 
ATOM   721  C  CG  . PRO A 1 91  ? 16.988  11.472  3.721   0.68 42.27  ? 130 PRO A CG  1 
ATOM   722  C  CD  . PRO A 1 91  ? 15.901  12.318  3.102   0.68 40.68  ? 130 PRO A CD  1 
ATOM   723  N  N   . ASN A 1 92  ? 14.436  11.501  7.371   0.68 40.46  ? 131 ASN A N   1 
ATOM   724  C  CA  . ASN A 1 92  ? 14.145  12.285  8.596   0.68 43.04  ? 131 ASN A CA  1 
ATOM   725  C  C   . ASN A 1 92  ? 14.566  11.477  9.822   0.68 43.45  ? 131 ASN A C   1 
ATOM   726  O  O   . ASN A 1 92  ? 14.837  10.267  9.685   0.68 39.99  ? 131 ASN A O   1 
ATOM   727  C  CB  . ASN A 1 92  ? 12.685  12.745  8.641   0.68 43.94  ? 131 ASN A CB  1 
ATOM   728  C  CG  . ASN A 1 92  ? 12.533  14.123  9.253   0.68 42.65  ? 131 ASN A CG  1 
ATOM   729  O  OD1 . ASN A 1 92  ? 13.239  14.464  10.198  0.68 43.15  ? 131 ASN A OD1 1 
ATOM   730  N  ND2 . ASN A 1 92  ? 11.605  14.912  8.736   0.68 40.32  ? 131 ASN A ND2 1 
ATOM   731  N  N   . PHE A 1 93  ? 14.667  12.153  10.966  0.68 42.28  ? 132 PHE A N   1 
ATOM   732  C  CA  . PHE A 1 93  ? 15.113  11.564  12.251  0.68 44.32  ? 132 PHE A CA  1 
ATOM   733  C  C   . PHE A 1 93  ? 14.017  10.621  12.753  0.68 41.96  ? 132 PHE A C   1 
ATOM   734  O  O   . PHE A 1 93  ? 12.841  10.829  12.403  0.68 43.11  ? 132 PHE A O   1 
ATOM   735  C  CB  . PHE A 1 93  ? 15.452  12.674  13.254  0.68 46.94  ? 132 PHE A CB  1 
ATOM   736  C  CG  . PHE A 1 93  ? 16.722  13.418  12.929  0.68 46.62  ? 132 PHE A CG  1 
ATOM   737  C  CD1 . PHE A 1 93  ? 17.957  12.909  13.306  0.68 48.21  ? 132 PHE A CD1 1 
ATOM   738  C  CD2 . PHE A 1 93  ? 16.690  14.611  12.224  0.68 47.55  ? 132 PHE A CD2 1 
ATOM   739  C  CE1 . PHE A 1 93  ? 19.130  13.574  12.985  0.68 47.95  ? 132 PHE A CE1 1 
ATOM   740  C  CE2 . PHE A 1 93  ? 17.865  15.280  11.912  0.68 47.48  ? 132 PHE A CE2 1 
ATOM   741  C  CZ  . PHE A 1 93  ? 19.082  14.759  12.290  0.68 49.47  ? 132 PHE A CZ  1 
ATOM   742  N  N   . GLY A 1 94  ? 14.400  9.611   13.532  1.00 43.07  ? 133 GLY A N   1 
ATOM   743  C  CA  . GLY A 1 94  ? 13.436  8.706   14.178  1.00 42.13  ? 133 GLY A CA  1 
ATOM   744  C  C   . GLY A 1 94  ? 12.329  9.481   14.871  1.00 42.62  ? 133 GLY A C   1 
ATOM   745  O  O   . GLY A 1 94  ? 11.165  9.121   14.703  1.00 42.58  ? 133 GLY A O   1 
ATOM   746  N  N   . ALA A 1 95  ? 12.666  10.573  15.569  1.00 45.35  ? 134 ALA A N   1 
ATOM   747  C  CA  . ALA A 1 95  ? 11.696  11.396  16.328  1.00 41.73  ? 134 ALA A CA  1 
ATOM   748  C  C   . ALA A 1 95  ? 10.567  11.872  15.418  1.00 39.79  ? 134 ALA A C   1 
ATOM   749  O  O   . ALA A 1 95  ? 9.414   11.968  15.882  1.00 42.30  ? 134 ALA A O   1 
ATOM   750  C  CB  . ALA A 1 95  ? 12.409  12.576  16.943  1.00 44.46  ? 134 ALA A CB  1 
ATOM   751  N  N   . HIS A 1 96  ? 10.902  12.227  14.177  1.00 38.73  ? 135 HIS A N   1 
ATOM   752  C  CA  . HIS A 1 96  ? 9.933   12.771  13.197  1.00 38.54  ? 135 HIS A CA  1 
ATOM   753  C  C   . HIS A 1 96  ? 8.914   11.687  12.861  1.00 39.21  ? 135 HIS A C   1 
ATOM   754  O  O   . HIS A 1 96  ? 7.700   11.952  12.749  1.00 42.20  ? 135 HIS A O   1 
ATOM   755  C  CB  . HIS A 1 96  ? 10.647  13.200  11.911  1.00 40.24  ? 135 HIS A CB  1 
ATOM   756  C  CG  . HIS A 1 96  ? 9.703   13.623  10.841  1.00 41.93  ? 135 HIS A CG  1 
ATOM   757  N  ND1 . HIS A 1 96  ? 9.266   14.933  10.716  1.00 42.63  ? 135 HIS A ND1 1 
ATOM   758  C  CD2 . HIS A 1 96  ? 9.125   12.926  9.842   1.00 39.65  ? 135 HIS A CD2 1 
ATOM   759  C  CE1 . HIS A 1 96  ? 8.451   15.024  9.690   1.00 46.98  ? 135 HIS A CE1 1 
ATOM   760  N  NE2 . HIS A 1 96  ? 8.335   13.794  9.143   1.00 48.33  ? 135 HIS A NE2 1 
ATOM   761  N  N   . TRP A 1 97  ? 9.426   10.506  12.623  1.00 39.90  ? 136 TRP A N   1 
ATOM   762  C  CA  . TRP A 1 97  ? 8.587   9.370   12.192  1.00 37.51  ? 136 TRP A CA  1 
ATOM   763  C  C   . TRP A 1 97  ? 7.698   8.877   13.331  1.00 43.04  ? 136 TRP A C   1 
ATOM   764  O  O   . TRP A 1 97  ? 6.587   8.397   13.028  1.00 39.81  ? 136 TRP A O   1 
ATOM   765  C  CB  . TRP A 1 97  ? 9.499   8.268   11.718  1.00 35.29  ? 136 TRP A CB  1 
ATOM   766  C  CG  . TRP A 1 97  ? 10.292  8.623   10.520  1.00 31.36  ? 136 TRP A CG  1 
ATOM   767  C  CD1 . TRP A 1 97  ? 11.646  8.633   10.451  1.00 32.10  ? 136 TRP A CD1 1 
ATOM   768  C  CD2 . TRP A 1 97  ? 9.801   8.924   9.210   1.00 29.77  ? 136 TRP A CD2 1 
ATOM   769  N  NE1 . TRP A 1 97  ? 12.043  8.917   9.185   1.00 30.86  ? 136 TRP A NE1 1 
ATOM   770  C  CE2 . TRP A 1 97  ? 10.935  9.137   8.410   1.00 27.91  ? 136 TRP A CE2 1 
ATOM   771  C  CE3 . TRP A 1 97  ? 8.530   9.059   8.636   1.00 31.20  ? 136 TRP A CE3 1 
ATOM   772  C  CZ2 . TRP A 1 97  ? 10.851  9.422   7.056   1.00 28.21  ? 136 TRP A CZ2 1 
ATOM   773  C  CZ3 . TRP A 1 97  ? 8.444   9.352   7.292   1.00 30.34  ? 136 TRP A CZ3 1 
ATOM   774  C  CH2 . TRP A 1 97  ? 9.587   9.527   6.518   1.00 28.80  ? 136 TRP A CH2 1 
ATOM   775  N  N   . MET A 1 98  ? 8.164   8.996   14.580  1.00 42.16  ? 137 MET A N   1 
ATOM   776  C  CA  . MET A 1 98  ? 7.449   8.461   15.766  1.00 44.99  ? 137 MET A CA  1 
ATOM   777  C  C   . MET A 1 98  ? 6.518   9.512   16.375  1.00 46.88  ? 137 MET A C   1 
ATOM   778  O  O   . MET A 1 98  ? 5.776   9.122   17.269  1.00 47.43  ? 137 MET A O   1 
ATOM   779  C  CB  . MET A 1 98  ? 8.434   7.989   16.834  1.00 45.63  ? 137 MET A CB  1 
ATOM   780  C  CG  . MET A 1 98  ? 9.236   6.786   16.401  1.00 47.79  ? 137 MET A CG  1 
ATOM   781  S  SD  . MET A 1 98  ? 10.217  6.047   17.746  1.00 46.34  ? 137 MET A SD  1 
ATOM   782  C  CE  . MET A 1 98  ? 11.481  7.308   17.930  1.00 50.12  ? 137 MET A CE  1 
ATOM   783  N  N   . LYS A 1 99  ? 6.506   10.766  15.904  1.00 53.22  ? 138 LYS A N   1 
ATOM   784  C  CA  . LYS A 1 99  ? 5.702   11.842  16.550  1.00 52.58  ? 138 LYS A CA  1 
ATOM   785  C  C   . LYS A 1 99  ? 4.250   11.790  16.058  1.00 54.60  ? 138 LYS A C   1 
ATOM   786  O  O   . LYS A 1 99  ? 3.359   12.220  16.814  1.00 51.41  ? 138 LYS A O   1 
ATOM   787  C  CB  . LYS A 1 99  ? 6.358   13.228  16.406  1.00 55.62  ? 138 LYS A CB  1 
ATOM   788  C  CG  . LYS A 1 99  ? 6.475   13.818  15.007  1.00 58.42  ? 138 LYS A CG  1 
ATOM   789  C  CD  . LYS A 1 99  ? 6.790   15.316  15.020  1.00 66.74  ? 138 LYS A CD  1 
ATOM   790  C  CE  . LYS A 1 99  ? 6.790   15.989  13.658  1.00 69.86  ? 138 LYS A CE  1 
ATOM   791  N  NZ  . LYS A 1 99  ? 8.153   16.383  13.215  1.00 71.94  ? 138 LYS A NZ  1 
ATOM   792  N  N   . ALA A 1 100 ? 3.987   11.257  14.863  1.00 49.68  ? 139 ALA A N   1 
ATOM   793  C  CA  . ALA A 1 100 ? 2.612   11.076  14.348  1.00 47.05  ? 139 ALA A CA  1 
ATOM   794  C  C   . ALA A 1 100 ? 2.588   9.917   13.360  1.00 44.71  ? 139 ALA A C   1 
ATOM   795  O  O   . ALA A 1 100 ? 3.636   9.506   12.881  1.00 48.51  ? 139 ALA A O   1 
ATOM   796  C  CB  . ALA A 1 100 ? 2.116   12.354  13.716  1.00 50.26  ? 139 ALA A CB  1 
ATOM   797  N  N   . PRO A 1 101 ? 1.406   9.337   13.061  1.00 44.51  ? 140 PRO A N   1 
ATOM   798  C  CA  . PRO A 1 101 ? 1.325   8.216   12.129  1.00 41.71  ? 140 PRO A CA  1 
ATOM   799  C  C   . PRO A 1 101 ? 1.997   8.599   10.811  1.00 37.77  ? 140 PRO A C   1 
ATOM   800  O  O   . PRO A 1 101 ? 1.825   9.712   10.384  1.00 36.31  ? 140 PRO A O   1 
ATOM   801  C  CB  . PRO A 1 101 ? -0.182  8.003   11.942  1.00 45.16  ? 140 PRO A CB  1 
ATOM   802  C  CG  . PRO A 1 101 ? -0.805  8.534   13.212  1.00 46.80  ? 140 PRO A CG  1 
ATOM   803  C  CD  . PRO A 1 101 ? 0.098   9.670   13.652  1.00 46.39  ? 140 PRO A CD  1 
ATOM   804  N  N   . VAL A 1 102 ? 2.787   7.701   10.235  1.00 34.27  ? 141 VAL A N   1 
ATOM   805  C  CA  . VAL A 1 102 ? 3.387   7.928   8.893   1.00 35.57  ? 141 VAL A CA  1 
ATOM   806  C  C   . VAL A 1 102 ? 2.316   7.669   7.832   1.00 36.71  ? 141 VAL A C   1 
ATOM   807  O  O   . VAL A 1 102 ? 1.826   6.513   7.702   1.00 34.70  ? 141 VAL A O   1 
ATOM   808  C  CB  . VAL A 1 102 ? 4.640   7.084   8.648   1.00 32.87  ? 141 VAL A CB  1 
ATOM   809  C  CG1 . VAL A 1 102 ? 5.265   7.446   7.315   1.00 32.07  ? 141 VAL A CG1 1 
ATOM   810  C  CG2 . VAL A 1 102 ? 5.626   7.188   9.801   1.00 36.28  ? 141 VAL A CG2 1 
ATOM   811  N  N   . SER A 1 103 ? 1.967   8.702   7.074   1.00 33.10  ? 142 SER A N   1 
ATOM   812  C  CA  . SER A 1 103 ? 0.770   8.679   6.208   1.00 36.30  ? 142 SER A CA  1 
ATOM   813  C  C   . SER A 1 103 ? 1.182   8.728   4.734   1.00 35.48  ? 142 SER A C   1 
ATOM   814  O  O   . SER A 1 103 ? 1.807   9.710   4.309   1.00 36.55  ? 142 SER A O   1 
ATOM   815  C  CB  . SER A 1 103 ? -0.132  9.794   6.611   1.00 35.73  ? 142 SER A CB  1 
ATOM   816  O  OG  . SER A 1 103 ? -1.183  9.919   5.698   1.00 39.66  ? 142 SER A OG  1 
ATOM   817  N  N   . PHE A 1 104 ? 0.842   7.695   3.959   1.00 32.02  ? 143 PHE A N   1 
ATOM   818  C  CA  . PHE A 1 104 ? 1.203   7.607   2.520   1.00 28.88  ? 143 PHE A CA  1 
ATOM   819  C  C   . PHE A 1 104 ? 0.081   8.222   1.653   1.00 33.48  ? 143 PHE A C   1 
ATOM   820  O  O   . PHE A 1 104 ? -0.372  7.610   0.672   1.00 29.99  ? 143 PHE A O   1 
ATOM   821  C  CB  . PHE A 1 104 ? 1.530   6.136   2.190   1.00 27.95  ? 143 PHE A CB  1 
ATOM   822  C  CG  . PHE A 1 104 ? 2.830   5.672   2.813   1.00 28.82  ? 143 PHE A CG  1 
ATOM   823  C  CD1 . PHE A 1 104 ? 4.028   5.774   2.133   1.00 29.45  ? 143 PHE A CD1 1 
ATOM   824  C  CD2 . PHE A 1 104 ? 2.851   5.168   4.102   1.00 31.64  ? 143 PHE A CD2 1 
ATOM   825  C  CE1 . PHE A 1 104 ? 5.214   5.328   2.693   1.00 32.39  ? 143 PHE A CE1 1 
ATOM   826  C  CE2 . PHE A 1 104 ? 4.038   4.730   4.664   1.00 33.09  ? 143 PHE A CE2 1 
ATOM   827  C  CZ  . PHE A 1 104 ? 5.214   4.814   3.966   1.00 33.59  ? 143 PHE A CZ  1 
ATOM   828  N  N   . SER A 1 105 ? -0.292  9.473   1.913   1.00 32.24  ? 144 SER A N   1 
ATOM   829  C  CA  . SER A 1 105 ? -1.503  10.096  1.310   1.00 32.73  ? 144 SER A CA  1 
ATOM   830  C  C   . SER A 1 105 ? -1.227  10.524  -0.132  1.00 29.84  ? 144 SER A C   1 
ATOM   831  O  O   . SER A 1 105 ? -2.206  10.696  -0.875  1.00 37.13  ? 144 SER A O   1 
ATOM   832  C  CB  . SER A 1 105 ? -1.976  11.235  2.136   1.00 33.37  ? 144 SER A CB  1 
ATOM   833  O  OG  . SER A 1 105 ? -0.902  12.124  2.284   1.00 38.07  ? 144 SER A OG  1 
ATOM   834  N  N   . LYS A 1 106 ? 0.040   10.675  -0.527  1.00 32.71  ? 145 LYS A N   1 
ATOM   835  C  CA  . LYS A 1 106 ? 0.391   11.255  -1.849  1.00 32.91  ? 145 LYS A CA  1 
ATOM   836  C  C   . LYS A 1 106 ? 0.826   10.183  -2.853  1.00 34.61  ? 145 LYS A C   1 
ATOM   837  O  O   . LYS A 1 106 ? 1.065   10.535  -4.020  1.00 30.64  ? 145 LYS A O   1 
ATOM   838  C  CB  . LYS A 1 106 ? 1.463   12.327  -1.667  1.00 35.32  ? 145 LYS A CB  1 
ATOM   839  C  CG  . LYS A 1 106 ? 1.054   13.457  -0.733  1.00 32.92  ? 145 LYS A CG  1 
ATOM   840  C  CD  . LYS A 1 106 ? -0.167  14.180  -1.222  1.00 38.25  ? 145 LYS A CD  1 
ATOM   841  C  CE  . LYS A 1 106 ? -0.323  15.525  -0.544  1.00 36.80  ? 145 LYS A CE  1 
ATOM   842  N  NZ  . LYS A 1 106 ? -1.528  16.211  -1.059  1.00 40.50  ? 145 LYS A NZ  1 
ATOM   843  N  N   . VAL A 1 107 ? 0.850   8.902   -2.471  1.00 34.23  ? 146 VAL A N   1 
ATOM   844  C  CA  . VAL A 1 107 ? 1.179   7.853   -3.472  1.00 34.60  ? 146 VAL A CA  1 
ATOM   845  C  C   . VAL A 1 107 ? 0.009   7.777   -4.450  1.00 29.47  ? 146 VAL A C   1 
ATOM   846  O  O   . VAL A 1 107 ? -1.146  7.800   -4.012  1.00 33.00  ? 146 VAL A O   1 
ATOM   847  C  CB  . VAL A 1 107 ? 1.530   6.483   -2.842  1.00 31.97  ? 146 VAL A CB  1 
ATOM   848  C  CG1 . VAL A 1 107 ? 0.356   5.852   -2.104  1.00 33.15  ? 146 VAL A CG1 1 
ATOM   849  C  CG2 . VAL A 1 107 ? 2.100   5.551   -3.891  1.00 33.00  ? 146 VAL A CG2 1 
ATOM   850  N  N   . LYS A 1 108 ? 0.317   7.662   -5.736  1.00 32.75  ? 147 LYS A N   1 
ATOM   851  C  CA  . LYS A 1 108 ? -0.684  7.525   -6.823  1.00 35.07  ? 147 LYS A CA  1 
ATOM   852  C  C   . LYS A 1 108 ? -0.451  6.193   -7.539  1.00 33.26  ? 147 LYS A C   1 
ATOM   853  O  O   . LYS A 1 108 ? 0.699   5.910   -7.886  1.00 34.51  ? 147 LYS A O   1 
ATOM   854  C  CB  . LYS A 1 108 ? -0.547  8.696   -7.790  1.00 39.94  ? 147 LYS A CB  1 
ATOM   855  C  CG  . LYS A 1 108 ? -0.968  10.024  -7.184  1.00 48.83  ? 147 LYS A CG  1 
ATOM   856  C  CD  . LYS A 1 108 ? -0.458  11.235  -7.933  1.00 53.74  ? 147 LYS A CD  1 
ATOM   857  C  CE  . LYS A 1 108 ? -1.437  11.755  -8.952  1.00 57.49  ? 147 LYS A CE  1 
ATOM   858  N  NZ  . LYS A 1 108 ? -1.058  13.117  -9.394  1.00 56.72  ? 147 LYS A NZ  1 
ATOM   859  N  N   . LEU A 1 109 ? -1.517  5.419   -7.702  1.00 35.40  ? 148 LEU A N   1 
ATOM   860  C  CA  . LEU A 1 109 ? -1.523  4.074   -8.346  1.00 34.30  ? 148 LEU A CA  1 
ATOM   861  C  C   . LEU A 1 109 ? -1.953  4.213   -9.809  1.00 36.92  ? 148 LEU A C   1 
ATOM   862  O  O   . LEU A 1 109 ? -3.052  4.770   -10.062 1.00 38.16  ? 148 LEU A O   1 
ATOM   863  C  CB  . LEU A 1 109 ? -2.482  3.181   -7.560  1.00 30.24  ? 148 LEU A CB  1 
ATOM   864  C  CG  . LEU A 1 109 ? -2.191  3.051   -6.059  1.00 32.40  ? 148 LEU A CG  1 
ATOM   865  C  CD1 . LEU A 1 109 ? -3.133  2.054   -5.393  1.00 33.12  ? 148 LEU A CD1 1 
ATOM   866  C  CD2 . LEU A 1 109 ? -0.728  2.698   -5.834  1.00 34.97  ? 148 LEU A CD2 1 
ATOM   867  N  N   . THR A 1 110 ? -1.141  3.723   -10.740 1.00 35.71  ? 149 THR A N   1 
ATOM   868  C  CA  . THR A 1 110 ? -1.412  3.821   -12.196 1.00 41.15  ? 149 THR A CA  1 
ATOM   869  C  C   . THR A 1 110 ? -1.428  2.420   -12.806 1.00 42.80  ? 149 THR A C   1 
ATOM   870  O  O   . THR A 1 110 ? -0.879  1.480   -12.169 1.00 40.36  ? 149 THR A O   1 
ATOM   871  C  CB  . THR A 1 110 ? -0.404  4.740   -12.907 1.00 41.72  ? 149 THR A CB  1 
ATOM   872  O  OG1 . THR A 1 110 ? -0.737  4.747   -14.299 1.00 42.18  ? 149 THR A OG1 1 
ATOM   873  C  CG2 . THR A 1 110 ? 1.046   4.338   -12.745 1.00 38.26  ? 149 THR A CG2 1 
ATOM   874  N  N   . ASN A 1 111 ? -1.987  2.322   -14.016 1.00 41.69  ? 150 ASN A N   1 
ATOM   875  C  CA  . ASN A 1 111 ? -1.907  1.125   -14.899 1.00 44.53  ? 150 ASN A CA  1 
ATOM   876  C  C   . ASN A 1 111 ? -0.908  1.338   -16.049 1.00 49.47  ? 150 ASN A C   1 
ATOM   877  O  O   . ASN A 1 111 ? -0.834  0.445   -16.892 1.00 49.71  ? 150 ASN A O   1 
ATOM   878  C  CB  . ASN A 1 111 ? -3.285  0.691   -15.419 1.00 47.40  ? 150 ASN A CB  1 
ATOM   879  C  CG  . ASN A 1 111 ? -4.154  1.802   -15.977 1.00 44.58  ? 150 ASN A CG  1 
ATOM   880  O  OD1 . ASN A 1 111 ? -5.346  1.600   -16.167 1.00 58.41  ? 150 ASN A OD1 1 
ATOM   881  N  ND2 . ASN A 1 111 ? -3.601  2.975   -16.209 1.00 47.69  ? 150 ASN A ND2 1 
ATOM   882  N  N   . LYS A 1 112 ? -0.136  2.430   -16.084 1.00 55.49  ? 151 LYS A N   1 
ATOM   883  C  CA  . LYS A 1 112 ? 0.806   2.731   -17.207 1.00 62.57  ? 151 LYS A CA  1 
ATOM   884  C  C   . LYS A 1 112 ? 2.175   3.124   -16.645 1.00 68.33  ? 151 LYS A C   1 
ATOM   885  O  O   . LYS A 1 112 ? 2.196   3.894   -15.678 1.00 70.17  ? 151 LYS A O   1 
ATOM   886  C  CB  . LYS A 1 112 ? 0.279   3.876   -18.087 1.00 71.12  ? 151 LYS A CB  1 
ATOM   887  C  CG  . LYS A 1 112 ? -1.155  3.728   -18.591 1.00 74.01  ? 151 LYS A CG  1 
ATOM   888  C  CD  . LYS A 1 112 ? -1.329  2.763   -19.757 1.00 79.07  ? 151 LYS A CD  1 
ATOM   889  C  CE  . LYS A 1 112 ? -2.779  2.601   -20.173 1.00 78.51  ? 151 LYS A CE  1 
ATOM   890  N  NZ  . LYS A 1 112 ? -2.919  1.672   -21.319 1.00 79.07  ? 151 LYS A NZ  1 
ATOM   891  N  N   . LEU A 1 113 ? 3.268   2.601   -17.220 1.00 76.86  ? 152 LEU A N   1 
ATOM   892  C  CA  . LEU A 1 113 ? 4.653   3.101   -16.975 1.00 81.70  ? 152 LEU A CA  1 
ATOM   893  C  C   . LEU A 1 113 ? 4.633   4.628   -17.127 1.00 87.15  ? 152 LEU A C   1 
ATOM   894  O  O   . LEU A 1 113 ? 4.166   5.117   -18.180 1.00 77.32  ? 152 LEU A O   1 
ATOM   895  C  CB  . LEU A 1 113 ? 5.687   2.440   -17.905 1.00 85.01  ? 152 LEU A CB  1 
ATOM   896  C  CG  . LEU A 1 113 ? 5.267   1.948   -19.300 1.00 89.04  ? 152 LEU A CG  1 
ATOM   897  C  CD1 . LEU A 1 113 ? 4.770   0.506   -19.267 1.00 89.83  ? 152 LEU A CD1 1 
ATOM   898  C  CD2 . LEU A 1 113 ? 4.260   2.857   -20.005 1.00 91.70  ? 152 LEU A CD2 1 
ATOM   899  N  N   . ASN A 1 114 ? 5.051   5.361   -16.091 1.00 93.06  ? 153 ASN A N   1 
ATOM   900  C  CA  . ASN A 1 114 ? 4.761   6.815   -15.979 1.00 98.58  ? 153 ASN A CA  1 
ATOM   901  C  C   . ASN A 1 114 ? 5.978   7.571   -15.438 1.00 99.00  ? 153 ASN A C   1 
ATOM   902  O  O   . ASN A 1 114 ? 6.782   6.958   -14.697 1.00 100.53 ? 153 ASN A O   1 
ATOM   903  C  CB  . ASN A 1 114 ? 3.499   7.067   -15.146 1.00 103.55 ? 153 ASN A CB  1 
ATOM   904  C  CG  . ASN A 1 114 ? 2.214   6.846   -15.923 1.00 107.84 ? 153 ASN A CG  1 
ATOM   905  O  OD1 . ASN A 1 114 ? 2.169   7.008   -17.143 1.00 108.59 ? 153 ASN A OD1 1 
ATOM   906  N  ND2 . ASN A 1 114 ? 1.153   6.475   -15.223 1.00 107.55 ? 153 ASN A ND2 1 
ATOM   907  N  N   . GLY A 1 115 ? 6.055   8.861   -15.797 1.00 98.77  ? 154 GLY A N   1 
ATOM   908  C  CA  . GLY A 1 115 ? 7.194   9.780   -15.593 1.00 99.63  ? 154 GLY A CA  1 
ATOM   909  C  C   . GLY A 1 115 ? 7.931   9.508   -14.299 1.00 93.64  ? 154 GLY A C   1 
ATOM   910  O  O   . GLY A 1 115 ? 9.088   9.066   -14.356 1.00 93.20  ? 154 GLY A O   1 
ATOM   911  N  N   . GLY A 1 116 ? 7.275   9.761   -13.169 1.00 89.66  ? 155 GLY A N   1 
ATOM   912  C  CA  . GLY A 1 116 ? 7.825   9.498   -11.828 1.00 85.62  ? 155 GLY A CA  1 
ATOM   913  C  C   . GLY A 1 116 ? 6.741   9.598   -10.781 1.00 78.75  ? 155 GLY A C   1 
ATOM   914  O  O   . GLY A 1 116 ? 5.593   9.877   -11.150 1.00 84.60  ? 155 GLY A O   1 
ATOM   915  N  N   . GLY A 1 117 ? 7.096   9.404   -9.516  1.00 75.22  ? 156 GLY A N   1 
ATOM   916  C  CA  . GLY A 1 117 ? 6.139   9.332   -8.400  1.00 74.55  ? 156 GLY A CA  1 
ATOM   917  C  C   . GLY A 1 117 ? 5.281   8.086   -8.512  1.00 66.25  ? 156 GLY A C   1 
ATOM   918  O  O   . GLY A 1 117 ? 5.543   7.133   -7.762  1.00 76.06  ? 156 GLY A O   1 
ATOM   919  N  N   . GLN A 1 118 ? 4.333   8.084   -9.454  1.00 59.66  ? 157 GLN A N   1 
ATOM   920  C  CA  . GLN A 1 118 ? 3.251   7.066   -9.578  1.00 55.55  ? 157 GLN A CA  1 
ATOM   921  C  C   . GLN A 1 118 ? 3.828   5.648   -9.539  1.00 46.98  ? 157 GLN A C   1 
ATOM   922  O  O   . GLN A 1 118 ? 4.881   5.413   -10.113 1.00 50.09  ? 157 GLN A O   1 
ATOM   923  C  CB  . GLN A 1 118 ? 2.484   7.209   -10.891 1.00 55.76  ? 157 GLN A CB  1 
ATOM   924  C  CG  . GLN A 1 118 ? 1.749   8.525   -11.026 1.00 63.38  ? 157 GLN A CG  1 
ATOM   925  C  CD  . GLN A 1 118 ? 2.147   9.176   -12.323 1.00 67.98  ? 157 GLN A CD  1 
ATOM   926  O  OE1 . GLN A 1 118 ? 1.342   9.305   -13.239 1.00 77.51  ? 157 GLN A OE1 1 
ATOM   927  N  NE2 . GLN A 1 118 ? 3.415   9.542   -12.425 1.00 60.90  ? 157 GLN A NE2 1 
ATOM   928  N  N   . ILE A 1 119 ? 3.108   4.735   -8.901  1.00 42.80  ? 158 ILE A N   1 
ATOM   929  C  CA  . ILE A 1 119 ? 3.467   3.295   -8.873  1.00 40.19  ? 158 ILE A CA  1 
ATOM   930  C  C   . ILE A 1 119 ? 2.555   2.574   -9.852  1.00 36.57  ? 158 ILE A C   1 
ATOM   931  O  O   . ILE A 1 119 ? 1.340   2.651   -9.662  1.00 34.57  ? 158 ILE A O   1 
ATOM   932  C  CB  . ILE A 1 119 ? 3.318   2.756   -7.446  1.00 36.12  ? 158 ILE A CB  1 
ATOM   933  C  CG1 . ILE A 1 119 ? 4.252   3.499   -6.485  1.00 36.45  ? 158 ILE A CG1 1 
ATOM   934  C  CG2 . ILE A 1 119 ? 3.491   1.251   -7.421  1.00 38.86  ? 158 ILE A CG2 1 
ATOM   935  C  CD1 . ILE A 1 119 ? 5.685   3.612   -6.952  1.00 37.42  ? 158 ILE A CD1 1 
ATOM   936  N  N   . MET A 1 120 ? 3.148   1.895   -10.836 1.00 38.46  ? 159 MET A N   1 
ATOM   937  C  CA  . MET A 1 120 ? 2.396   1.101   -11.841 1.00 41.54  ? 159 MET A CA  1 
ATOM   938  C  C   . MET A 1 120 ? 2.035   -0.248  -11.226 1.00 38.55  ? 159 MET A C   1 
ATOM   939  O  O   . MET A 1 120 ? 2.929   -0.930  -10.730 1.00 38.12  ? 159 MET A O   1 
ATOM   940  C  CB  . MET A 1 120 ? 3.204   0.864   -13.117 1.00 48.44  ? 159 MET A CB  1 
ATOM   941  C  CG  . MET A 1 120 ? 2.396   0.155   -14.201 1.00 53.66  ? 159 MET A CG  1 
ATOM   942  S  SD  . MET A 1 120 ? 3.441   -0.285  -15.591 1.00 71.87  ? 159 MET A SD  1 
ATOM   943  C  CE  . MET A 1 120 ? 4.268   -1.737  -14.933 1.00 73.54  ? 159 MET A CE  1 
ATOM   944  N  N   . LEU A 1 121 ? 0.745   -0.558  -11.177 1.00 34.05  ? 160 LEU A N   1 
ATOM   945  C  CA  . LEU A 1 121 ? 0.226   -1.880  -10.781 1.00 32.88  ? 160 LEU A CA  1 
ATOM   946  C  C   . LEU A 1 121 ? -0.446  -2.498  -12.004 1.00 38.33  ? 160 LEU A C   1 
ATOM   947  O  O   . LEU A 1 121 ? -0.902  -1.726  -12.858 1.00 37.94  ? 160 LEU A O   1 
ATOM   948  C  CB  . LEU A 1 121 ? -0.757  -1.702  -9.628  1.00 34.61  ? 160 LEU A CB  1 
ATOM   949  C  CG  . LEU A 1 121 ? -0.231  -1.040  -8.358  1.00 29.50  ? 160 LEU A CG  1 
ATOM   950  C  CD1 . LEU A 1 121 ? -1.321  -1.031  -7.284  1.00 28.79  ? 160 LEU A CD1 1 
ATOM   951  C  CD2 . LEU A 1 121 ? 1.031   -1.732  -7.822  1.00 34.86  ? 160 LEU A CD2 1 
ATOM   952  N  N   . ASN A 1 122 ? -0.544  -3.825  -12.050 1.00 42.02  ? 161 ASN A N   1 
ATOM   953  C  CA  . ASN A 1 122 ? -1.342  -4.570  -13.058 1.00 42.13  ? 161 ASN A CA  1 
ATOM   954  C  C   . ASN A 1 122 ? -2.807  -4.588  -12.632 1.00 45.72  ? 161 ASN A C   1 
ATOM   955  O  O   . ASN A 1 122 ? -3.154  -5.112  -11.511 1.00 38.56  ? 161 ASN A O   1 
ATOM   956  C  CB  . ASN A 1 122 ? -0.895  -6.020  -13.226 1.00 49.83  ? 161 ASN A CB  1 
ATOM   957  C  CG  . ASN A 1 122 ? 0.510   -6.160  -13.758 1.00 51.09  ? 161 ASN A CG  1 
ATOM   958  O  OD1 . ASN A 1 122 ? 0.910   -5.425  -14.656 1.00 54.23  ? 161 ASN A OD1 1 
ATOM   959  N  ND2 . ASN A 1 122 ? 1.256   -7.105  -13.199 1.00 60.23  ? 161 ASN A ND2 1 
ATOM   960  N  N   . SER A 1 123 ? -3.675  -4.094  -13.505 1.00 39.41  ? 162 SER A N   1 
ATOM   961  C  CA  . SER A 1 123 ? -5.124  -4.087  -13.233 1.00 43.60  ? 162 SER A CA  1 
ATOM   962  C  C   . SER A 1 123 ? -5.586  -5.529  -12.994 1.00 35.23  ? 162 SER A C   1 
ATOM   963  O  O   . SER A 1 123 ? -5.030  -6.428  -13.631 1.00 40.31  ? 162 SER A O   1 
ATOM   964  C  CB  . SER A 1 123 ? -5.894  -3.435  -14.352 1.00 45.23  ? 162 SER A CB  1 
ATOM   965  O  OG  . SER A 1 123 ? -7.211  -3.158  -13.894 1.00 55.58  ? 162 SER A OG  1 
ATOM   966  N  N   . LEU A 1 124 ? -6.561  -5.702  -12.111 1.00 36.60  ? 163 LEU A N   1 
ATOM   967  C  CA  . LEU A 1 124 ? -7.206  -6.987  -11.729 1.00 38.93  ? 163 LEU A CA  1 
ATOM   968  C  C   . LEU A 1 124 ? -6.203  -7.968  -11.077 1.00 38.38  ? 163 LEU A C   1 
ATOM   969  O  O   . LEU A 1 124 ? -6.517  -9.172  -11.009 1.00 37.80  ? 163 LEU A O   1 
ATOM   970  C  CB  . LEU A 1 124 ? -7.901  -7.570  -12.968 1.00 42.44  ? 163 LEU A CB  1 
ATOM   971  C  CG  . LEU A 1 124 ? -8.968  -6.645  -13.583 1.00 46.36  ? 163 LEU A CG  1 
ATOM   972  C  CD1 . LEU A 1 124 ? -9.629  -7.280  -14.794 1.00 49.03  ? 163 LEU A CD1 1 
ATOM   973  C  CD2 . LEU A 1 124 ? -10.026 -6.269  -12.549 1.00 43.98  ? 163 LEU A CD2 1 
ATOM   974  N  N   . HIS A 1 125 ? -5.075  -7.485  -10.549 1.00 36.00  ? 164 HIS A N   1 
ATOM   975  C  CA  . HIS A 1 125 ? -4.210  -8.275  -9.632  1.00 35.12  ? 164 HIS A CA  1 
ATOM   976  C  C   . HIS A 1 125 ? -4.439  -7.785  -8.206  1.00 37.04  ? 164 HIS A C   1 
ATOM   977  O  O   . HIS A 1 125 ? -4.848  -6.588  -7.974  1.00 30.95  ? 164 HIS A O   1 
ATOM   978  C  CB  . HIS A 1 125 ? -2.742  -8.264  -10.061 1.00 36.18  ? 164 HIS A CB  1 
ATOM   979  C  CG  . HIS A 1 125 ? -2.537  -9.011  -11.339 1.00 44.81  ? 164 HIS A CG  1 
ATOM   980  N  ND1 . HIS A 1 125 ? -3.232  -8.696  -12.504 1.00 51.04  ? 164 HIS A ND1 1 
ATOM   981  C  CD2 . HIS A 1 125 ? -1.765  -10.080 -11.637 1.00 47.34  ? 164 HIS A CD2 1 
ATOM   982  C  CE1 . HIS A 1 125 ? -2.881  -9.534  -13.475 1.00 48.44  ? 164 HIS A CE1 1 
ATOM   983  N  NE2 . HIS A 1 125 ? -1.968  -10.386 -12.971 1.00 52.49  ? 164 HIS A NE2 1 
ATOM   984  N  N   . LYS A 1 126 ? -4.251  -8.718  -7.290  1.00 29.41  ? 165 LYS A N   1 
ATOM   985  C  CA  . LYS A 1 126 ? -4.471  -8.526  -5.853  1.00 31.45  ? 165 LYS A CA  1 
ATOM   986  C  C   . LYS A 1 126 ? -3.101  -8.187  -5.236  1.00 34.74  ? 165 LYS A C   1 
ATOM   987  O  O   . LYS A 1 126 ? -2.103  -8.838  -5.585  1.00 31.30  ? 165 LYS A O   1 
ATOM   988  C  CB  . LYS A 1 126 ? -5.173  -9.770  -5.327  1.00 32.60  ? 165 LYS A CB  1 
ATOM   989  C  CG  . LYS A 1 126 ? -5.374  -9.788  -3.831  1.00 38.30  ? 165 LYS A CG  1 
ATOM   990  C  CD  . LYS A 1 126 ? -6.143  -10.981 -3.371  1.00 39.85  ? 165 LYS A CD  1 
ATOM   991  C  CE  . LYS A 1 126 ? -7.623  -10.840 -3.641  1.00 44.33  ? 165 LYS A CE  1 
ATOM   992  N  NZ  . LYS A 1 126 ? -8.411  -11.702 -2.726  1.00 44.87  ? 165 LYS A NZ  1 
ATOM   993  N  N   . TYR A 1 127 ? -3.056  -7.183  -4.368  1.00 30.03  ? 166 TYR A N   1 
ATOM   994  C  CA  . TYR A 1 127 ? -1.787  -6.571  -3.890  1.00 27.49  ? 166 TYR A CA  1 
ATOM   995  C  C   . TYR A 1 127 ? -1.859  -6.495  -2.380  1.00 26.25  ? 166 TYR A C   1 
ATOM   996  O  O   . TYR A 1 127 ? -2.953  -6.259  -1.828  1.00 27.88  ? 166 TYR A O   1 
ATOM   997  C  CB  . TYR A 1 127 ? -1.549  -5.197  -4.514  1.00 27.46  ? 166 TYR A CB  1 
ATOM   998  C  CG  . TYR A 1 127 ? -1.125  -5.259  -5.954  1.00 27.61  ? 166 TYR A CG  1 
ATOM   999  C  CD1 . TYR A 1 127 ? 0.147   -5.631  -6.316  1.00 28.47  ? 166 TYR A CD1 1 
ATOM   1000 C  CD2 . TYR A 1 127 ? -2.052  -5.066  -6.964  1.00 30.53  ? 166 TYR A CD2 1 
ATOM   1001 C  CE1 . TYR A 1 127 ? 0.535   -5.706  -7.645  1.00 29.57  ? 166 TYR A CE1 1 
ATOM   1002 C  CE2 . TYR A 1 127 ? -1.699  -5.187  -8.295  1.00 28.38  ? 166 TYR A CE2 1 
ATOM   1003 C  CZ  . TYR A 1 127 ? -0.403  -5.499  -8.641  1.00 32.62  ? 166 TYR A CZ  1 
ATOM   1004 O  OH  . TYR A 1 127 ? -0.057  -5.601  -9.964  1.00 38.42  ? 166 TYR A OH  1 
ATOM   1005 N  N   . GLU A 1 128 ? -0.696  -6.648  -1.750  1.00 27.04  ? 167 GLU A N   1 
ATOM   1006 C  CA  . GLU A 1 128 ? -0.500  -6.483  -0.289  1.00 26.62  ? 167 GLU A CA  1 
ATOM   1007 C  C   . GLU A 1 128 ? 0.534   -5.386  -0.087  1.00 26.76  ? 167 GLU A C   1 
ATOM   1008 O  O   . GLU A 1 128 ? 1.689   -5.520  -0.495  1.00 27.28  ? 167 GLU A O   1 
ATOM   1009 C  CB  . GLU A 1 128 ? 0.059   -7.775  0.339   1.00 24.33  ? 167 GLU A CB  1 
ATOM   1010 C  CG  . GLU A 1 128 ? 0.000   -7.714  1.839   1.00 25.47  ? 167 GLU A CG  1 
ATOM   1011 C  CD  . GLU A 1 128 ? 0.179   -9.067  2.499   1.00 25.97  ? 167 GLU A CD  1 
ATOM   1012 O  OE1 . GLU A 1 128 ? 1.356   -9.452  2.611   1.00 25.19  ? 167 GLU A OE1 1 
ATOM   1013 O  OE2 . GLU A 1 128 ? -0.838  -9.635  2.890   1.00 24.81  ? 167 GLU A OE2 1 
ATOM   1014 N  N   . PRO A 1 129 ? 0.097   -4.191  0.369   1.00 25.53  ? 168 PRO A N   1 
ATOM   1015 C  CA  . PRO A 1 129 ? 1.037   -3.153  0.725   1.00 26.48  ? 168 PRO A CA  1 
ATOM   1016 C  C   . PRO A 1 129 ? 2.112   -3.623  1.732   1.00 24.29  ? 168 PRO A C   1 
ATOM   1017 O  O   . PRO A 1 129 ? 1.832   -4.392  2.645   1.00 24.78  ? 168 PRO A O   1 
ATOM   1018 C  CB  . PRO A 1 129 ? 0.165   -2.054  1.319   1.00 26.16  ? 168 PRO A CB  1 
ATOM   1019 C  CG  . PRO A 1 129 ? -1.206  -2.289  0.614   1.00 27.50  ? 168 PRO A CG  1 
ATOM   1020 C  CD  . PRO A 1 129 ? -1.323  -3.801  0.453   1.00 27.67  ? 168 PRO A CD  1 
ATOM   1021 N  N   . ARG A 1 130 ? 3.289   -3.061  1.553   1.00 25.22  ? 169 ARG A N   1 
ATOM   1022 C  CA  . ARG A 1 130 ? 4.511   -3.416  2.313   1.00 26.91  ? 169 ARG A CA  1 
ATOM   1023 C  C   . ARG A 1 130 ? 5.363   -2.154  2.442   1.00 26.84  ? 169 ARG A C   1 
ATOM   1024 O  O   . ARG A 1 130 ? 5.539   -1.418  1.459   1.00 28.37  ? 169 ARG A O   1 
ATOM   1025 C  CB  . ARG A 1 130 ? 5.243   -4.559  1.616   1.00 27.65  ? 169 ARG A CB  1 
ATOM   1026 C  CG  . ARG A 1 130 ? 6.516   -5.017  2.326   1.00 28.55  ? 169 ARG A CG  1 
ATOM   1027 C  CD  . ARG A 1 130 ? 7.056   -6.227  1.601   1.00 25.44  ? 169 ARG A CD  1 
ATOM   1028 N  NE  . ARG A 1 130 ? 7.617   -5.812  0.337   1.00 26.06  ? 169 ARG A NE  1 
ATOM   1029 C  CZ  . ARG A 1 130 ? 8.254   -6.573  -0.503  1.00 27.65  ? 169 ARG A CZ  1 
ATOM   1030 N  NH1 . ARG A 1 130 ? 8.412   -7.863  -0.229  1.00 28.79  ? 169 ARG A NH1 1 
ATOM   1031 N  NH2 . ARG A 1 130 ? 8.803   -6.033  -1.581  1.00 28.36  ? 169 ARG A NH2 1 
ATOM   1032 N  N   . ILE A 1 131 ? 5.850   -1.903  3.636   1.00 27.03  ? 170 ILE A N   1 
ATOM   1033 C  CA  . ILE A 1 131 ? 6.831   -0.813  3.810   1.00 28.45  ? 170 ILE A CA  1 
ATOM   1034 C  C   . ILE A 1 131 ? 8.200   -1.409  4.133   1.00 32.00  ? 170 ILE A C   1 
ATOM   1035 O  O   . ILE A 1 131 ? 8.293   -2.560  4.655   1.00 30.16  ? 170 ILE A O   1 
ATOM   1036 C  CB  . ILE A 1 131 ? 6.348   0.197   4.869   1.00 30.02  ? 170 ILE A CB  1 
ATOM   1037 C  CG1 . ILE A 1 131 ? 6.272   -0.452  6.248   1.00 32.34  ? 170 ILE A CG1 1 
ATOM   1038 C  CG2 . ILE A 1 131 ? 5.023   0.817   4.457   1.00 29.69  ? 170 ILE A CG2 1 
ATOM   1039 C  CD1 . ILE A 1 131 ? 6.222   0.515   7.394   1.00 36.13  ? 170 ILE A CD1 1 
ATOM   1040 N  N   . HIS A 1 132 ? 9.208   -0.592  3.853   1.00 30.23  ? 171 HIS A N   1 
ATOM   1041 C  CA  . HIS A 1 132 ? 10.609  -0.787  4.238   1.00 28.11  ? 171 HIS A CA  1 
ATOM   1042 C  C   . HIS A 1 132 ? 11.040  0.448   5.021   1.00 31.36  ? 171 HIS A C   1 
ATOM   1043 O  O   . HIS A 1 132 ? 10.791  1.587   4.522   1.00 31.36  ? 171 HIS A O   1 
ATOM   1044 C  CB  . HIS A 1 132 ? 11.479  -0.984  3.026   1.00 27.99  ? 171 HIS A CB  1 
ATOM   1045 C  CG  . HIS A 1 132 ? 10.952  -1.998  2.081   1.00 34.77  ? 171 HIS A CG  1 
ATOM   1046 N  ND1 . HIS A 1 132 ? 11.013  -3.356  2.360   1.00 33.89  ? 171 HIS A ND1 1 
ATOM   1047 C  CD2 . HIS A 1 132 ? 10.401  -1.868  0.856   1.00 34.55  ? 171 HIS A CD2 1 
ATOM   1048 C  CE1 . HIS A 1 132 ? 10.490  -4.019  1.346   1.00 33.06  ? 171 HIS A CE1 1 
ATOM   1049 N  NE2 . HIS A 1 132 ? 10.071  -3.128  0.423   1.00 36.62  ? 171 HIS A NE2 1 
ATOM   1050 N  N   . ILE A 1 133 ? 11.568  0.215   6.215   1.00 33.94  ? 172 ILE A N   1 
ATOM   1051 C  CA  . ILE A 1 133 ? 12.235  1.284   7.018   1.00 31.93  ? 172 ILE A CA  1 
ATOM   1052 C  C   . ILE A 1 133 ? 13.740  1.079   6.869   1.00 35.84  ? 172 ILE A C   1 
ATOM   1053 O  O   . ILE A 1 133 ? 14.272  -0.001  7.305   1.00 31.33  ? 172 ILE A O   1 
ATOM   1054 C  CB  . ILE A 1 133 ? 11.743  1.273   8.463   1.00 36.62  ? 172 ILE A CB  1 
ATOM   1055 C  CG1 . ILE A 1 133 ? 10.226  1.386   8.529   1.00 34.13  ? 172 ILE A CG1 1 
ATOM   1056 C  CG2 . ILE A 1 133 ? 12.400  2.401   9.241   1.00 36.41  ? 172 ILE A CG2 1 
ATOM   1057 C  CD1 . ILE A 1 133 ? 9.657   1.109   9.889   1.00 35.76  ? 172 ILE A CD1 1 
ATOM   1058 N  N   . VAL A 1 134 ? 14.381  2.023   6.165   1.00 34.81  ? 173 VAL A N   1 
ATOM   1059 C  CA  . VAL A 1 134 ? 15.817  1.974   5.777   1.00 34.22  ? 173 VAL A CA  1 
ATOM   1060 C  C   . VAL A 1 134 ? 16.561  2.973   6.674   1.00 36.54  ? 173 VAL A C   1 
ATOM   1061 O  O   . VAL A 1 134 ? 16.275  4.172   6.554   1.00 34.71  ? 173 VAL A O   1 
ATOM   1062 C  CB  . VAL A 1 134 ? 16.034  2.288   4.286   1.00 35.66  ? 173 VAL A CB  1 
ATOM   1063 C  CG1 . VAL A 1 134 ? 17.507  2.132   3.910   1.00 36.82  ? 173 VAL A CG1 1 
ATOM   1064 C  CG2 . VAL A 1 134 ? 15.164  1.422   3.370   1.00 37.66  ? 173 VAL A CG2 1 
ATOM   1065 N  N   . ARG A 1 135 ? 17.396  2.478   7.591   1.00 37.36  ? 174 ARG A N   1 
ATOM   1066 C  CA  . ARG A 1 135 ? 18.359  3.314   8.375   1.00 41.29  ? 174 ARG A CA  1 
ATOM   1067 C  C   . ARG A 1 135 ? 19.475  3.796   7.448   1.00 41.76  ? 174 ARG A C   1 
ATOM   1068 O  O   . ARG A 1 135 ? 20.211  2.938   6.927   1.00 43.21  ? 174 ARG A O   1 
ATOM   1069 C  CB  . ARG A 1 135 ? 18.938  2.522   9.558   1.00 49.40  ? 174 ARG A CB  1 
ATOM   1070 C  CG  . ARG A 1 135 ? 19.581  3.388   10.632  1.00 50.51  ? 174 ARG A CG  1 
ATOM   1071 C  CD  . ARG A 1 135 ? 19.950  2.604   11.874  1.00 59.48  ? 174 ARG A CD  1 
ATOM   1072 N  NE  . ARG A 1 135 ? 20.870  3.368   12.719  1.00 67.13  ? 174 ARG A NE  1 
ATOM   1073 C  CZ  . ARG A 1 135 ? 21.010  3.229   14.041  1.00 68.44  ? 174 ARG A CZ  1 
ATOM   1074 N  NH1 . ARG A 1 135 ? 20.289  2.353   14.720  1.00 71.35  ? 174 ARG A NH1 1 
ATOM   1075 N  NH2 . ARG A 1 135 ? 21.868  3.993   14.692  1.00 70.61  ? 174 ARG A NH2 1 
ATOM   1076 N  N   . VAL A 1 136 ? 19.614  5.123   7.294   1.00 43.76  ? 175 VAL A N   1 
ATOM   1077 C  CA  . VAL A 1 136 ? 20.486  5.785   6.283   1.00 46.36  ? 175 VAL A CA  1 
ATOM   1078 C  C   . VAL A 1 136 ? 21.529  6.682   6.988   1.00 54.00  ? 175 VAL A C   1 
ATOM   1079 O  O   . VAL A 1 136 ? 21.305  7.087   8.148   1.00 47.07  ? 175 VAL A O   1 
ATOM   1080 C  CB  . VAL A 1 136 ? 19.627  6.606   5.298   1.00 51.12  ? 175 VAL A CB  1 
ATOM   1081 C  CG1 . VAL A 1 136 ? 18.722  5.726   4.441   1.00 53.44  ? 175 VAL A CG1 1 
ATOM   1082 C  CG2 . VAL A 1 136 ? 18.789  7.670   5.987   1.00 48.35  ? 175 VAL A CG2 1 
ATOM   1083 N  N   . GLY A 1 137 ? 22.616  7.034   6.303   1.00 62.12  ? 176 GLY A N   1 
ATOM   1084 C  CA  . GLY A 1 137 ? 23.603  8.012   6.811   1.00 71.40  ? 176 GLY A CA  1 
ATOM   1085 C  C   . GLY A 1 137 ? 24.565  7.389   7.808   1.00 78.36  ? 176 GLY A C   1 
ATOM   1086 O  O   . GLY A 1 137 ? 25.770  7.709   7.734   1.00 83.88  ? 176 GLY A O   1 
ATOM   1087 N  N   . GLY A 1 138 ? 24.051  6.558   8.725   1.00 77.70  ? 177 GLY A N   1 
ATOM   1088 C  CA  . GLY A 1 138 ? 24.860  5.697   9.608   1.00 81.81  ? 177 GLY A CA  1 
ATOM   1089 C  C   . GLY A 1 138 ? 25.876  4.903   8.794   1.00 82.18  ? 177 GLY A C   1 
ATOM   1090 O  O   . GLY A 1 138 ? 25.813  4.879   7.569   1.00 76.07  ? 177 GLY A O   1 
ATOM   1091 N  N   . PRO A 1 139 ? 26.857  4.247   9.445   1.00 92.14  ? 178 PRO A N   1 
ATOM   1092 C  CA  . PRO A 1 139 ? 27.820  3.416   8.726   1.00 92.16  ? 178 PRO A CA  1 
ATOM   1093 C  C   . PRO A 1 139 ? 27.132  2.099   8.346   1.00 95.41  ? 178 PRO A C   1 
ATOM   1094 O  O   . PRO A 1 139 ? 27.271  1.666   7.211   1.00 84.87  ? 178 PRO A O   1 
ATOM   1095 C  CB  . PRO A 1 139 ? 28.952  3.217   9.743   1.00 96.45  ? 178 PRO A CB  1 
ATOM   1096 C  CG  . PRO A 1 139 ? 28.277  3.357   11.109  1.00 97.99  ? 178 PRO A CG  1 
ATOM   1097 C  CD  . PRO A 1 139 ? 27.066  4.248   10.902  1.00 96.74  ? 178 PRO A CD  1 
ATOM   1098 N  N   . GLN A 1 140 ? 26.398  1.535   9.318   1.00 101.27 ? 179 GLN A N   1 
ATOM   1099 C  CA  . GLN A 1 140 ? 25.566  0.308   9.209   1.00 101.78 ? 179 GLN A CA  1 
ATOM   1100 C  C   . GLN A 1 140 ? 24.203  0.702   8.623   1.00 87.10  ? 179 GLN A C   1 
ATOM   1101 O  O   . GLN A 1 140 ? 23.338  1.230   9.362   1.00 83.79  ? 179 GLN A O   1 
ATOM   1102 C  CB  . GLN A 1 140 ? 25.467  -0.415  10.564  1.00 110.28 ? 179 GLN A CB  1 
ATOM   1103 C  CG  . GLN A 1 140 ? 24.683  0.333   11.643  1.00 119.19 ? 179 GLN A CG  1 
ATOM   1104 C  CD  . GLN A 1 140 ? 25.235  0.133   13.036  1.00 124.44 ? 179 GLN A CD  1 
ATOM   1105 O  OE1 . GLN A 1 140 ? 24.602  -0.475  13.901  1.00 121.24 ? 179 GLN A OE1 1 
ATOM   1106 N  NE2 . GLN A 1 140 ? 26.425  0.662   13.272  1.00 127.29 ? 179 GLN A NE2 1 
ATOM   1107 N  N   . ARG A 1 141 ? 24.058  0.500   7.315   1.00 69.07  ? 180 ARG A N   1 
ATOM   1108 C  CA  . ARG A 1 141 ? 22.754  0.426   6.611   1.00 64.20  ? 180 ARG A CA  1 
ATOM   1109 C  C   . ARG A 1 141 ? 21.937  -0.719  7.237   1.00 56.21  ? 180 ARG A C   1 
ATOM   1110 O  O   . ARG A 1 141 ? 22.550  -1.762  7.571   1.00 46.72  ? 180 ARG A O   1 
ATOM   1111 C  CB  . ARG A 1 141 ? 23.031  0.229   5.118   1.00 67.40  ? 180 ARG A CB  1 
ATOM   1112 C  CG  . ARG A 1 141 ? 21.799  -0.095  4.288   1.00 73.43  ? 180 ARG A CG  1 
ATOM   1113 C  CD  . ARG A 1 141 ? 21.808  0.647   2.973   1.00 74.59  ? 180 ARG A CD  1 
ATOM   1114 N  NE  . ARG A 1 141 ? 21.565  2.063   3.213   1.00 75.94  ? 180 ARG A NE  1 
ATOM   1115 C  CZ  . ARG A 1 141 ? 21.131  2.925   2.299   1.00 79.30  ? 180 ARG A CZ  1 
ATOM   1116 N  NH1 . ARG A 1 141 ? 20.933  4.189   2.627   1.00 78.80  ? 180 ARG A NH1 1 
ATOM   1117 N  NH2 . ARG A 1 141 ? 20.895  2.531   1.059   1.00 88.70  ? 180 ARG A NH2 1 
ATOM   1118 N  N   . MET A 1 142 ? 20.626  -0.519  7.444   1.00 48.09  ? 181 MET A N   1 
ATOM   1119 C  CA  . MET A 1 142 ? 19.684  -1.546  7.970   1.00 44.20  ? 181 MET A CA  1 
ATOM   1120 C  C   . MET A 1 142 ? 18.295  -1.351  7.338   1.00 41.10  ? 181 MET A C   1 
ATOM   1121 O  O   . MET A 1 142 ? 17.870  -0.193  7.163   1.00 32.57  ? 181 MET A O   1 
ATOM   1122 C  CB  . MET A 1 142 ? 19.562  -1.504  9.495   1.00 43.47  ? 181 MET A CB  1 
ATOM   1123 C  CG  . MET A 1 142 ? 18.787  -2.696  10.084  1.00 48.33  ? 181 MET A CG  1 
ATOM   1124 S  SD  . MET A 1 142 ? 19.217  -4.382  9.482   1.00 50.47  ? 181 MET A SD  1 
ATOM   1125 C  CE  . MET A 1 142 ? 17.876  -5.285  10.254  1.00 54.00  ? 181 MET A CE  1 
ATOM   1126 N  N   . ILE A 1 143 ? 17.624  -2.457  7.013   1.00 36.25  ? 182 ILE A N   1 
ATOM   1127 C  CA  . ILE A 1 143 ? 16.240  -2.471  6.454   1.00 33.94  ? 182 ILE A CA  1 
ATOM   1128 C  C   . ILE A 1 143 ? 15.360  -3.315  7.388   1.00 37.67  ? 182 ILE A C   1 
ATOM   1129 O  O   . ILE A 1 143 ? 15.760  -4.471  7.753   1.00 35.66  ? 182 ILE A O   1 
ATOM   1130 C  CB  . ILE A 1 143 ? 16.230  -2.961  4.996   1.00 35.85  ? 182 ILE A CB  1 
ATOM   1131 C  CG1 . ILE A 1 143 ? 17.106  -2.063  4.126   1.00 37.06  ? 182 ILE A CG1 1 
ATOM   1132 C  CG2 . ILE A 1 143 ? 14.793  -3.084  4.476   1.00 37.77  ? 182 ILE A CG2 1 
ATOM   1133 C  CD1 . ILE A 1 143 ? 17.317  -2.553  2.731   1.00 45.24  ? 182 ILE A CD1 1 
ATOM   1134 N  N   . THR A 1 144 ? 14.220  -2.768  7.801   1.00 31.51  ? 183 THR A N   1 
ATOM   1135 C  CA  . THR A 1 144 ? 13.109  -3.554  8.396   1.00 38.96  ? 183 THR A CA  1 
ATOM   1136 C  C   . THR A 1 144 ? 11.885  -3.463  7.476   1.00 38.67  ? 183 THR A C   1 
ATOM   1137 O  O   . THR A 1 144 ? 11.484  -2.340  7.084   1.00 35.60  ? 183 THR A O   1 
ATOM   1138 C  CB  . THR A 1 144 ? 12.749  -3.102  9.814   1.00 37.96  ? 183 THR A CB  1 
ATOM   1139 O  OG1 . THR A 1 144 ? 12.089  -1.852  9.666   1.00 63.91  ? 183 THR A OG1 1 
ATOM   1140 C  CG2 . THR A 1 144 ? 13.947  -2.929  10.721  1.00 38.70  ? 183 THR A CG2 1 
ATOM   1141 N  N   . SER A 1 145 ? 11.282  -4.608  7.173   1.00 37.09  ? 184 SER A N   1 
ATOM   1142 C  CA  . SER A 1 145 ? 10.091  -4.666  6.299   1.00 34.33  ? 184 SER A CA  1 
ATOM   1143 C  C   . SER A 1 145 ? 8.887   -5.073  7.110   1.00 33.88  ? 184 SER A C   1 
ATOM   1144 O  O   . SER A 1 145 ? 8.980   -5.874  8.042   1.00 33.93  ? 184 SER A O   1 
ATOM   1145 C  CB  . SER A 1 145 ? 10.319  -5.541  5.153   1.00 34.85  ? 184 SER A CB  1 
ATOM   1146 O  OG  . SER A 1 145 ? 11.412  -5.018  4.417   1.00 35.89  ? 184 SER A OG  1 
ATOM   1147 N  N   . HIS A 1 146 ? 7.734   -4.586  6.703   1.00 29.71  ? 185 HIS A N   1 
ATOM   1148 C  CA  . HIS A 1 146 ? 6.471   -4.963  7.322   1.00 29.55  ? 185 HIS A CA  1 
ATOM   1149 C  C   . HIS A 1 146 ? 5.367   -4.941  6.271   1.00 28.34  ? 185 HIS A C   1 
ATOM   1150 O  O   . HIS A 1 146 ? 5.217   -3.922  5.520   1.00 35.05  ? 185 HIS A O   1 
ATOM   1151 C  CB  . HIS A 1 146 ? 6.178   -4.015  8.475   1.00 30.14  ? 185 HIS A CB  1 
ATOM   1152 C  CG  . HIS A 1 146 ? 5.217   -4.588  9.446   1.00 33.71  ? 185 HIS A CG  1 
ATOM   1153 N  ND1 . HIS A 1 146 ? 3.839   -4.509  9.270   1.00 40.43  ? 185 HIS A ND1 1 
ATOM   1154 C  CD2 . HIS A 1 146 ? 5.420   -5.275  10.581  1.00 36.76  ? 185 HIS A CD2 1 
ATOM   1155 C  CE1 . HIS A 1 146 ? 3.247   -5.113  10.266  1.00 37.59  ? 185 HIS A CE1 1 
ATOM   1156 N  NE2 . HIS A 1 146 ? 4.196   -5.590  11.077  1.00 38.54  ? 185 HIS A NE2 1 
ATOM   1157 N  N   A CYS A 1 147 ? 4.570   -6.012  6.300   0.25 30.18  ? 186 CYS A N   1 
ATOM   1158 N  N   B CYS A 1 147 ? 4.591   -6.014  6.147   0.25 27.91  ? 186 CYS A N   1 
ATOM   1159 C  CA  A CYS A 1 147 ? 3.399   -6.287  5.430   0.25 29.08  ? 186 CYS A CA  1 
ATOM   1160 C  CA  B CYS A 1 147 ? 3.442   -6.036  5.202   0.25 24.96  ? 186 CYS A CA  1 
ATOM   1161 C  C   A CYS A 1 147 ? 2.123   -5.826  6.111   0.25 28.60  ? 186 CYS A C   1 
ATOM   1162 C  C   B CYS A 1 147 ? 2.144   -5.962  5.999   0.25 26.27  ? 186 CYS A C   1 
ATOM   1163 O  O   A CYS A 1 147 ? 2.110   -5.777  7.365   0.25 27.29  ? 186 CYS A O   1 
ATOM   1164 O  O   B CYS A 1 147 ? 2.147   -6.264  7.198   0.25 27.47  ? 186 CYS A O   1 
ATOM   1165 C  CB  A CYS A 1 147 ? 3.281   -7.785  5.207   0.25 31.15  ? 186 CYS A CB  1 
ATOM   1166 C  CB  B CYS A 1 147 ? 3.507   -7.251  4.289   0.25 24.97  ? 186 CYS A CB  1 
ATOM   1167 S  SG  A CYS A 1 147 ? 4.375   -8.336  3.888   0.25 28.28  ? 186 CYS A SG  1 
ATOM   1168 S  SG  B CYS A 1 147 ? 3.549   -8.816  5.199   0.25 18.96  ? 186 CYS A SG  1 
ATOM   1169 N  N   . PHE A 1 148 ? 1.079   -5.518  5.331   1.00 29.40  ? 187 PHE A N   1 
ATOM   1170 C  CA  . PHE A 1 148 ? -0.207  -5.170  5.954   1.00 28.26  ? 187 PHE A CA  1 
ATOM   1171 C  C   . PHE A 1 148 ? -1.325  -5.974  5.316   1.00 31.41  ? 187 PHE A C   1 
ATOM   1172 O  O   . PHE A 1 148 ? -2.035  -5.451  4.449   1.00 30.95  ? 187 PHE A O   1 
ATOM   1173 C  CB  . PHE A 1 148 ? -0.387  -3.665  5.821   1.00 28.64  ? 187 PHE A CB  1 
ATOM   1174 C  CG  . PHE A 1 148 ? 0.646   -2.875  6.567   1.00 28.71  ? 187 PHE A CG  1 
ATOM   1175 C  CD1 . PHE A 1 148 ? 0.494   -2.617  7.928   1.00 32.61  ? 187 PHE A CD1 1 
ATOM   1176 C  CD2 . PHE A 1 148 ? 1.764   -2.404  5.911   1.00 29.94  ? 187 PHE A CD2 1 
ATOM   1177 C  CE1 . PHE A 1 148 ? 1.457   -1.880  8.617   1.00 33.22  ? 187 PHE A CE1 1 
ATOM   1178 C  CE2 . PHE A 1 148 ? 2.714   -1.657  6.597   1.00 32.65  ? 187 PHE A CE2 1 
ATOM   1179 C  CZ  . PHE A 1 148 ? 2.558   -1.399  7.949   1.00 31.30  ? 187 PHE A CZ  1 
ATOM   1180 N  N   . PRO A 1 149 ? -1.536  -7.242  5.752   1.00 31.07  ? 188 PRO A N   1 
ATOM   1181 C  CA  . PRO A 1 149 ? -2.626  -8.043  5.211   1.00 29.72  ? 188 PRO A CA  1 
ATOM   1182 C  C   . PRO A 1 149 ? -4.002  -7.352  5.181   1.00 30.07  ? 188 PRO A C   1 
ATOM   1183 O  O   . PRO A 1 149 ? -4.736  -7.617  4.272   1.00 28.70  ? 188 PRO A O   1 
ATOM   1184 C  CB  . PRO A 1 149 ? -2.623  -9.279  6.129   1.00 31.92  ? 188 PRO A CB  1 
ATOM   1185 C  CG  . PRO A 1 149 ? -1.167  -9.422  6.550   1.00 35.62  ? 188 PRO A CG  1 
ATOM   1186 C  CD  . PRO A 1 149 ? -0.678  -7.993  6.681   1.00 33.06  ? 188 PRO A CD  1 
ATOM   1187 N  N   . GLU A 1 150 ? -4.324  -6.591  6.232   1.00 31.24  ? 189 GLU A N   1 
ATOM   1188 C  CA  . GLU A 1 150 ? -5.609  -5.871  6.435   1.00 33.31  ? 189 GLU A CA  1 
ATOM   1189 C  C   . GLU A 1 150 ? -5.867  -4.902  5.269   1.00 31.84  ? 189 GLU A C   1 
ATOM   1190 O  O   . GLU A 1 150 ? -7.039  -4.477  5.094   1.00 30.98  ? 189 GLU A O   1 
ATOM   1191 C  CB  . GLU A 1 150 ? -5.558  -5.206  7.818   1.00 38.53  ? 189 GLU A CB  1 
ATOM   1192 C  CG  . GLU A 1 150 ? -4.821  -6.038  8.891   1.00 40.82  ? 189 GLU A CG  1 
ATOM   1193 C  CD  . GLU A 1 150 ? -3.405  -5.630  9.360   1.00 40.97  ? 189 GLU A CD  1 
ATOM   1194 O  OE1 . GLU A 1 150 ? -3.272  -5.454  10.604  1.00 54.02  ? 189 GLU A OE1 1 
ATOM   1195 O  OE2 . GLU A 1 150 ? -2.414  -5.480  8.538   1.00 26.77  ? 189 GLU A OE2 1 
ATOM   1196 N  N   . THR A 1 151 ? -4.834  -4.561  4.485   1.00 30.16  ? 190 THR A N   1 
ATOM   1197 C  CA  . THR A 1 151 ? -4.865  -3.462  3.478   1.00 31.10  ? 190 THR A CA  1 
ATOM   1198 C  C   . THR A 1 151 ? -4.838  -4.049  2.065   1.00 29.28  ? 190 THR A C   1 
ATOM   1199 O  O   . THR A 1 151 ? -4.670  -3.264  1.102   1.00 28.89  ? 190 THR A O   1 
ATOM   1200 C  CB  . THR A 1 151 ? -3.743  -2.437  3.694   1.00 31.29  ? 190 THR A CB  1 
ATOM   1201 O  OG1 . THR A 1 151 ? -2.469  -2.965  3.343   1.00 29.99  ? 190 THR A OG1 1 
ATOM   1202 C  CG2 . THR A 1 151 ? -3.747  -1.896  5.106   1.00 32.26  ? 190 THR A CG2 1 
ATOM   1203 N  N   . GLN A 1 152 ? -4.938  -5.384  1.946   1.00 25.66  ? 191 GLN A N   1 
ATOM   1204 C  CA  . GLN A 1 152 ? -5.009  -6.046  0.627   1.00 27.27  ? 191 GLN A CA  1 
ATOM   1205 C  C   . GLN A 1 152 ? -6.126  -5.445  -0.225  1.00 27.20  ? 191 GLN A C   1 
ATOM   1206 O  O   . GLN A 1 152 ? -7.186  -5.092  0.326   1.00 31.46  ? 191 GLN A O   1 
ATOM   1207 C  CB  . GLN A 1 152 ? -5.234  -7.549  0.768   1.00 29.23  ? 191 GLN A CB  1 
ATOM   1208 C  CG  . GLN A 1 152 ? -3.905  -8.266  0.985   1.00 32.25  ? 191 GLN A CG  1 
ATOM   1209 C  CD  . GLN A 1 152 ? -4.052  -9.751  0.780   1.00 35.47  ? 191 GLN A CD  1 
ATOM   1210 O  OE1 . GLN A 1 152 ? -5.113  -10.206 0.340   1.00 39.77  ? 191 GLN A OE1 1 
ATOM   1211 N  NE2 . GLN A 1 152 ? -3.014  -10.507 1.133   1.00 40.50  ? 191 GLN A NE2 1 
ATOM   1212 N  N   . PHE A 1 153 ? -5.865  -5.326  -1.516  1.00 27.95  ? 192 PHE A N   1 
ATOM   1213 C  CA  . PHE A 1 153 ? -6.896  -4.874  -2.470  1.00 28.92  ? 192 PHE A CA  1 
ATOM   1214 C  C   . PHE A 1 153 ? -6.614  -5.438  -3.850  1.00 28.64  ? 192 PHE A C   1 
ATOM   1215 O  O   . PHE A 1 153 ? -5.486  -5.786  -4.186  1.00 29.05  ? 192 PHE A O   1 
ATOM   1216 C  CB  . PHE A 1 153 ? -6.879  -3.335  -2.529  1.00 28.20  ? 192 PHE A CB  1 
ATOM   1217 C  CG  . PHE A 1 153 ? -5.598  -2.747  -3.033  1.00 25.02  ? 192 PHE A CG  1 
ATOM   1218 C  CD1 . PHE A 1 153 ? -5.340  -2.633  -4.388  1.00 27.01  ? 192 PHE A CD1 1 
ATOM   1219 C  CD2 . PHE A 1 153 ? -4.616  -2.349  -2.145  1.00 26.84  ? 192 PHE A CD2 1 
ATOM   1220 C  CE1 . PHE A 1 153 ? -4.144  -2.103  -4.843  1.00 27.86  ? 192 PHE A CE1 1 
ATOM   1221 C  CE2 . PHE A 1 153 ? -3.423  -1.833  -2.605  1.00 24.33  ? 192 PHE A CE2 1 
ATOM   1222 C  CZ  . PHE A 1 153 ? -3.193  -1.685  -3.944  1.00 28.40  ? 192 PHE A CZ  1 
ATOM   1223 N  N   . ILE A 1 154 ? -7.644  -5.417  -4.692  1.00 27.34  ? 193 ILE A N   1 
ATOM   1224 C  CA  . ILE A 1 154 ? -7.496  -5.632  -6.146  1.00 27.84  ? 193 ILE A CA  1 
ATOM   1225 C  C   . ILE A 1 154 ? -7.476  -4.281  -6.819  1.00 30.85  ? 193 ILE A C   1 
ATOM   1226 O  O   . ILE A 1 154 ? -8.354  -3.479  -6.491  1.00 32.97  ? 193 ILE A O   1 
ATOM   1227 C  CB  . ILE A 1 154 ? -8.676  -6.474  -6.651  1.00 31.52  ? 193 ILE A CB  1 
ATOM   1228 C  CG1 . ILE A 1 154 ? -8.789  -7.755  -5.816  1.00 35.71  ? 193 ILE A CG1 1 
ATOM   1229 C  CG2 . ILE A 1 154 ? -8.534  -6.724  -8.146  1.00 35.72  ? 193 ILE A CG2 1 
ATOM   1230 C  CD1 . ILE A 1 154 ? -9.904  -8.676  -6.235  1.00 40.84  ? 193 ILE A CD1 1 
ATOM   1231 N  N   . ALA A 1 155 ? -6.524  -4.094  -7.718  1.00 28.94  ? 194 ALA A N   1 
ATOM   1232 C  CA  . ALA A 1 155 ? -6.374  -2.896  -8.562  1.00 29.51  ? 194 ALA A CA  1 
ATOM   1233 C  C   . ALA A 1 155 ? -7.452  -2.977  -9.655  1.00 34.74  ? 194 ALA A C   1 
ATOM   1234 O  O   . ALA A 1 155 ? -7.566  -4.033  -10.304 1.00 37.50  ? 194 ALA A O   1 
ATOM   1235 C  CB  . ALA A 1 155 ? -4.969  -2.863  -9.124  1.00 30.32  ? 194 ALA A CB  1 
ATOM   1236 N  N   . VAL A 1 156 ? -8.237  -1.918  -9.823  1.00 35.35  ? 195 VAL A N   1 
ATOM   1237 C  CA  . VAL A 1 156 ? -9.410  -1.900  -10.757 1.00 33.36  ? 195 VAL A CA  1 
ATOM   1238 C  C   . VAL A 1 156 ? -9.427  -0.563  -11.502 1.00 32.99  ? 195 VAL A C   1 
ATOM   1239 O  O   . VAL A 1 156 ? -8.892  0.429   -10.988 1.00 31.33  ? 195 VAL A O   1 
ATOM   1240 C  CB  . VAL A 1 156 ? -10.739 -2.190  -10.037 1.00 33.44  ? 195 VAL A CB  1 
ATOM   1241 C  CG1 . VAL A 1 156 ? -10.721 -3.577  -9.389  1.00 33.17  ? 195 VAL A CG1 1 
ATOM   1242 C  CG2 . VAL A 1 156 ? -11.137 -1.093  -9.041  1.00 31.79  ? 195 VAL A CG2 1 
ATOM   1243 N  N   . THR A 1 157 ? -9.942  -0.535  -12.731 1.00 35.74  ? 196 THR A N   1 
ATOM   1244 C  CA  . THR A 1 157 ? -10.077 0.759   -13.456 1.00 38.29  ? 196 THR A CA  1 
ATOM   1245 C  C   . THR A 1 157 ? -11.406 1.427   -13.108 1.00 38.00  ? 196 THR A C   1 
ATOM   1246 O  O   . THR A 1 157 ? -11.471 2.637   -13.346 1.00 36.49  ? 196 THR A O   1 
ATOM   1247 C  CB  . THR A 1 157 ? -9.942  0.603   -14.970 1.00 40.42  ? 196 THR A CB  1 
ATOM   1248 O  OG1 . THR A 1 157 ? -10.928 -0.364  -15.313 1.00 40.52  ? 196 THR A OG1 1 
ATOM   1249 C  CG2 . THR A 1 157 ? -8.553  0.183   -15.383 1.00 42.33  ? 196 THR A CG2 1 
ATOM   1250 N  N   . ALA A 1 158 ? -12.373 0.687   -12.552 1.00 37.64  ? 197 ALA A N   1 
ATOM   1251 C  CA  . ALA A 1 158 ? -13.621 1.197   -11.926 1.00 37.15  ? 197 ALA A CA  1 
ATOM   1252 C  C   . ALA A 1 158 ? -14.122 0.201   -10.882 1.00 33.20  ? 197 ALA A C   1 
ATOM   1253 O  O   . ALA A 1 158 ? -13.855 -0.989  -11.060 1.00 38.40  ? 197 ALA A O   1 
ATOM   1254 C  CB  . ALA A 1 158 ? -14.662 1.438   -13.007 1.00 37.68  ? 197 ALA A CB  1 
ATOM   1255 N  N   . TYR A 1 159 ? -14.863 0.637   -9.854  1.00 32.85  ? 198 TYR A N   1 
ATOM   1256 C  CA  . TYR A 1 159 ? -15.352 -0.262  -8.784  1.00 32.15  ? 198 TYR A CA  1 
ATOM   1257 C  C   . TYR A 1 159 ? -16.373 -1.269  -9.328  1.00 39.80  ? 198 TYR A C   1 
ATOM   1258 O  O   . TYR A 1 159 ? -17.239 -0.930  -10.135 1.00 38.75  ? 198 TYR A O   1 
ATOM   1259 C  CB  . TYR A 1 159 ? -15.919 0.496   -7.586  1.00 34.53  ? 198 TYR A CB  1 
ATOM   1260 C  CG  . TYR A 1 159 ? -14.929 1.377   -6.874  1.00 35.77  ? 198 TYR A CG  1 
ATOM   1261 C  CD1 . TYR A 1 159 ? -13.725 0.869   -6.393  1.00 38.30  ? 198 TYR A CD1 1 
ATOM   1262 C  CD2 . TYR A 1 159 ? -15.170 2.732   -6.716  1.00 36.46  ? 198 TYR A CD2 1 
ATOM   1263 C  CE1 . TYR A 1 159 ? -12.795 1.678   -5.757  1.00 35.27  ? 198 TYR A CE1 1 
ATOM   1264 C  CE2 . TYR A 1 159 ? -14.248 3.561   -6.097  1.00 36.91  ? 198 TYR A CE2 1 
ATOM   1265 C  CZ  . TYR A 1 159 ? -13.066 3.027   -5.600  1.00 38.50  ? 198 TYR A CZ  1 
ATOM   1266 O  OH  . TYR A 1 159 ? -12.174 3.832   -4.981  1.00 40.83  ? 198 TYR A OH  1 
ATOM   1267 N  N   . GLN A 1 160 ? -16.274 -2.515  -8.861  1.00 36.02  ? 199 GLN A N   1 
ATOM   1268 C  CA  . GLN A 1 160 ? -17.135 -3.642  -9.282  1.00 34.40  ? 199 GLN A CA  1 
ATOM   1269 C  C   . GLN A 1 160 ? -18.180 -3.901  -8.214  1.00 37.64  ? 199 GLN A C   1 
ATOM   1270 O  O   . GLN A 1 160 ? -19.353 -4.046  -8.558  1.00 37.31  ? 199 GLN A O   1 
ATOM   1271 C  CB  . GLN A 1 160 ? -16.249 -4.860  -9.542  1.00 38.32  ? 199 GLN A CB  1 
ATOM   1272 C  CG  . GLN A 1 160 ? -15.228 -4.610  -10.637 1.00 40.72  ? 199 GLN A CG  1 
ATOM   1273 C  CD  . GLN A 1 160 ? -15.923 -4.318  -11.937 1.00 46.42  ? 199 GLN A CD  1 
ATOM   1274 O  OE1 . GLN A 1 160 ? -16.739 -5.104  -12.410 1.00 55.01  ? 199 GLN A OE1 1 
ATOM   1275 N  NE2 . GLN A 1 160 ? -15.634 -3.159  -12.498 1.00 47.26  ? 199 GLN A NE2 1 
ATOM   1276 N  N   . ASN A 1 161 ? -17.751 -3.914  -6.950  1.00 33.50  ? 200 ASN A N   1 
ATOM   1277 C  CA  . ASN A 1 161 ? -18.637 -4.217  -5.817  1.00 35.26  ? 200 ASN A CA  1 
ATOM   1278 C  C   . ASN A 1 161 ? -19.147 -2.860  -5.330  1.00 37.14  ? 200 ASN A C   1 
ATOM   1279 O  O   . ASN A 1 161 ? -18.369 -2.071  -4.838  1.00 33.78  ? 200 ASN A O   1 
ATOM   1280 C  CB  . ASN A 1 161 ? -17.900 -5.043  -4.777  1.00 35.89  ? 200 ASN A CB  1 
ATOM   1281 C  CG  . ASN A 1 161 ? -18.722 -5.345  -3.556  1.00 37.04  ? 200 ASN A CG  1 
ATOM   1282 O  OD1 . ASN A 1 161 ? -19.893 -4.993  -3.481  1.00 35.45  ? 200 ASN A OD1 1 
ATOM   1283 N  ND2 . ASN A 1 161 ? -18.085 -5.937  -2.559  1.00 35.75  ? 200 ASN A ND2 1 
ATOM   1284 N  N   . GLU A 1 162 ? -20.437 -2.586  -5.492  1.00 37.60  ? 201 GLU A N   1 
ATOM   1285 C  CA  . GLU A 1 162 ? -20.974 -1.258  -5.108  1.00 36.94  ? 201 GLU A CA  1 
ATOM   1286 C  C   . GLU A 1 162 ? -20.888 -1.129  -3.574  1.00 32.68  ? 201 GLU A C   1 
ATOM   1287 O  O   . GLU A 1 162 ? -20.854 -0.023  -3.083  1.00 35.27  ? 201 GLU A O   1 
ATOM   1288 C  CB  . GLU A 1 162 ? -22.392 -1.110  -5.676  1.00 42.53  ? 201 GLU A CB  1 
ATOM   1289 C  CG  . GLU A 1 162 ? -23.437 -1.686  -4.747  1.00 49.31  ? 201 GLU A CG  1 
ATOM   1290 C  CD  . GLU A 1 162 ? -24.692 -2.267  -5.379  1.00 64.39  ? 201 GLU A CD  1 
ATOM   1291 O  OE1 . GLU A 1 162 ? -25.807 -1.838  -4.976  1.00 64.28  ? 201 GLU A OE1 1 
ATOM   1292 O  OE2 . GLU A 1 162 ? -24.555 -3.193  -6.218  1.00 83.35  ? 201 GLU A OE2 1 
ATOM   1293 N  N   . GLU A 1 163 ? -20.835 -2.230  -2.815  1.00 33.31  ? 202 GLU A N   1 
ATOM   1294 C  CA  . GLU A 1 163 ? -20.685 -2.144  -1.338  1.00 37.88  ? 202 GLU A CA  1 
ATOM   1295 C  C   . GLU A 1 163 ? -19.383 -1.397  -1.015  1.00 31.39  ? 202 GLU A C   1 
ATOM   1296 O  O   . GLU A 1 163 ? -19.341 -0.688  0.002   1.00 31.69  ? 202 GLU A O   1 
ATOM   1297 C  CB  . GLU A 1 163 ? -20.668 -3.530  -0.687  1.00 37.75  ? 202 GLU A CB  1 
ATOM   1298 C  CG  . GLU A 1 163 ? -22.006 -4.235  -0.623  1.00 43.17  ? 202 GLU A CG  1 
ATOM   1299 C  CD  . GLU A 1 163 ? -21.842 -5.654  -0.093  1.00 54.77  ? 202 GLU A CD  1 
ATOM   1300 O  OE1 . GLU A 1 163 ? -22.501 -5.998  0.922   1.00 62.39  ? 202 GLU A OE1 1 
ATOM   1301 O  OE2 . GLU A 1 163 ? -20.994 -6.390  -0.658  1.00 59.54  ? 202 GLU A OE2 1 
ATOM   1302 N  N   . ILE A 1 164 ? -18.361 -1.557  -1.853  1.00 31.45  ? 203 ILE A N   1 
ATOM   1303 C  CA  . ILE A 1 164 ? -17.050 -0.844  -1.742  1.00 33.61  ? 203 ILE A CA  1 
ATOM   1304 C  C   . ILE A 1 164 ? -17.264 0.629   -2.104  1.00 32.49  ? 203 ILE A C   1 
ATOM   1305 O  O   . ILE A 1 164 ? -16.767 1.498   -1.409  1.00 31.78  ? 203 ILE A O   1 
ATOM   1306 C  CB  . ILE A 1 164 ? -16.005 -1.518  -2.656  1.00 32.14  ? 203 ILE A CB  1 
ATOM   1307 C  CG1 . ILE A 1 164 ? -15.618 -2.888  -2.095  1.00 31.58  ? 203 ILE A CG1 1 
ATOM   1308 C  CG2 . ILE A 1 164 ? -14.790 -0.636  -2.897  1.00 33.96  ? 203 ILE A CG2 1 
ATOM   1309 C  CD1 . ILE A 1 164 ? -14.895 -2.828  -0.742  1.00 34.33  ? 203 ILE A CD1 1 
ATOM   1310 N  N   . THR A 1 165 ? -17.946 0.897   -3.207  1.00 33.10  ? 204 THR A N   1 
ATOM   1311 C  CA  . THR A 1 165 ? -18.202 2.285   -3.654  1.00 32.78  ? 204 THR A CA  1 
ATOM   1312 C  C   . THR A 1 165 ? -18.830 3.016   -2.477  1.00 29.92  ? 204 THR A C   1 
ATOM   1313 O  O   . THR A 1 165 ? -18.346 4.077   -2.147  1.00 33.78  ? 204 THR A O   1 
ATOM   1314 C  CB  . THR A 1 165 ? -19.057 2.310   -4.919  1.00 33.84  ? 204 THR A CB  1 
ATOM   1315 O  OG1 . THR A 1 165 ? -18.467 1.390   -5.830  1.00 32.71  ? 204 THR A OG1 1 
ATOM   1316 C  CG2 . THR A 1 165 ? -19.159 3.692   -5.519  1.00 35.50  ? 204 THR A CG2 1 
ATOM   1317 N  N   . ALA A 1 166 ? -19.806 2.387   -1.829  1.00 33.77  ? 205 ALA A N   1 
ATOM   1318 C  CA  . ALA A 1 166 ? -20.606 2.984   -0.735  1.00 35.44  ? 205 ALA A CA  1 
ATOM   1319 C  C   . ALA A 1 166 ? -19.715 3.203   0.492   1.00 37.00  ? 205 ALA A C   1 
ATOM   1320 O  O   . ALA A 1 166 ? -19.818 4.261   1.125   1.00 29.34  ? 205 ALA A O   1 
ATOM   1321 C  CB  . ALA A 1 166 ? -21.788 2.107   -0.421  1.00 39.48  ? 205 ALA A CB  1 
ATOM   1322 N  N   . LEU A 1 167 ? -18.856 2.232   0.851   1.00 34.29  ? 206 LEU A N   1 
ATOM   1323 C  CA  . LEU A 1 167 ? -17.954 2.440   2.001   1.00 33.34  ? 206 LEU A CA  1 
ATOM   1324 C  C   . LEU A 1 167 ? -16.992 3.581   1.704   1.00 27.37  ? 206 LEU A C   1 
ATOM   1325 O  O   . LEU A 1 167 ? -16.757 4.363   2.619   1.00 31.70  ? 206 LEU A O   1 
ATOM   1326 C  CB  . LEU A 1 167 ? -17.138 1.172   2.292   1.00 33.62  ? 206 LEU A CB  1 
ATOM   1327 C  CG  . LEU A 1 167 ? -17.560 0.283   3.454   1.00 42.20  ? 206 LEU A CG  1 
ATOM   1328 C  CD1 . LEU A 1 167 ? -16.319 -0.438  3.990   1.00 38.87  ? 206 LEU A CD1 1 
ATOM   1329 C  CD2 . LEU A 1 167 ? -18.273 1.032   4.575   1.00 44.49  ? 206 LEU A CD2 1 
ATOM   1330 N  N   . LYS A 1 168 ? -16.443 3.647   0.491   1.00 27.97  ? 207 LYS A N   1 
ATOM   1331 C  CA  . LYS A 1 168 ? -15.441 4.663   0.109   1.00 28.84  ? 207 LYS A CA  1 
ATOM   1332 C  C   . LYS A 1 168 ? -16.076 6.048   0.335   1.00 35.98  ? 207 LYS A C   1 
ATOM   1333 O  O   . LYS A 1 168 ? -15.467 6.926   1.000   1.00 34.39  ? 207 LYS A O   1 
ATOM   1334 C  CB  . LYS A 1 168 ? -14.984 4.503   -1.347  1.00 30.35  ? 207 LYS A CB  1 
ATOM   1335 C  CG  . LYS A 1 168 ? -14.268 3.193   -1.685  1.00 35.50  ? 207 LYS A CG  1 
ATOM   1336 C  CD  . LYS A 1 168 ? -12.761 3.293   -1.668  1.00 34.40  ? 207 LYS A CD  1 
ATOM   1337 C  CE  . LYS A 1 168 ? -12.087 1.951   -1.930  1.00 34.19  ? 207 LYS A CE  1 
ATOM   1338 N  NZ  . LYS A 1 168 ? -10.721 2.135   -2.461  1.00 36.99  ? 207 LYS A NZ  1 
ATOM   1339 N  N   . ILE A 1 169 ? -17.302 6.228   -0.146  1.00 33.75  ? 208 ILE A N   1 
ATOM   1340 C  CA  . ILE A 1 169 ? -17.972 7.557   -0.042  1.00 31.34  ? 208 ILE A CA  1 
ATOM   1341 C  C   . ILE A 1 169 ? -18.305 7.794   1.437   1.00 31.67  ? 208 ILE A C   1 
ATOM   1342 O  O   . ILE A 1 169 ? -18.067 8.913   1.946   1.00 34.19  ? 208 ILE A O   1 
ATOM   1343 C  CB  . ILE A 1 169 ? -19.201 7.594   -0.982  1.00 31.05  ? 208 ILE A CB  1 
ATOM   1344 C  CG1 . ILE A 1 169 ? -18.759 7.562   -2.445  1.00 28.78  ? 208 ILE A CG1 1 
ATOM   1345 C  CG2 . ILE A 1 169 ? -20.058 8.828   -0.687  1.00 31.15  ? 208 ILE A CG2 1 
ATOM   1346 C  CD1 . ILE A 1 169 ? -19.819 7.116   -3.396  1.00 35.26  ? 208 ILE A CD1 1 
ATOM   1347 N  N   . LYS A 1 170 ? -18.808 6.791   2.139   1.00 33.56  ? 209 LYS A N   1 
ATOM   1348 C  CA  . LYS A 1 170 ? -19.306 7.001   3.525   1.00 36.88  ? 209 LYS A CA  1 
ATOM   1349 C  C   . LYS A 1 170 ? -18.156 7.536   4.380   1.00 38.24  ? 209 LYS A C   1 
ATOM   1350 O  O   . LYS A 1 170 ? -18.408 8.429   5.206   1.00 38.27  ? 209 LYS A O   1 
ATOM   1351 C  CB  . LYS A 1 170 ? -19.905 5.717   4.099   1.00 38.24  ? 209 LYS A CB  1 
ATOM   1352 C  CG  . LYS A 1 170 ? -20.682 5.868   5.400   1.00 40.45  ? 209 LYS A CG  1 
ATOM   1353 C  CD  . LYS A 1 170 ? -21.347 4.555   5.853   1.00 44.68  ? 209 LYS A CD  1 
ATOM   1354 C  CE  . LYS A 1 170 ? -22.407 4.730   6.923   1.00 49.01  ? 209 LYS A CE  1 
ATOM   1355 N  NZ  . LYS A 1 170 ? -21.803 4.765   8.273   1.00 52.09  ? 209 LYS A NZ  1 
ATOM   1356 N  N   . TYR A 1 171 ? -16.944 7.020   4.186   1.00 36.45  ? 210 TYR A N   1 
ATOM   1357 C  CA  . TYR A 1 171 ? -15.796 7.274   5.092   1.00 39.34  ? 210 TYR A CA  1 
ATOM   1358 C  C   . TYR A 1 171 ? -14.811 8.285   4.516   1.00 40.64  ? 210 TYR A C   1 
ATOM   1359 O  O   . TYR A 1 171 ? -13.880 8.632   5.256   1.00 41.13  ? 210 TYR A O   1 
ATOM   1360 C  CB  . TYR A 1 171 ? -15.172 5.943   5.529   1.00 39.81  ? 210 TYR A CB  1 
ATOM   1361 C  CG  . TYR A 1 171 ? -16.095 5.275   6.515   1.00 38.33  ? 210 TYR A CG  1 
ATOM   1362 C  CD1 . TYR A 1 171 ? -16.308 5.857   7.751   1.00 44.76  ? 210 TYR A CD1 1 
ATOM   1363 C  CD2 . TYR A 1 171 ? -16.884 4.191   6.166   1.00 38.46  ? 210 TYR A CD2 1 
ATOM   1364 C  CE1 . TYR A 1 171 ? -17.203 5.311   8.657   1.00 43.99  ? 210 TYR A CE1 1 
ATOM   1365 C  CE2 . TYR A 1 171 ? -17.808 3.646   7.045   1.00 40.86  ? 210 TYR A CE2 1 
ATOM   1366 C  CZ  . TYR A 1 171 ? -17.964 4.217   8.298   1.00 47.61  ? 210 TYR A CZ  1 
ATOM   1367 O  OH  . TYR A 1 171 ? -18.851 3.737   9.217   1.00 49.44  ? 210 TYR A OH  1 
ATOM   1368 N  N   . ASN A 1 172 ? -15.003 8.779   3.298   1.00 43.54  ? 211 ASN A N   1 
ATOM   1369 C  CA  . ASN A 1 172 ? -14.113 9.837   2.754   1.00 51.14  ? 211 ASN A CA  1 
ATOM   1370 C  C   . ASN A 1 172 ? -14.672 11.202  3.184   1.00 67.40  ? 211 ASN A C   1 
ATOM   1371 O  O   . ASN A 1 172 ? -15.841 11.302  3.575   1.00 59.59  ? 211 ASN A O   1 
ATOM   1372 C  CB  . ASN A 1 172 ? -13.861 9.653   1.255   1.00 57.77  ? 211 ASN A CB  1 
ATOM   1373 C  CG  . ASN A 1 172 ? -15.003 10.081  0.349   1.00 60.92  ? 211 ASN A CG  1 
ATOM   1374 O  OD1 . ASN A 1 172 ? -14.968 9.823   -0.857  1.00 59.24  ? 211 ASN A OD1 1 
ATOM   1375 N  ND2 . ASN A 1 172 ? -16.010 10.738  0.905   1.00 53.47  ? 211 ASN A ND2 1 
HETATM 1376 CD CD  . CD  B 2 .   ? 3.415   -10.535 3.421   0.50 26.20  ? 301 CD  A CD  1 
HETATM 1377 CD CD  . CD  C 2 .   ? -0.013  -11.724 3.294   1.00 29.19  ? 302 CD  A CD  1 
HETATM 1378 CD CD  . CD  D 2 .   ? 8.649   2.854   -11.739 1.00 66.44  ? 303 CD  A CD  1 
HETATM 1379 CD CD  . CD  E 2 .   ? -1.948  -20.200 -8.325  1.00 41.80  ? 304 CD  A CD  1 
HETATM 1380 CD CD  . CD  F 2 .   ? 11.591  0.931   -10.287 1.00 67.61  ? 305 CD  A CD  1 
HETATM 1381 N  N1  . LJA G 3 .   ? 15.694  3.587   -1.886  0.68 40.31  ? 306 LJA A N1  1 
HETATM 1382 N  N3  . LJA G 3 .   ? 15.210  10.532  -0.477  0.68 37.18  ? 306 LJA A N3  1 
HETATM 1383 C  C4  . LJA G 3 .   ? 16.652  4.340   0.185   0.68 38.96  ? 306 LJA A C4  1 
HETATM 1384 C  C5  . LJA G 3 .   ? 16.996  5.340   1.068   0.68 37.67  ? 306 LJA A C5  1 
HETATM 1385 C  C6  . LJA G 3 .   ? 16.731  6.663   0.772   0.68 39.97  ? 306 LJA A C6  1 
HETATM 1386 C  C7  . LJA G 3 .   ? 16.110  6.996   -0.432  0.68 39.20  ? 306 LJA A C7  1 
HETATM 1387 C  C8  . LJA G 3 .   ? 15.756  5.991   -1.327  0.68 39.85  ? 306 LJA A C8  1 
HETATM 1388 C  C1  . LJA G 3 .   ? 15.409  2.400   -3.974  0.68 39.49  ? 306 LJA A C1  1 
HETATM 1389 C  C2  . LJA G 3 .   ? 15.212  3.639   -3.149  0.68 38.54  ? 306 LJA A C2  1 
HETATM 1390 C  C3  . LJA G 3 .   ? 16.028  4.659   -1.020  0.68 37.97  ? 306 LJA A C3  1 
HETATM 1391 C  C9  . LJA G 3 .   ? 15.438  9.322   0.092   0.68 37.39  ? 306 LJA A C9  1 
HETATM 1392 N  N2  . LJA G 3 .   ? 15.845  8.338   -0.756  0.68 38.60  ? 306 LJA A N2  1 
HETATM 1393 O  O1  . LJA G 3 .   ? 14.632  4.616   -3.597  0.68 42.27  ? 306 LJA A O1  1 
HETATM 1394 O  O2  . LJA G 3 .   ? 15.256  9.130   1.303   0.68 35.44  ? 306 LJA A O2  1 
HETATM 1395 O  O   . HOH H 4 .   ? 17.045  1.601   14.486  1.00 43.50  ? 401 HOH A O   1 
HETATM 1396 O  O   . HOH H 4 .   ? -3.122  -3.421  -15.720 1.00 56.14  ? 402 HOH A O   1 
HETATM 1397 O  O   . HOH H 4 .   ? 5.566   6.499   17.510  1.00 51.10  ? 403 HOH A O   1 
HETATM 1398 O  O   . HOH H 4 .   ? -21.082 -0.829  1.675   1.00 40.73  ? 404 HOH A O   1 
HETATM 1399 O  O   . HOH H 4 .   ? 4.794   12.115  -3.156  1.00 36.22  ? 405 HOH A O   1 
HETATM 1400 O  O   . HOH H 4 .   ? -3.174  -11.165 -8.447  1.00 34.76  ? 406 HOH A O   1 
HETATM 1401 O  O   . HOH H 4 .   ? -4.368  -14.096 -2.902  1.00 33.13  ? 407 HOH A O   1 
HETATM 1402 O  O   . HOH H 4 .   ? -4.246  3.398   7.915   1.00 34.62  ? 408 HOH A O   1 
HETATM 1403 O  O   . HOH H 4 .   ? -6.696  6.410   -17.248 1.00 55.34  ? 409 HOH A O   1 
HETATM 1404 O  O   . HOH H 4 .   ? 5.448   -0.341  -10.255 1.00 43.26  ? 410 HOH A O   1 
HETATM 1405 O  O   . HOH H 4 .   ? -6.090  5.372   7.249   1.00 44.33  ? 411 HOH A O   1 
HETATM 1406 O  O   . HOH H 4 .   ? -2.481  7.765   -1.722  1.00 30.41  ? 412 HOH A O   1 
HETATM 1407 O  O   . HOH H 4 .   ? 14.627  -6.784  7.104   1.00 45.85  ? 413 HOH A O   1 
HETATM 1408 O  O   . HOH H 4 .   ? -5.859  4.285   -5.903  1.00 35.82  ? 414 HOH A O   1 
HETATM 1409 O  O   . HOH H 4 .   ? -15.183 -5.995  -3.938  1.00 32.93  ? 415 HOH A O   1 
HETATM 1410 O  O   . HOH H 4 .   ? 2.505   -8.450  8.744   1.00 50.31  ? 416 HOH A O   1 
HETATM 1411 O  O   . HOH H 4 .   ? 8.550   -8.297  9.237   1.00 45.43  ? 417 HOH A O   1 
HETATM 1412 O  O   . HOH H 4 .   ? 15.995  8.782   -3.479  0.68 47.38  ? 418 HOH A O   1 
HETATM 1413 O  O   . HOH H 4 .   ? 4.913   14.891  8.320   1.00 46.04  ? 419 HOH A O   1 
HETATM 1414 O  O   . HOH H 4 .   ? 9.499   -3.843  -4.591  1.00 43.66  ? 420 HOH A O   1 
HETATM 1415 O  O   . HOH H 4 .   ? 2.923   11.291  7.439   1.00 36.79  ? 421 HOH A O   1 
HETATM 1416 O  O   . HOH H 4 .   ? -9.311  -6.919  0.441   1.00 36.57  ? 422 HOH A O   1 
HETATM 1417 O  O   . HOH H 4 .   ? 2.578   10.042  0.625   1.00 30.43  ? 423 HOH A O   1 
HETATM 1418 O  O   . HOH H 4 .   ? 5.507   11.305  8.273   1.00 39.47  ? 424 HOH A O   1 
HETATM 1419 O  O   . HOH H 4 .   ? -8.261  -3.871  2.602   1.00 29.31  ? 425 HOH A O   1 
HETATM 1420 O  O   . HOH H 4 .   ? 12.374  -6.863  8.418   1.00 42.54  ? 426 HOH A O   1 
HETATM 1421 O  O   . HOH H 4 .   ? 4.707   6.610   14.126  1.00 40.29  ? 427 HOH A O   1 
HETATM 1422 O  O   . HOH H 4 .   ? -15.637 3.347   -10.103 1.00 40.23  ? 428 HOH A O   1 
HETATM 1423 O  O   . HOH H 4 .   ? -1.779  5.158   1.008   1.00 29.75  ? 429 HOH A O   1 
HETATM 1424 O  O   . HOH H 4 .   ? 4.022   15.015  4.658   1.00 42.22  ? 430 HOH A O   1 
HETATM 1425 O  O   . HOH H 4 .   ? -5.818  0.867   14.288  1.00 57.97  ? 431 HOH A O   1 
HETATM 1426 O  O   . HOH H 4 .   ? -20.482 9.395   6.935   1.00 36.88  ? 432 HOH A O   1 
HETATM 1427 O  O   . HOH H 4 .   ? -21.961 -4.255  -7.262  1.00 44.91  ? 433 HOH A O   1 
HETATM 1428 O  O   . HOH H 4 .   ? 5.387   11.121  11.248  1.00 37.13  ? 434 HOH A O   1 
HETATM 1429 O  O   . HOH H 4 .   ? -16.219 -11.411 -3.848  1.00 41.66  ? 435 HOH A O   1 
HETATM 1430 O  O   . HOH H 4 .   ? 3.079   8.288   -6.519  1.00 39.03  ? 436 HOH A O   1 
HETATM 1431 O  O   . HOH H 4 .   ? 16.798  1.230   -0.476  1.00 31.09  ? 437 HOH A O   1 
HETATM 1432 O  O   . HOH H 4 .   ? -10.836 -3.073  -14.008 1.00 44.47  ? 438 HOH A O   1 
HETATM 1433 O  O   . HOH H 4 .   ? 12.500  15.357  2.417   1.00 41.39  ? 439 HOH A O   1 
HETATM 1434 O  O   . HOH H 4 .   ? -5.847  11.180  -7.083  1.00 41.77  ? 440 HOH A O   1 
HETATM 1435 O  O   . HOH H 4 .   ? -13.467 4.738   -12.428 1.00 51.49  ? 441 HOH A O   1 
HETATM 1436 O  O   . HOH H 4 .   ? 6.327   -4.875  14.257  1.00 49.56  ? 442 HOH A O   1 
HETATM 1437 O  O   . HOH H 4 .   ? 11.665  1.448   -7.751  1.00 36.51  ? 443 HOH A O   1 
HETATM 1438 O  O   . HOH H 4 .   ? 2.569   12.172  2.647   1.00 38.75  ? 444 HOH A O   1 
HETATM 1439 O  O   . HOH H 4 .   ? 15.645  -0.650  9.996   1.00 46.48  ? 445 HOH A O   1 
HETATM 1440 O  O   . HOH H 4 .   ? -4.828  15.735  -7.330  1.00 37.99  ? 446 HOH A O   1 
HETATM 1441 O  O   . HOH H 4 .   ? 7.334   -9.584  2.136   1.00 27.78  ? 447 HOH A O   1 
HETATM 1442 O  O   . HOH H 4 .   ? -8.667  0.745   14.699  1.00 45.33  ? 448 HOH A O   1 
HETATM 1443 O  O   . HOH H 4 .   ? -5.223  -16.080 -13.807 1.00 46.84  ? 449 HOH A O   1 
HETATM 1444 O  O   . HOH H 4 .   ? -0.802  17.032  -3.993  1.00 46.79  ? 450 HOH A O   1 
HETATM 1445 O  O   . HOH H 4 .   ? -7.855  7.242   5.279   1.00 37.43  ? 451 HOH A O   1 
HETATM 1446 O  O   . HOH H 4 .   ? 6.218   2.452   -11.748 1.00 37.98  ? 452 HOH A O   1 
HETATM 1447 O  O   . HOH H 4 .   ? 5.756   -8.576  7.929   1.00 24.73  ? 453 HOH A O   1 
HETATM 1448 O  O   . HOH H 4 .   ? 8.057   4.825   -9.643  1.00 49.51  ? 454 HOH A O   1 
HETATM 1449 O  O   . HOH H 4 .   ? 4.475   -9.869  1.561   0.50 22.17  ? 455 HOH A O   1 
HETATM 1450 O  O   . HOH H 4 .   ? 2.574   12.884  5.083   1.00 42.81  ? 456 HOH A O   1 
HETATM 1451 O  O   . HOH H 4 .   ? -0.490  -13.001 1.339   1.00 23.31  ? 457 HOH A O   1 
HETATM 1452 O  O   . HOH H 4 .   ? -2.313  -19.479 -6.239  1.00 30.58  ? 458 HOH A O   1 
HETATM 1453 O  O   . HOH H 4 .   ? -6.616  -9.184  7.851   1.00 49.98  ? 459 HOH A O   1 
HETATM 1454 O  O   . HOH H 4 .   ? 0.158   -20.170 -8.937  1.00 36.81  ? 460 HOH A O   1 
HETATM 1455 O  O   . HOH H 4 .   ? -21.574 1.687   3.290   1.00 44.17  ? 461 HOH A O   1 
HETATM 1456 O  O   . HOH H 4 .   ? -24.857 -3.442  2.265   1.00 39.52  ? 462 HOH A O   1 
HETATM 1457 O  O   . HOH H 4 .   ? 13.131  15.301  14.238  1.00 45.28  ? 463 HOH A O   1 
HETATM 1458 O  O   . HOH H 4 .   ? 19.081  6.223   -1.182  1.00 99.74  ? 464 HOH A O   1 
HETATM 1459 O  O   . HOH H 4 .   ? -22.296 8.844   2.714   1.00 36.45  ? 465 HOH A O   1 
HETATM 1460 O  O   . HOH H 4 .   ? -15.953 6.423   -4.556  1.00 58.62  ? 466 HOH A O   1 
HETATM 1461 O  O   . HOH H 4 .   ? 16.966  -0.078  12.042  1.00 39.54  ? 467 HOH A O   1 
HETATM 1462 O  O   . HOH H 4 .   ? 4.444   14.660  -2.347  1.00 36.67  ? 468 HOH A O   1 
HETATM 1463 O  O   . HOH H 4 .   ? 11.341  3.391   -11.435 1.00 49.44  ? 469 HOH A O   1 
HETATM 1464 O  O   . HOH H 4 .   ? 11.637  0.631   -12.940 1.00 53.22  ? 470 HOH A O   1 
# 
